data_7Z8V
#
_entry.id   7Z8V
#
_cell.length_a   1.00
_cell.length_b   1.00
_cell.length_c   1.00
_cell.angle_alpha   90.00
_cell.angle_beta   90.00
_cell.angle_gamma   90.00
#
_symmetry.space_group_name_H-M   'P 1'
#
loop_
_entity.id
_entity.type
_entity.pdbx_description
1 polymer Cullin-1
2 polymer 'Cullin-associated NEDD8-dissociated protein 1'
3 polymer 'E3 ubiquitin-protein ligase RBX1, N-terminally processed'
4 polymer 'S-phase kinase-associated protein 2'
5 polymer 'S-phase kinase-associated protein 1'
6 non-polymer 'ZINC ION'
#
loop_
_entity_poly.entity_id
_entity_poly.type
_entity_poly.pdbx_seq_one_letter_code
_entity_poly.pdbx_strand_id
1 'polypeptide(L)'
;MSSTRSQNPHGLKQIGLDQIWDDLRAGIQQVYTRQSMAKSRYMELYTHVYNYCTSVHQSNQARGAGVPPSKSKKGQTPGG
AQFVGLELYKRLKEFLKNYLTNLLKDGEDLMDESVLKFYTQQWEDYRFSSKVLNGICAYLNRHWVRRECDEGRKGIYEIY
SLALVTWRDCLFRPLNKQVTNAVLKLIEKERNGETINTRLISGVVQSYVELGLNEDDAFAKGPTLTVYKESFESQFLADT
ERFYTRESTEFLQQNPVTEYMKKAEARLLEEQRRVQVYLHESTQDELARKCEQVLIEKHLEIFHTEFQNLLDADKNEDLG
RMYNLVSRIQDGLGELKKLLETHIHNQGLAAIEKCGEAALNDPKMYVQTVLDVHKKYNALVMSAFNNDAGFVAALDKACG
RFINNNAVTKMAQSSSKSPELLARYCDSLLKKSSKNPEEAELEDTLNQVMVVFKYIEDKDVFQKFYAKMLAKRLVHQNSA
SDDAEASMISKLKQACGFEYTSKLQRMFQDIGVSKDLNEQFKKHLTNSEPLDLDFSIQVLSSGSWPFQQSCTFALPSELE
RSYQRFTAFYASRHSGRKLTWLYQLSKGELVTNCFKNRYTLQASTFQMAILLQYNTEDAYTVQQLTDSTQIKMDILAQVL
QILLKSKLLVLEDENANVDEVELKPDTLIKLYLGYKNKKLRVNINVPMKTEQKQEQETTHKNIEEDRKLLIQAAIVRIMK
MRKVLKHQQLLGEVLTQLSSRFKPRVPVIKKCIDILIEKEYLERVDGEKDTYSYLA
;
C
2 'polypeptide(L)'
;GSPEFPGRMASASYHISNLLEKMTSSDKDFRFMATNDLMTELQKDSIKLDDDSERKVVKMILKLLEDKNGEVQNLAVKCL
GPLVSKVKEYQVETIVDTLCTNMLSDKEQLRDISSIGLKTVIGELPPASSGSALAANVCKKITGRLTSAIAKQEDVSVQL
EALDIMADMLSRQGGLLVNFHPSILTCLLPQLTSPRLAVRKRTIIALGHLVMSCGNIVFVDLIEHLLSELSKNDSMSTTR
TYIQCIAAISRQAGHRIGEYLEKIIPLVVKFCNVDDDELREYCIQAFESFVRRCPKEVYPHVSTIINICLKYLTYDPNYN
YDDEDEDENAMDADGGDDDDQGSDDEYSDDDDMSWKVRRAAAKCLDAVVSTRHEMLPEFYKTVSPALISRFKEREENVKA
DVFHAYLSLLKQTRPVQSWLCDPDAMEQGETPLTMLQSQVPNIVKALHKQMKEKSVKTRQCCFNMLTELVNVLPGALTQH
IPVLVPGIIFSLNDKSSSSNLKIDALSCLYVILCNHSPQVFHPHVQALVPPVVACVGDPFYKITSEALLVTQQLVKVIRP
LDQPSSFDATPYIKDLFTCTIKRLKAADIDQEVKERAISCMGQIICNLGDNLGSDLPNTLQIFLERLKNEITRLTTVKAL
TLIAGSPLKIDLRPVLGEGVPILASFLRKNQRALKLGTLSALDILIKNYSDSLTAAMIDAVLDELPPLISESDMHVSQMA
ISFLTTLAKVYPSSLSKISGSILNELIGLVRSPLLQGGALSAMLDFFQALVVTGTNNLGYMDLLRMLTGPVYSQSTALTH
KQSYYSIAKCVAALTRACPKEGPAVVGQFIQDVKNSRSTDSIRLLALLSLGEVGHHIDLSGQLELKSVILEAFSSPSEEV
KSAASYALGSISVGNLPEYLPFVLQEITSQPKRQYLLLHSLKEIISSASVVGLKPYVENIWALLLKHCECAEEGTRNVVV
ECLGKLTLIDPETLLPRLKGYLISGSSYARSSVVTAVKFTISDHPQPIDPLLKNCIGDFLKTLEDPDLNVRRVALVTFNS
AAHNKPSLIRDLLDTVLPHLYNETKVRKELIREVEMGPFKHTVDDGLDIRKAAFECMYTLLDSCLDRLDIFEFLNHVEDG
LKDHYDIKMLTFLMLVRLSTLCPSAVLQRLDRLVEPLRATCTTKVKANSVKQEFEKQDELKRSAMRAVAALLTIPEAEKS
PLMSEFQSQISSNPELAAIFESIQKDSSSTNLESMDTS
;
D
3 'polypeptide(L)'
;GSMDVDTPSGTNSGAGKKRFEVKKWNAVALWAWDIVVDNCAICRNHIMDLCIECQANQASATSEECTVAWGVCNHAFHFH
CISRWLKTRQVCPLDNREWEFQKYGH
;
R
4 'polypeptide(L)'
;GSMHRKHLQEIPDLSSNVATSFTWGWDSSKTSELLSGMGVSALEKEEPDSENIPQELLSNLGHPESPPRKRLKSKGSDKD
FVIVRRPKLNRENFPGVSWDSLPDELLLGIFSCLCLPELLKVSGVCKRWYRLASDESLWQTLDLTGKNLHPDVTGRLLSQ
GVIAFRCPRSFMDQPLAEHFSPFRVQHMDLSNSVIEVSTLHGILSQCSKLQNLSLEGLRLSDPIVNTLAKNSNLVRLNLS
GCSGFSEFALQTLLSSCSRLDELNLSWCFDFTEKHVQVAVAHVSETITQLNLSGYRKNLQKSDLSTLVRRCPNLVHLDLS
DSVMLKNDCFQEFFQLNYLQHLSLSRCYDIIPETLLELGEIPTLKTLQVFGIVPDGTLQLLKEALPHLQINCSHFTTIAR
PTIGNKKNQEIWGIKCRLTLQKPSCL
;
F
5 'polypeptide(L)'
;MPSIKLQSSDGEIFEVDVEIAKQSVTIKTMLEDLGMDPVPLPNVNAAILKKVIQWCTHHKDDPGGSGTDDIPVWDQEFLK
VDQGTLFELILAANYLDIKGLLDVTCKTVANMIKGKTPEEIRKTFNIKNDFTEEEEAQVRKENQWCEEK
;
S
#
loop_
_chem_comp.id
_chem_comp.type
_chem_comp.name
_chem_comp.formula
ZN non-polymer 'ZINC ION' 'Zn 2'
#
# COMPACT_ATOMS: atom_id res chain seq x y z
N LEU A 12 75.06 0.79 1.93
CA LEU A 12 74.00 1.09 0.98
C LEU A 12 74.53 1.90 -0.20
N LYS A 13 74.55 1.30 -1.38
CA LYS A 13 75.02 1.98 -2.58
C LYS A 13 74.08 3.12 -2.96
N GLN A 14 74.66 4.19 -3.49
CA GLN A 14 73.91 5.36 -3.90
C GLN A 14 73.52 5.24 -5.36
N ILE A 15 72.24 5.31 -5.66
CA ILE A 15 71.71 5.16 -7.00
C ILE A 15 70.89 6.40 -7.36
N GLY A 16 71.23 7.02 -8.49
CA GLY A 16 70.48 8.16 -8.98
C GLY A 16 69.34 7.74 -9.90
N LEU A 17 68.41 8.67 -10.11
CA LEU A 17 67.23 8.35 -10.92
C LEU A 17 67.57 8.37 -12.41
N ASP A 18 68.49 9.23 -12.83
CA ASP A 18 68.79 9.38 -14.24
C ASP A 18 69.44 8.14 -14.85
N GLN A 19 70.02 7.28 -14.01
CA GLN A 19 70.64 6.04 -14.49
C GLN A 19 69.70 4.84 -14.42
N ILE A 20 68.49 5.02 -13.89
CA ILE A 20 67.50 3.95 -13.83
C ILE A 20 66.17 4.34 -14.46
N TRP A 21 66.04 5.57 -14.98
CA TRP A 21 64.77 5.99 -15.53
C TRP A 21 64.45 5.31 -16.86
N ASP A 22 65.47 4.95 -17.63
CA ASP A 22 65.22 4.32 -18.93
C ASP A 22 64.59 2.94 -18.75
N ASP A 23 65.15 2.11 -17.87
CA ASP A 23 64.59 0.79 -17.62
C ASP A 23 63.20 0.89 -17.01
N LEU A 24 63.01 1.85 -16.09
CA LEU A 24 61.69 2.03 -15.48
C LEU A 24 60.66 2.43 -16.52
N ARG A 25 61.02 3.34 -17.43
CA ARG A 25 60.10 3.76 -18.48
C ARG A 25 59.78 2.60 -19.42
N ALA A 26 60.79 1.81 -19.77
CA ALA A 26 60.56 0.65 -20.63
C ALA A 26 59.63 -0.35 -19.96
N GLY A 27 59.81 -0.58 -18.66
CA GLY A 27 58.92 -1.48 -17.95
C GLY A 27 57.50 -0.95 -17.84
N ILE A 28 57.36 0.36 -17.61
CA ILE A 28 56.03 0.95 -17.47
C ILE A 28 55.29 0.92 -18.81
N GLN A 29 56.03 1.09 -19.91
CA GLN A 29 55.41 0.96 -21.24
C GLN A 29 54.84 -0.44 -21.43
N GLN A 30 55.51 -1.45 -20.88
CA GLN A 30 54.98 -2.81 -20.95
C GLN A 30 53.68 -2.95 -20.16
N VAL A 31 53.60 -2.29 -19.01
CA VAL A 31 52.41 -2.40 -18.16
C VAL A 31 51.19 -1.86 -18.88
N TYR A 32 51.34 -0.74 -19.57
CA TYR A 32 50.23 -0.14 -20.31
C TYR A 32 50.07 -0.76 -21.70
N THR A 33 50.60 -1.95 -21.90
CA THR A 33 50.34 -2.77 -23.08
C THR A 33 49.82 -4.13 -22.61
N ARG A 34 48.95 -4.72 -23.41
CA ARG A 34 48.31 -5.99 -23.03
C ARG A 34 49.28 -7.15 -22.94
N GLN A 35 50.57 -6.94 -23.17
CA GLN A 35 51.54 -8.02 -23.08
C GLN A 35 51.70 -8.48 -21.63
N SER A 36 51.96 -9.77 -21.46
CA SER A 36 52.16 -10.33 -20.13
C SER A 36 53.53 -9.94 -19.59
N MET A 37 53.64 -9.96 -18.26
CA MET A 37 54.88 -9.62 -17.57
C MET A 37 55.17 -10.66 -16.51
N ALA A 38 56.41 -11.12 -16.46
CA ALA A 38 56.82 -12.12 -15.48
C ALA A 38 57.00 -11.48 -14.10
N LYS A 39 57.04 -12.34 -13.08
CA LYS A 39 57.22 -11.85 -11.72
C LYS A 39 58.60 -11.25 -11.52
N SER A 40 59.60 -11.80 -12.21
CA SER A 40 60.97 -11.30 -12.07
C SER A 40 61.07 -9.85 -12.51
N ARG A 41 60.45 -9.49 -13.63
CA ARG A 41 60.47 -8.11 -14.09
C ARG A 41 59.73 -7.19 -13.12
N TYR A 42 58.61 -7.67 -12.57
CA TYR A 42 57.86 -6.87 -11.60
C TYR A 42 58.71 -6.57 -10.37
N MET A 43 59.38 -7.58 -9.84
CA MET A 43 60.25 -7.36 -8.69
C MET A 43 61.47 -6.51 -9.06
N GLU A 44 61.96 -6.62 -10.30
CA GLU A 44 63.07 -5.77 -10.71
C GLU A 44 62.68 -4.30 -10.71
N LEU A 45 61.50 -3.99 -11.25
CA LEU A 45 61.03 -2.60 -11.24
C LEU A 45 60.77 -2.12 -9.82
N TYR A 46 60.19 -2.99 -8.98
CA TYR A 46 59.97 -2.63 -7.58
C TYR A 46 61.29 -2.31 -6.89
N THR A 47 62.33 -3.12 -7.15
CA THR A 47 63.63 -2.88 -6.54
C THR A 47 64.26 -1.60 -7.07
N HIS A 48 64.05 -1.28 -8.35
CA HIS A 48 64.54 0.00 -8.87
C HIS A 48 63.93 1.17 -8.11
N VAL A 49 62.61 1.15 -7.94
CA VAL A 49 61.94 2.23 -7.21
C VAL A 49 62.43 2.29 -5.77
N TYR A 50 62.56 1.15 -5.12
CA TYR A 50 63.03 1.11 -3.74
C TYR A 50 64.45 1.64 -3.62
N ASN A 51 65.33 1.27 -4.55
CA ASN A 51 66.71 1.73 -4.53
C ASN A 51 66.79 3.24 -4.68
N TYR A 52 65.99 3.80 -5.59
CA TYR A 52 65.98 5.26 -5.70
C TYR A 52 65.45 5.91 -4.43
N CYS A 53 64.39 5.36 -3.85
CA CYS A 53 63.72 6.05 -2.74
C CYS A 53 64.48 5.95 -1.43
N THR A 54 65.48 5.07 -1.34
CA THR A 54 66.30 4.92 -0.13
C THR A 54 67.76 5.26 -0.40
N SER A 55 68.00 6.28 -1.22
CA SER A 55 69.35 6.73 -1.55
C SER A 55 69.46 8.23 -1.29
N VAL A 56 70.49 8.62 -0.55
CA VAL A 56 70.70 10.03 -0.23
C VAL A 56 72.06 10.49 -0.76
N GLY A 80 63.53 19.58 9.40
CA GLY A 80 62.93 18.27 9.53
C GLY A 80 63.60 17.21 8.68
N ALA A 81 62.86 16.17 8.33
CA ALA A 81 63.38 15.09 7.51
C ALA A 81 62.98 15.30 6.06
N GLN A 82 63.95 15.19 5.15
CA GLN A 82 63.71 15.33 3.72
C GLN A 82 63.66 13.94 3.10
N PHE A 83 62.49 13.57 2.59
CA PHE A 83 62.27 12.26 1.98
C PHE A 83 62.50 12.33 0.49
N VAL A 84 63.15 11.31 -0.05
CA VAL A 84 63.48 11.25 -1.47
C VAL A 84 62.20 11.08 -2.27
N GLY A 85 62.12 11.74 -3.42
CA GLY A 85 60.92 11.78 -4.23
C GLY A 85 60.78 13.12 -4.92
N LEU A 86 59.56 13.38 -5.39
CA LEU A 86 59.10 14.58 -6.08
C LEU A 86 59.67 14.66 -7.50
N GLU A 87 60.61 13.78 -7.88
CA GLU A 87 61.08 13.68 -9.25
C GLU A 87 60.45 12.49 -9.97
N LEU A 88 60.43 11.33 -9.32
CA LEU A 88 59.70 10.18 -9.87
C LEU A 88 58.22 10.50 -10.00
N TYR A 89 57.66 11.21 -9.02
CA TYR A 89 56.26 11.62 -9.09
C TYR A 89 56.01 12.50 -10.31
N LYS A 90 56.88 13.49 -10.52
CA LYS A 90 56.71 14.41 -11.64
C LYS A 90 56.83 13.69 -12.96
N ARG A 91 57.81 12.80 -13.10
CA ARG A 91 57.96 12.10 -14.38
C ARG A 91 56.85 11.09 -14.63
N LEU A 92 56.34 10.43 -13.58
CA LEU A 92 55.17 9.57 -13.75
C LEU A 92 53.97 10.39 -14.21
N LYS A 93 53.76 11.56 -13.61
CA LYS A 93 52.66 12.43 -14.02
C LYS A 93 52.80 12.84 -15.47
N GLU A 94 54.01 13.24 -15.88
CA GLU A 94 54.22 13.63 -17.27
C GLU A 94 53.99 12.48 -18.22
N PHE A 95 54.48 11.28 -17.87
CA PHE A 95 54.27 10.13 -18.73
C PHE A 95 52.80 9.82 -18.92
N LEU A 96 52.03 9.86 -17.82
CA LEU A 96 50.60 9.59 -17.93
C LEU A 96 49.90 10.66 -18.76
N LYS A 97 50.28 11.93 -18.59
CA LYS A 97 49.66 12.98 -19.39
C LYS A 97 49.96 12.80 -20.88
N ASN A 98 51.21 12.49 -21.23
CA ASN A 98 51.52 12.26 -22.65
C ASN A 98 50.78 11.06 -23.20
N TYR A 99 50.69 9.98 -22.43
CA TYR A 99 49.97 8.79 -22.89
C TYR A 99 48.51 9.11 -23.15
N LEU A 100 47.87 9.83 -22.23
CA LEU A 100 46.45 10.14 -22.41
C LEU A 100 46.22 11.13 -23.54
N THR A 101 47.11 12.11 -23.70
CA THR A 101 46.97 13.05 -24.79
C THR A 101 47.12 12.36 -26.14
N ASN A 102 48.06 11.41 -26.24
CA ASN A 102 48.20 10.64 -27.47
C ASN A 102 46.96 9.79 -27.72
N LEU A 103 46.42 9.18 -26.65
CA LEU A 103 45.25 8.32 -26.81
C LEU A 103 44.01 9.09 -27.22
N LEU A 104 43.91 10.36 -26.79
CA LEU A 104 42.70 11.14 -27.07
C LEU A 104 42.49 11.34 -28.57
N LYS A 105 43.56 11.31 -29.36
CA LYS A 105 43.44 11.60 -30.78
C LYS A 105 42.59 10.57 -31.53
N ASP A 106 42.46 9.36 -31.00
CA ASP A 106 41.71 8.32 -31.71
C ASP A 106 40.20 8.53 -31.60
N GLY A 107 39.73 9.01 -30.44
CA GLY A 107 38.30 9.10 -30.20
C GLY A 107 37.70 10.48 -30.35
N GLU A 108 38.42 11.38 -31.02
CA GLU A 108 37.92 12.74 -31.16
C GLU A 108 36.80 12.83 -32.20
N ASP A 109 36.76 11.90 -33.15
CA ASP A 109 35.80 11.95 -34.25
C ASP A 109 34.66 10.96 -34.12
N LEU A 110 34.72 10.03 -33.17
CA LEU A 110 33.65 9.04 -33.01
C LEU A 110 32.38 9.72 -32.50
N MET A 111 31.22 9.24 -32.97
CA MET A 111 29.98 9.95 -32.79
C MET A 111 28.96 9.23 -31.92
N ASP A 112 28.54 8.01 -32.28
CA ASP A 112 27.30 7.45 -31.76
C ASP A 112 27.53 6.24 -30.85
N GLU A 113 28.16 5.19 -31.36
CA GLU A 113 28.45 4.00 -30.57
C GLU A 113 29.90 3.60 -30.61
N SER A 114 30.63 3.99 -31.66
CA SER A 114 32.07 3.81 -31.67
C SER A 114 32.70 4.55 -30.50
N VAL A 115 32.15 5.71 -30.13
CA VAL A 115 32.68 6.46 -29.00
C VAL A 115 32.51 5.68 -27.69
N LEU A 116 31.34 5.06 -27.50
CA LEU A 116 31.13 4.26 -26.29
C LEU A 116 32.04 3.04 -26.27
N LYS A 117 32.16 2.34 -27.41
CA LYS A 117 33.03 1.17 -27.46
C LYS A 117 34.48 1.56 -27.16
N PHE A 118 34.95 2.65 -27.76
CA PHE A 118 36.30 3.13 -27.52
C PHE A 118 36.51 3.48 -26.05
N TYR A 119 35.56 4.23 -25.48
CA TYR A 119 35.69 4.67 -24.09
C TYR A 119 35.75 3.48 -23.14
N THR A 120 34.81 2.54 -23.29
CA THR A 120 34.77 1.40 -22.39
C THR A 120 36.02 0.52 -22.55
N GLN A 121 36.42 0.24 -23.78
CA GLN A 121 37.57 -0.63 -24.00
C GLN A 121 38.85 0.00 -23.48
N GLN A 122 39.01 1.32 -23.63
CA GLN A 122 40.22 1.96 -23.12
C GLN A 122 40.18 2.07 -21.59
N TRP A 123 39.00 2.32 -21.02
CA TRP A 123 38.90 2.45 -19.58
C TRP A 123 39.20 1.13 -18.87
N GLU A 124 38.70 0.01 -19.41
CA GLU A 124 38.92 -1.27 -18.75
C GLU A 124 40.40 -1.64 -18.73
N ASP A 125 41.18 -1.17 -19.70
CA ASP A 125 42.61 -1.44 -19.74
C ASP A 125 43.40 -0.45 -18.88
N TYR A 126 43.00 0.83 -18.90
CA TYR A 126 43.68 1.82 -18.07
C TYR A 126 43.50 1.49 -16.59
N ARG A 127 42.34 0.98 -16.20
CA ARG A 127 42.10 0.54 -14.83
C ARG A 127 43.14 -0.49 -14.39
N PHE A 128 43.30 -1.56 -15.18
CA PHE A 128 44.22 -2.63 -14.82
C PHE A 128 45.67 -2.16 -14.81
N SER A 129 46.05 -1.37 -15.83
CA SER A 129 47.43 -0.89 -15.90
C SER A 129 47.74 0.03 -14.72
N SER A 130 46.80 0.90 -14.34
CA SER A 130 47.03 1.76 -13.20
C SER A 130 47.11 0.97 -11.90
N LYS A 131 46.32 -0.09 -11.77
CA LYS A 131 46.43 -0.95 -10.59
C LYS A 131 47.82 -1.58 -10.51
N VAL A 132 48.32 -2.09 -11.63
CA VAL A 132 49.66 -2.68 -11.63
C VAL A 132 50.73 -1.65 -11.29
N LEU A 133 50.61 -0.45 -11.88
CA LEU A 133 51.59 0.60 -11.62
C LEU A 133 51.57 1.02 -10.15
N ASN A 134 50.39 1.10 -9.55
CA ASN A 134 50.30 1.39 -8.12
C ASN A 134 50.96 0.29 -7.31
N GLY A 135 50.79 -0.97 -7.74
CA GLY A 135 51.48 -2.06 -7.07
C GLY A 135 52.99 -1.96 -7.16
N ILE A 136 53.51 -1.45 -8.28
CA ILE A 136 54.96 -1.34 -8.46
C ILE A 136 55.55 -0.31 -7.50
N CYS A 137 54.83 0.79 -7.27
CA CYS A 137 55.35 1.95 -6.54
C CYS A 137 54.87 1.99 -5.09
N ALA A 138 54.83 0.82 -4.43
CA ALA A 138 54.26 0.75 -3.09
C ALA A 138 55.08 1.55 -2.07
N TYR A 139 56.41 1.54 -2.20
CA TYR A 139 57.25 2.23 -1.23
C TYR A 139 57.01 3.74 -1.25
N LEU A 140 56.89 4.30 -2.45
CA LEU A 140 56.61 5.73 -2.58
C LEU A 140 55.31 6.09 -1.89
N ASN A 141 54.26 5.31 -2.13
CA ASN A 141 52.98 5.54 -1.47
C ASN A 141 53.10 5.37 0.04
N ARG A 142 53.95 4.44 0.49
CA ARG A 142 54.04 4.15 1.90
C ARG A 142 54.73 5.28 2.65
N HIS A 143 55.69 5.96 2.02
CA HIS A 143 56.46 6.98 2.74
C HIS A 143 56.23 8.39 2.24
N TRP A 144 56.48 8.67 0.97
CA TRP A 144 56.60 10.07 0.53
C TRP A 144 55.25 10.77 0.51
N VAL A 145 54.24 10.14 -0.11
CA VAL A 145 52.94 10.81 -0.17
C VAL A 145 52.30 10.85 1.20
N ARG A 146 52.60 9.87 2.06
CA ARG A 146 52.09 9.92 3.43
C ARG A 146 52.70 11.10 4.18
N ARG A 147 53.98 11.37 3.97
CA ARG A 147 54.60 12.55 4.56
C ARG A 147 53.98 13.83 4.01
N GLU A 148 53.76 13.88 2.69
CA GLU A 148 53.21 15.09 2.08
C GLU A 148 51.80 15.37 2.56
N CYS A 149 50.96 14.34 2.67
CA CYS A 149 49.57 14.55 3.04
C CYS A 149 49.43 14.99 4.49
N ASP A 150 50.24 14.43 5.38
CA ASP A 150 50.16 14.81 6.79
C ASP A 150 50.57 16.26 7.01
N GLU A 151 51.50 16.77 6.20
CA GLU A 151 51.90 18.17 6.32
C GLU A 151 50.74 19.11 5.99
N GLY A 152 49.96 18.77 4.96
CA GLY A 152 48.80 19.57 4.61
C GLY A 152 48.64 19.85 3.13
N ARG A 153 49.58 19.39 2.32
CA ARG A 153 49.51 19.60 0.88
C ARG A 153 48.36 18.81 0.27
N LYS A 154 47.67 19.42 -0.68
CA LYS A 154 46.42 18.89 -1.19
C LYS A 154 46.50 18.34 -2.62
N GLY A 155 47.58 18.61 -3.34
CA GLY A 155 47.68 18.19 -4.72
C GLY A 155 48.46 16.91 -4.92
N ILE A 156 48.65 16.13 -3.87
CA ILE A 156 49.45 14.92 -3.91
C ILE A 156 48.54 13.73 -3.59
N TYR A 157 48.53 12.74 -4.48
CA TYR A 157 47.75 11.53 -4.31
C TYR A 157 48.65 10.32 -4.44
N GLU A 158 48.08 9.14 -4.18
CA GLU A 158 48.76 7.90 -4.48
C GLU A 158 48.76 7.67 -6.00
N ILE A 159 49.47 6.63 -6.43
CA ILE A 159 49.67 6.40 -7.86
C ILE A 159 48.34 6.08 -8.54
N TYR A 160 47.52 5.23 -7.93
CA TYR A 160 46.23 4.90 -8.52
C TYR A 160 45.34 6.12 -8.61
N SER A 161 45.27 6.90 -7.52
CA SER A 161 44.49 8.13 -7.54
C SER A 161 45.07 9.16 -8.50
N LEU A 162 46.40 9.21 -8.61
CA LEU A 162 47.02 10.10 -9.57
C LEU A 162 46.61 9.75 -11.00
N ALA A 163 46.60 8.45 -11.32
CA ALA A 163 46.15 8.02 -12.64
C ALA A 163 44.68 8.37 -12.87
N LEU A 164 43.85 8.19 -11.83
CA LEU A 164 42.44 8.54 -11.96
C LEU A 164 42.25 10.03 -12.24
N VAL A 165 42.97 10.87 -11.50
CA VAL A 165 42.87 12.32 -11.72
C VAL A 165 43.38 12.70 -13.09
N THR A 166 44.47 12.08 -13.54
CA THR A 166 45.00 12.36 -14.86
C THR A 166 43.99 11.99 -15.95
N TRP A 167 43.32 10.85 -15.79
CA TRP A 167 42.26 10.48 -16.73
C TRP A 167 41.15 11.53 -16.72
N ARG A 168 40.66 11.88 -15.52
CA ARG A 168 39.57 12.82 -15.40
C ARG A 168 39.90 14.17 -16.03
N ASP A 169 41.16 14.59 -15.95
CA ASP A 169 41.55 15.90 -16.47
C ASP A 169 41.96 15.86 -17.94
N CYS A 170 42.39 14.72 -18.47
CA CYS A 170 42.90 14.66 -19.83
C CYS A 170 41.92 14.08 -20.84
N LEU A 171 41.23 13.00 -20.50
CA LEU A 171 40.38 12.33 -21.49
C LEU A 171 38.90 12.40 -21.15
N PHE A 172 38.54 12.50 -19.88
CA PHE A 172 37.12 12.54 -19.51
C PHE A 172 36.50 13.88 -19.89
N ARG A 173 37.18 14.99 -19.62
CA ARG A 173 36.61 16.31 -19.85
C ARG A 173 36.29 16.57 -21.32
N PRO A 174 37.18 16.32 -22.29
CA PRO A 174 36.85 16.62 -23.69
C PRO A 174 35.92 15.62 -24.37
N LEU A 175 35.51 14.55 -23.71
CA LEU A 175 34.62 13.56 -24.32
C LEU A 175 33.34 13.30 -23.53
N ASN A 176 33.18 13.89 -22.35
CA ASN A 176 32.03 13.55 -21.51
C ASN A 176 30.72 13.98 -22.15
N LYS A 177 30.73 15.13 -22.85
CA LYS A 177 29.50 15.59 -23.50
C LYS A 177 29.03 14.59 -24.55
N GLN A 178 29.95 14.17 -25.43
CA GLN A 178 29.59 13.20 -26.47
C GLN A 178 29.15 11.88 -25.85
N VAL A 179 29.88 11.41 -24.84
CA VAL A 179 29.55 10.12 -24.24
C VAL A 179 28.16 10.17 -23.60
N THR A 180 27.88 11.24 -22.85
CA THR A 180 26.58 11.36 -22.19
C THR A 180 25.45 11.48 -23.21
N ASN A 181 25.65 12.27 -24.27
CA ASN A 181 24.61 12.41 -25.28
C ASN A 181 24.33 11.07 -25.96
N ALA A 182 25.39 10.31 -26.26
CA ALA A 182 25.18 9.03 -26.93
C ALA A 182 24.51 8.02 -26.00
N VAL A 183 24.87 8.02 -24.72
CA VAL A 183 24.20 7.13 -23.76
C VAL A 183 22.72 7.50 -23.67
N LEU A 184 22.41 8.79 -23.62
CA LEU A 184 21.02 9.22 -23.53
C LEU A 184 20.22 8.82 -24.76
N LYS A 185 20.81 8.97 -25.95
CA LYS A 185 20.08 8.56 -27.15
C LYS A 185 19.93 7.05 -27.24
N LEU A 186 20.90 6.29 -26.72
CA LEU A 186 20.74 4.84 -26.66
C LEU A 186 19.59 4.45 -25.74
N ILE A 187 19.48 5.12 -24.59
CA ILE A 187 18.37 4.85 -23.68
C ILE A 187 17.04 5.21 -24.33
N GLU A 188 17.01 6.33 -25.07
CA GLU A 188 15.79 6.73 -25.77
C GLU A 188 15.40 5.69 -26.83
N LYS A 189 16.40 5.15 -27.54
CA LYS A 189 16.12 4.09 -28.50
C LYS A 189 15.55 2.86 -27.81
N GLU A 190 16.11 2.50 -26.65
CA GLU A 190 15.58 1.35 -25.92
C GLU A 190 14.14 1.58 -25.46
N ARG A 191 13.81 2.81 -25.04
CA ARG A 191 12.45 3.10 -24.60
C ARG A 191 11.43 3.01 -25.72
N ASN A 192 11.85 3.10 -26.97
CA ASN A 192 10.93 3.00 -28.11
C ASN A 192 10.79 1.59 -28.65
N GLY A 193 11.46 0.61 -28.05
CA GLY A 193 11.26 -0.78 -28.43
C GLY A 193 12.36 -1.38 -29.26
N GLU A 194 13.61 -1.03 -28.96
CA GLU A 194 14.76 -1.56 -29.66
C GLU A 194 15.69 -2.27 -28.68
N THR A 195 16.32 -3.34 -29.14
CA THR A 195 17.29 -4.08 -28.35
C THR A 195 18.65 -3.42 -28.48
N ILE A 196 19.26 -3.07 -27.35
CA ILE A 196 20.52 -2.35 -27.31
C ILE A 196 21.53 -3.16 -26.52
N ASN A 197 22.79 -2.77 -26.65
CA ASN A 197 23.89 -3.39 -25.90
C ASN A 197 23.97 -2.72 -24.54
N THR A 198 23.55 -3.44 -23.49
CA THR A 198 23.53 -2.88 -22.15
C THR A 198 24.93 -2.58 -21.64
N ARG A 199 25.92 -3.36 -22.03
CA ARG A 199 27.27 -3.21 -21.49
C ARG A 199 27.96 -1.94 -21.96
N LEU A 200 27.40 -1.20 -22.91
CA LEU A 200 27.96 0.10 -23.28
C LEU A 200 27.52 1.22 -22.36
N ILE A 201 26.60 0.96 -21.44
CA ILE A 201 26.10 1.96 -20.51
C ILE A 201 26.66 1.74 -19.11
N SER A 202 26.69 0.49 -18.65
CA SER A 202 27.16 0.20 -17.31
C SER A 202 28.63 0.56 -17.15
N GLY A 203 29.44 0.33 -18.18
CA GLY A 203 30.85 0.72 -18.11
C GLY A 203 31.02 2.21 -17.93
N VAL A 204 30.26 3.00 -18.71
CA VAL A 204 30.33 4.46 -18.58
C VAL A 204 29.86 4.90 -17.19
N VAL A 205 28.80 4.26 -16.69
CA VAL A 205 28.28 4.63 -15.37
C VAL A 205 29.32 4.35 -14.29
N GLN A 206 29.97 3.18 -14.35
CA GLN A 206 30.98 2.85 -13.37
C GLN A 206 32.19 3.78 -13.48
N SER A 207 32.58 4.14 -14.70
CA SER A 207 33.67 5.09 -14.88
C SER A 207 33.34 6.44 -14.28
N TYR A 208 32.11 6.91 -14.48
CA TYR A 208 31.71 8.19 -13.89
C TYR A 208 31.69 8.12 -12.37
N VAL A 209 31.22 7.00 -11.81
CA VAL A 209 31.16 6.87 -10.36
C VAL A 209 32.56 6.84 -9.75
N GLU A 210 33.48 6.11 -10.38
CA GLU A 210 34.81 5.97 -9.78
C GLU A 210 35.62 7.26 -9.85
N LEU A 211 35.40 8.08 -10.88
CA LEU A 211 36.19 9.30 -11.05
C LEU A 211 35.88 10.36 -10.01
N GLY A 212 34.87 10.17 -9.17
CA GLY A 212 34.58 11.12 -8.12
C GLY A 212 35.45 10.93 -6.89
N LEU A 213 36.44 11.80 -6.73
CA LEU A 213 37.37 11.74 -5.61
C LEU A 213 37.05 12.87 -4.63
N ASN A 214 37.21 12.57 -3.34
CA ASN A 214 36.91 13.52 -2.28
C ASN A 214 38.19 13.93 -1.56
N GLU A 215 38.30 15.22 -1.28
CA GLU A 215 39.43 15.77 -0.54
C GLU A 215 38.93 16.27 0.81
N ASP A 216 39.85 16.33 1.78
CA ASP A 216 39.60 16.68 3.18
C ASP A 216 38.76 15.62 3.88
N ASP A 217 38.50 14.48 3.22
CA ASP A 217 37.79 13.34 3.81
C ASP A 217 38.60 12.09 3.46
N ALA A 218 39.52 11.72 4.35
CA ALA A 218 40.42 10.60 4.08
C ALA A 218 39.66 9.30 3.94
N PHE A 219 38.69 9.06 4.82
CA PHE A 219 37.93 7.82 4.82
C PHE A 219 36.46 8.11 4.52
N ALA A 220 35.90 7.39 3.54
CA ALA A 220 34.50 7.52 3.17
C ALA A 220 33.85 6.15 3.24
N LYS A 221 32.69 6.09 3.90
CA LYS A 221 31.98 4.82 4.02
C LYS A 221 31.52 4.30 2.67
N GLY A 222 31.00 5.20 1.82
CA GLY A 222 30.53 4.82 0.52
C GLY A 222 31.24 5.57 -0.59
N PRO A 223 30.77 5.40 -1.83
CA PRO A 223 31.39 6.09 -2.95
C PRO A 223 30.97 7.55 -3.03
N THR A 224 31.78 8.33 -3.73
CA THR A 224 31.49 9.74 -3.98
C THR A 224 30.83 9.88 -5.34
N LEU A 225 29.64 10.50 -5.35
CA LEU A 225 28.83 10.60 -6.56
C LEU A 225 28.79 12.03 -7.11
N THR A 226 29.89 12.78 -6.94
CA THR A 226 29.93 14.14 -7.44
C THR A 226 29.90 14.17 -8.98
N VAL A 227 30.78 13.40 -9.60
CA VAL A 227 30.87 13.40 -11.06
C VAL A 227 29.64 12.73 -11.68
N TYR A 228 29.17 11.66 -11.06
CA TYR A 228 28.03 10.92 -11.60
C TYR A 228 26.76 11.77 -11.62
N LYS A 229 26.55 12.57 -10.58
CA LYS A 229 25.32 13.36 -10.48
C LYS A 229 25.32 14.54 -11.44
N GLU A 230 26.43 15.26 -11.54
CA GLU A 230 26.46 16.50 -12.31
C GLU A 230 26.66 16.29 -13.80
N SER A 231 26.98 15.08 -14.24
CA SER A 231 27.24 14.82 -15.65
C SER A 231 26.20 13.93 -16.31
N PHE A 232 25.58 13.02 -15.57
CA PHE A 232 24.64 12.06 -16.16
C PHE A 232 23.24 12.13 -15.55
N GLU A 233 23.14 12.13 -14.22
CA GLU A 233 21.87 11.80 -13.58
C GLU A 233 20.83 12.90 -13.77
N SER A 234 21.23 14.17 -13.67
CA SER A 234 20.28 15.26 -13.84
C SER A 234 19.67 15.24 -15.24
N GLN A 235 20.52 15.09 -16.26
CA GLN A 235 20.02 15.02 -17.63
C GLN A 235 19.14 13.79 -17.83
N PHE A 236 19.53 12.66 -17.25
CA PHE A 236 18.73 11.44 -17.37
C PHE A 236 17.33 11.64 -16.79
N LEU A 237 17.26 12.24 -15.60
CA LEU A 237 15.98 12.43 -14.94
C LEU A 237 15.11 13.44 -15.69
N ALA A 238 15.71 14.52 -16.20
CA ALA A 238 14.95 15.48 -16.99
C ALA A 238 14.42 14.85 -18.27
N ASP A 239 15.24 14.05 -18.94
CA ASP A 239 14.79 13.38 -20.15
C ASP A 239 13.66 12.40 -19.85
N THR A 240 13.75 11.69 -18.73
CA THR A 240 12.66 10.79 -18.34
C THR A 240 11.37 11.56 -18.11
N GLU A 241 11.45 12.67 -17.37
CA GLU A 241 10.32 13.59 -17.23
C GLU A 241 9.68 13.90 -18.58
N ARG A 242 10.48 14.42 -19.51
CA ARG A 242 9.96 14.88 -20.80
C ARG A 242 9.33 13.73 -21.58
N PHE A 243 10.04 12.60 -21.67
CA PHE A 243 9.57 11.48 -22.47
C PHE A 243 8.25 10.94 -21.94
N TYR A 244 8.15 10.74 -20.63
CA TYR A 244 6.93 10.13 -20.10
C TYR A 244 5.77 11.12 -20.09
N THR A 245 6.04 12.41 -19.90
CA THR A 245 4.98 13.40 -20.05
C THR A 245 4.39 13.35 -21.46
N ARG A 246 5.26 13.39 -22.47
CA ARG A 246 4.78 13.36 -23.85
C ARG A 246 4.00 12.08 -24.15
N GLU A 247 4.55 10.94 -23.73
CA GLU A 247 3.90 9.67 -24.04
C GLU A 247 2.55 9.55 -23.34
N SER A 248 2.47 9.94 -22.07
CA SER A 248 1.20 9.86 -21.35
C SER A 248 0.15 10.76 -21.97
N THR A 249 0.53 12.00 -22.33
CA THR A 249 -0.44 12.89 -22.95
C THR A 249 -0.94 12.34 -24.27
N GLU A 250 -0.02 11.87 -25.12
CA GLU A 250 -0.43 11.35 -26.43
C GLU A 250 -1.31 10.12 -26.28
N PHE A 251 -0.98 9.22 -25.35
CA PHE A 251 -1.78 8.02 -25.17
C PHE A 251 -3.17 8.35 -24.64
N LEU A 252 -3.25 9.23 -23.63
CA LEU A 252 -4.56 9.59 -23.08
C LEU A 252 -5.42 10.35 -24.08
N GLN A 253 -4.81 11.02 -25.06
CA GLN A 253 -5.61 11.70 -26.06
C GLN A 253 -6.23 10.74 -27.07
N GLN A 254 -5.74 9.50 -27.16
CA GLN A 254 -6.15 8.59 -28.21
C GLN A 254 -6.82 7.31 -27.72
N ASN A 255 -6.63 6.92 -26.47
CA ASN A 255 -7.10 5.64 -25.96
C ASN A 255 -7.84 5.84 -24.64
N PRO A 256 -8.69 4.89 -24.27
CA PRO A 256 -9.38 4.98 -22.98
C PRO A 256 -8.42 4.81 -21.81
N VAL A 257 -8.91 5.16 -20.62
CA VAL A 257 -8.10 5.12 -19.41
C VAL A 257 -7.74 3.68 -19.03
N THR A 258 -8.61 2.72 -19.36
CA THR A 258 -8.35 1.33 -19.02
C THR A 258 -7.06 0.83 -19.65
N GLU A 259 -6.82 1.20 -20.91
CA GLU A 259 -5.57 0.81 -21.56
C GLU A 259 -4.38 1.57 -20.99
N TYR A 260 -4.60 2.84 -20.62
CA TYR A 260 -3.51 3.64 -20.08
C TYR A 260 -3.02 3.09 -18.74
N MET A 261 -3.91 2.51 -17.94
CA MET A 261 -3.47 1.92 -16.67
C MET A 261 -2.49 0.77 -16.91
N LYS A 262 -2.81 -0.12 -17.84
CA LYS A 262 -1.90 -1.21 -18.18
C LYS A 262 -0.59 -0.67 -18.74
N LYS A 263 -0.67 0.34 -19.59
CA LYS A 263 0.54 0.95 -20.14
C LYS A 263 1.42 1.51 -19.02
N ALA A 264 0.81 2.17 -18.04
CA ALA A 264 1.58 2.74 -16.94
C ALA A 264 2.25 1.66 -16.10
N GLU A 265 1.53 0.58 -15.79
CA GLU A 265 2.15 -0.51 -15.03
C GLU A 265 3.32 -1.13 -15.79
N ALA A 266 3.14 -1.37 -17.09
CA ALA A 266 4.23 -1.93 -17.88
C ALA A 266 5.44 -1.00 -17.90
N ARG A 267 5.20 0.30 -18.05
CA ARG A 267 6.30 1.26 -18.07
C ARG A 267 7.04 1.28 -16.73
N LEU A 268 6.30 1.19 -15.63
CA LEU A 268 6.94 1.19 -14.32
C LEU A 268 7.83 -0.05 -14.14
N LEU A 269 7.33 -1.22 -14.55
CA LEU A 269 8.17 -2.42 -14.49
C LEU A 269 9.41 -2.28 -15.34
N GLU A 270 9.27 -1.72 -16.55
CA GLU A 270 10.42 -1.55 -17.43
C GLU A 270 11.45 -0.59 -16.82
N GLU A 271 10.98 0.48 -16.19
CA GLU A 271 11.90 1.42 -15.55
C GLU A 271 12.63 0.77 -14.38
N GLN A 272 11.93 -0.07 -13.61
CA GLN A 272 12.60 -0.80 -12.54
C GLN A 272 13.69 -1.70 -13.10
N ARG A 273 13.40 -2.40 -14.20
CA ARG A 273 14.41 -3.25 -14.82
C ARG A 273 15.62 -2.44 -15.28
N ARG A 274 15.38 -1.30 -15.93
CA ARG A 274 16.49 -0.46 -16.39
C ARG A 274 17.37 -0.02 -15.23
N VAL A 275 16.76 0.54 -14.18
CA VAL A 275 17.56 1.08 -13.08
C VAL A 275 18.32 -0.02 -12.36
N GLN A 276 17.73 -1.21 -12.24
CA GLN A 276 18.44 -2.29 -11.57
C GLN A 276 19.54 -2.89 -12.44
N VAL A 277 19.42 -2.82 -13.77
CA VAL A 277 20.37 -3.50 -14.64
C VAL A 277 21.54 -2.61 -14.99
N TYR A 278 21.32 -1.40 -15.51
CA TYR A 278 22.47 -0.64 -16.02
C TYR A 278 22.51 0.79 -15.50
N LEU A 279 22.24 0.97 -14.21
CA LEU A 279 22.41 2.27 -13.56
C LEU A 279 23.02 2.04 -12.20
N HIS A 280 23.08 3.09 -11.39
CA HIS A 280 23.61 3.01 -10.04
C HIS A 280 22.47 2.86 -9.04
N GLU A 281 22.83 2.34 -7.85
CA GLU A 281 21.82 2.06 -6.83
C GLU A 281 21.21 3.34 -6.27
N SER A 282 21.95 4.45 -6.29
CA SER A 282 21.48 5.69 -5.68
C SER A 282 20.36 6.36 -6.47
N THR A 283 20.10 5.92 -7.70
CA THR A 283 19.10 6.54 -8.55
C THR A 283 17.73 5.88 -8.43
N GLN A 284 17.65 4.73 -7.74
CA GLN A 284 16.42 3.94 -7.75
C GLN A 284 15.24 4.71 -7.19
N ASP A 285 15.40 5.24 -5.98
CA ASP A 285 14.27 5.90 -5.31
C ASP A 285 13.83 7.15 -6.05
N GLU A 286 14.79 7.97 -6.48
CA GLU A 286 14.43 9.22 -7.15
C GLU A 286 13.76 8.95 -8.49
N LEU A 287 14.28 7.99 -9.26
CA LEU A 287 13.68 7.64 -10.53
C LEU A 287 12.28 7.08 -10.35
N ALA A 288 12.09 6.21 -9.36
CA ALA A 288 10.76 5.67 -9.11
C ALA A 288 9.78 6.78 -8.72
N ARG A 289 10.22 7.71 -7.87
CA ARG A 289 9.35 8.80 -7.46
C ARG A 289 8.95 9.66 -8.65
N LYS A 290 9.91 10.02 -9.51
CA LYS A 290 9.59 10.85 -10.66
C LYS A 290 8.66 10.12 -11.64
N CYS A 291 8.93 8.84 -11.91
CA CYS A 291 8.08 8.11 -12.85
C CYS A 291 6.66 7.98 -12.30
N GLU A 292 6.52 7.66 -11.01
CA GLU A 292 5.19 7.58 -10.42
C GLU A 292 4.48 8.93 -10.50
N GLN A 293 5.18 10.01 -10.19
CA GLN A 293 4.61 11.34 -10.30
C GLN A 293 4.05 11.57 -11.70
N VAL A 294 4.93 11.49 -12.70
CA VAL A 294 4.54 11.84 -14.08
C VAL A 294 3.41 10.94 -14.57
N LEU A 295 3.46 9.64 -14.23
CA LEU A 295 2.53 8.69 -14.80
C LEU A 295 1.19 8.61 -14.08
N ILE A 296 1.12 9.00 -12.81
CA ILE A 296 -0.10 8.83 -12.01
C ILE A 296 -0.62 10.15 -11.45
N GLU A 297 0.26 10.93 -10.81
CA GLU A 297 -0.22 12.05 -10.01
C GLU A 297 -0.81 13.17 -10.87
N LYS A 298 -0.40 13.26 -12.13
CA LYS A 298 -0.88 14.32 -13.00
C LYS A 298 -2.25 14.04 -13.60
N HIS A 299 -2.77 12.81 -13.45
CA HIS A 299 -4.03 12.42 -14.08
C HIS A 299 -5.06 11.97 -13.04
N LEU A 300 -4.96 12.47 -11.82
CA LEU A 300 -5.90 12.09 -10.78
C LEU A 300 -7.31 12.57 -11.09
N GLU A 301 -7.45 13.72 -11.74
CA GLU A 301 -8.77 14.22 -12.11
C GLU A 301 -9.46 13.28 -13.09
N ILE A 302 -8.71 12.75 -14.06
CA ILE A 302 -9.28 11.76 -14.97
C ILE A 302 -9.56 10.46 -14.23
N PHE A 303 -8.67 10.08 -13.32
CA PHE A 303 -8.82 8.82 -12.61
C PHE A 303 -10.08 8.80 -11.76
N HIS A 304 -10.44 9.94 -11.15
CA HIS A 304 -11.63 9.97 -10.30
C HIS A 304 -12.91 9.79 -11.13
N THR A 305 -13.00 10.48 -12.27
CA THR A 305 -14.15 10.29 -13.14
C THR A 305 -14.22 8.87 -13.67
N GLU A 306 -13.08 8.30 -14.04
CA GLU A 306 -13.07 6.90 -14.46
C GLU A 306 -13.49 5.97 -13.33
N PHE A 307 -13.13 6.32 -12.08
CA PHE A 307 -13.55 5.52 -10.94
C PHE A 307 -15.06 5.52 -10.80
N GLN A 308 -15.68 6.69 -10.93
CA GLN A 308 -17.14 6.77 -10.87
C GLN A 308 -17.77 5.96 -12.00
N ASN A 309 -17.23 6.08 -13.22
CA ASN A 309 -17.79 5.36 -14.36
C ASN A 309 -17.65 3.85 -14.17
N LEU A 310 -16.50 3.38 -13.68
CA LEU A 310 -16.31 1.96 -13.47
C LEU A 310 -17.17 1.43 -12.33
N LEU A 311 -17.45 2.26 -11.33
CA LEU A 311 -18.41 1.84 -10.31
C LEU A 311 -19.81 1.75 -10.88
N ASP A 312 -20.16 2.63 -11.82
CA ASP A 312 -21.49 2.61 -12.41
C ASP A 312 -21.75 1.30 -13.14
N ALA A 313 -20.79 0.84 -13.94
CA ALA A 313 -20.89 -0.42 -14.67
C ALA A 313 -19.84 -1.38 -14.11
N ASP A 314 -20.29 -2.42 -13.43
CA ASP A 314 -19.43 -3.28 -12.62
C ASP A 314 -18.24 -3.82 -13.40
N LYS A 315 -17.05 -3.38 -13.04
CA LYS A 315 -15.79 -3.82 -13.67
C LYS A 315 -14.76 -3.91 -12.54
N ASN A 316 -14.62 -5.10 -11.96
CA ASN A 316 -13.81 -5.26 -10.77
C ASN A 316 -12.31 -5.26 -11.08
N GLU A 317 -11.92 -5.83 -12.22
CA GLU A 317 -10.49 -5.89 -12.56
C GLU A 317 -9.91 -4.49 -12.76
N ASP A 318 -10.64 -3.62 -13.45
CA ASP A 318 -10.18 -2.24 -13.63
C ASP A 318 -10.08 -1.51 -12.30
N LEU A 319 -11.05 -1.73 -11.41
CA LEU A 319 -11.01 -1.11 -10.09
C LEU A 319 -9.79 -1.59 -9.30
N GLY A 320 -9.48 -2.88 -9.37
CA GLY A 320 -8.30 -3.38 -8.70
C GLY A 320 -7.01 -2.80 -9.26
N ARG A 321 -6.93 -2.71 -10.59
CA ARG A 321 -5.75 -2.12 -11.22
C ARG A 321 -5.56 -0.66 -10.79
N MET A 322 -6.65 0.10 -10.78
CA MET A 322 -6.56 1.50 -10.40
C MET A 322 -6.22 1.66 -8.92
N TYR A 323 -6.75 0.78 -8.07
CA TYR A 323 -6.35 0.80 -6.66
C TYR A 323 -4.86 0.52 -6.51
N ASN A 324 -4.34 -0.43 -7.28
CA ASN A 324 -2.90 -0.70 -7.24
C ASN A 324 -2.10 0.50 -7.69
N LEU A 325 -2.58 1.21 -8.72
CA LEU A 325 -1.83 2.34 -9.25
C LEU A 325 -1.84 3.52 -8.28
N VAL A 326 -3.02 3.89 -7.76
CA VAL A 326 -3.14 5.10 -6.96
C VAL A 326 -2.57 4.91 -5.56
N SER A 327 -2.42 3.67 -5.10
CA SER A 327 -1.88 3.43 -3.77
C SER A 327 -0.44 3.89 -3.63
N ARG A 328 0.27 4.08 -4.75
CA ARG A 328 1.66 4.52 -4.68
C ARG A 328 1.76 6.00 -4.32
N ILE A 329 0.79 6.80 -4.73
CA ILE A 329 0.80 8.23 -4.44
C ILE A 329 0.38 8.45 -2.99
N GLN A 330 1.13 9.29 -2.29
CA GLN A 330 0.84 9.56 -0.88
C GLN A 330 -0.49 10.31 -0.74
N ASP A 331 -1.36 9.80 0.14
CA ASP A 331 -2.66 10.41 0.42
C ASP A 331 -3.47 10.58 -0.86
N GLY A 332 -3.56 9.51 -1.65
CA GLY A 332 -4.31 9.55 -2.89
C GLY A 332 -5.54 8.69 -2.89
N LEU A 333 -5.75 7.93 -1.81
CA LEU A 333 -6.86 6.99 -1.72
C LEU A 333 -8.07 7.56 -1.00
N GLY A 334 -7.99 8.79 -0.46
CA GLY A 334 -9.11 9.36 0.26
C GLY A 334 -10.31 9.65 -0.63
N GLU A 335 -10.06 10.23 -1.80
CA GLU A 335 -11.15 10.56 -2.72
C GLU A 335 -11.87 9.30 -3.18
N LEU A 336 -11.11 8.22 -3.43
CA LEU A 336 -11.73 6.96 -3.81
C LEU A 336 -12.63 6.43 -2.70
N LYS A 337 -12.17 6.54 -1.45
CA LYS A 337 -12.99 6.08 -0.32
C LYS A 337 -14.29 6.89 -0.23
N LYS A 338 -14.20 8.21 -0.36
CA LYS A 338 -15.40 9.04 -0.28
C LYS A 338 -16.36 8.71 -1.41
N LEU A 339 -15.84 8.55 -2.63
CA LEU A 339 -16.70 8.22 -3.76
C LEU A 339 -17.37 6.86 -3.58
N LEU A 340 -16.63 5.88 -3.07
CA LEU A 340 -17.21 4.56 -2.84
C LEU A 340 -18.31 4.61 -1.79
N GLU A 341 -18.08 5.36 -0.71
CA GLU A 341 -19.10 5.48 0.33
C GLU A 341 -20.37 6.11 -0.23
N THR A 342 -20.22 7.20 -0.98
CA THR A 342 -21.39 7.86 -1.57
C THR A 342 -22.11 6.93 -2.54
N HIS A 343 -21.35 6.19 -3.35
CA HIS A 343 -21.96 5.28 -4.33
C HIS A 343 -22.74 4.17 -3.63
N ILE A 344 -22.17 3.59 -2.57
CA ILE A 344 -22.87 2.51 -1.87
C ILE A 344 -24.14 3.04 -1.21
N HIS A 345 -24.07 4.23 -0.61
CA HIS A 345 -25.26 4.81 0.01
C HIS A 345 -26.36 5.03 -1.03
N ASN A 346 -25.99 5.60 -2.18
CA ASN A 346 -26.99 5.84 -3.23
C ASN A 346 -27.57 4.55 -3.76
N GLN A 347 -26.73 3.53 -3.94
CA GLN A 347 -27.22 2.25 -4.45
C GLN A 347 -28.18 1.60 -3.48
N GLY A 348 -27.87 1.64 -2.18
CA GLY A 348 -28.80 1.10 -1.19
C GLY A 348 -30.12 1.83 -1.17
N LEU A 349 -30.07 3.17 -1.21
CA LEU A 349 -31.31 3.95 -1.24
C LEU A 349 -32.15 3.62 -2.47
N ALA A 350 -31.52 3.54 -3.64
CA ALA A 350 -32.26 3.24 -4.86
C ALA A 350 -32.85 1.83 -4.82
N ALA A 351 -32.10 0.86 -4.30
CA ALA A 351 -32.60 -0.51 -4.23
C ALA A 351 -33.80 -0.60 -3.29
N ILE A 352 -33.75 0.10 -2.16
CA ILE A 352 -34.89 0.09 -1.24
C ILE A 352 -36.08 0.80 -1.87
N GLU A 353 -35.83 1.91 -2.57
CA GLU A 353 -36.92 2.71 -3.12
C GLU A 353 -37.68 1.96 -4.23
N LYS A 354 -36.99 1.10 -4.98
CA LYS A 354 -37.65 0.41 -6.09
C LYS A 354 -38.69 -0.59 -5.63
N CYS A 355 -38.64 -1.03 -4.38
CA CYS A 355 -39.60 -2.01 -3.90
C CYS A 355 -40.99 -1.43 -3.70
N GLY A 356 -41.11 -0.11 -3.56
CA GLY A 356 -42.40 0.52 -3.44
C GLY A 356 -43.02 0.35 -2.08
N GLU A 357 -44.35 0.52 -2.05
CA GLU A 357 -45.11 0.41 -0.80
C GLU A 357 -45.18 -1.02 -0.29
N ALA A 358 -44.96 -2.02 -1.16
CA ALA A 358 -45.06 -3.41 -0.75
C ALA A 358 -44.04 -3.76 0.32
N ALA A 359 -42.89 -3.09 0.34
CA ALA A 359 -41.86 -3.37 1.32
C ALA A 359 -42.25 -2.92 2.74
N LEU A 360 -43.30 -2.12 2.88
CA LEU A 360 -43.74 -1.69 4.20
C LEU A 360 -44.36 -2.83 5.00
N ASN A 361 -44.89 -3.85 4.33
CA ASN A 361 -45.53 -4.99 4.98
C ASN A 361 -45.03 -6.29 4.39
N ASP A 362 -43.74 -6.36 4.07
CA ASP A 362 -43.12 -7.57 3.55
C ASP A 362 -41.69 -7.62 4.04
N PRO A 363 -41.44 -8.24 5.20
CA PRO A 363 -40.08 -8.26 5.76
C PRO A 363 -39.07 -8.92 4.85
N LYS A 364 -39.46 -9.99 4.14
CA LYS A 364 -38.52 -10.74 3.32
C LYS A 364 -37.93 -9.86 2.23
N MET A 365 -38.77 -9.08 1.54
CA MET A 365 -38.30 -8.23 0.46
C MET A 365 -37.30 -7.21 0.97
N TYR A 366 -37.63 -6.53 2.07
CA TYR A 366 -36.76 -5.50 2.64
C TYR A 366 -35.40 -6.09 3.04
N VAL A 367 -35.42 -7.19 3.80
CA VAL A 367 -34.19 -7.77 4.29
C VAL A 367 -33.34 -8.32 3.15
N GLN A 368 -33.99 -8.95 2.15
CA GLN A 368 -33.22 -9.49 1.03
C GLN A 368 -32.59 -8.37 0.20
N THR A 369 -33.30 -7.26 0.01
CA THR A 369 -32.69 -6.14 -0.71
C THR A 369 -31.45 -5.63 0.01
N VAL A 370 -31.57 -5.40 1.32
CA VAL A 370 -30.42 -4.93 2.09
C VAL A 370 -29.27 -5.94 2.00
N LEU A 371 -29.59 -7.23 2.13
CA LEU A 371 -28.57 -8.26 2.14
C LEU A 371 -27.86 -8.37 0.79
N ASP A 372 -28.60 -8.24 -0.31
CA ASP A 372 -27.96 -8.29 -1.63
C ASP A 372 -27.01 -7.12 -1.82
N VAL A 373 -27.43 -5.91 -1.43
CA VAL A 373 -26.53 -4.77 -1.57
C VAL A 373 -25.26 -4.99 -0.75
N HIS A 374 -25.43 -5.42 0.51
CA HIS A 374 -24.27 -5.61 1.37
C HIS A 374 -23.35 -6.71 0.83
N LYS A 375 -23.92 -7.81 0.35
CA LYS A 375 -23.11 -8.90 -0.19
C LYS A 375 -22.30 -8.43 -1.38
N LYS A 376 -22.95 -7.72 -2.32
CA LYS A 376 -22.24 -7.27 -3.51
C LYS A 376 -21.07 -6.37 -3.14
N TYR A 377 -21.30 -5.40 -2.25
CA TYR A 377 -20.22 -4.46 -1.99
C TYR A 377 -19.16 -5.01 -1.04
N ASN A 378 -19.52 -5.95 -0.16
CA ASN A 378 -18.50 -6.64 0.63
C ASN A 378 -17.60 -7.47 -0.27
N ALA A 379 -18.19 -8.18 -1.24
CA ALA A 379 -17.38 -8.93 -2.19
C ALA A 379 -16.47 -8.00 -2.99
N LEU A 380 -17.00 -6.86 -3.42
CA LEU A 380 -16.16 -5.91 -4.16
C LEU A 380 -15.00 -5.41 -3.30
N VAL A 381 -15.26 -5.08 -2.04
CA VAL A 381 -14.21 -4.55 -1.18
C VAL A 381 -13.14 -5.60 -0.94
N MET A 382 -13.54 -6.85 -0.67
CA MET A 382 -12.55 -7.89 -0.39
C MET A 382 -11.75 -8.24 -1.64
N SER A 383 -12.41 -8.38 -2.79
CA SER A 383 -11.73 -8.89 -3.99
C SER A 383 -10.81 -7.86 -4.62
N ALA A 384 -11.24 -6.60 -4.71
CA ALA A 384 -10.52 -5.60 -5.50
C ALA A 384 -9.65 -4.67 -4.66
N PHE A 385 -10.09 -4.30 -3.46
CA PHE A 385 -9.37 -3.33 -2.64
C PHE A 385 -8.54 -3.99 -1.55
N ASN A 386 -8.34 -5.30 -1.62
CA ASN A 386 -7.41 -6.03 -0.74
C ASN A 386 -7.81 -5.87 0.72
N ASN A 387 -9.11 -5.75 0.98
CA ASN A 387 -9.66 -5.70 2.34
C ASN A 387 -9.00 -4.59 3.15
N ASP A 388 -8.89 -3.42 2.55
CA ASP A 388 -8.32 -2.27 3.22
C ASP A 388 -9.25 -1.76 4.31
N ALA A 389 -8.66 -1.24 5.39
CA ALA A 389 -9.45 -0.79 6.54
C ALA A 389 -10.35 0.38 6.18
N GLY A 390 -9.82 1.35 5.42
CA GLY A 390 -10.62 2.52 5.08
C GLY A 390 -11.83 2.18 4.23
N PHE A 391 -11.67 1.25 3.28
CA PHE A 391 -12.79 0.87 2.44
C PHE A 391 -13.84 0.09 3.22
N VAL A 392 -13.41 -0.77 4.15
CA VAL A 392 -14.35 -1.45 5.03
C VAL A 392 -15.11 -0.43 5.88
N ALA A 393 -14.41 0.60 6.38
CA ALA A 393 -15.07 1.64 7.15
C ALA A 393 -16.09 2.40 6.31
N ALA A 394 -15.74 2.69 5.06
CA ALA A 394 -16.66 3.39 4.17
C ALA A 394 -17.92 2.55 3.92
N LEU A 395 -17.73 1.26 3.66
CA LEU A 395 -18.88 0.37 3.48
C LEU A 395 -19.75 0.32 4.74
N ASP A 396 -19.11 0.26 5.91
CA ASP A 396 -19.87 0.23 7.16
C ASP A 396 -20.67 1.52 7.36
N LYS A 397 -20.05 2.68 7.10
CA LYS A 397 -20.78 3.93 7.25
C LYS A 397 -21.94 4.03 6.29
N ALA A 398 -21.74 3.63 5.03
CA ALA A 398 -22.83 3.68 4.05
C ALA A 398 -23.97 2.76 4.46
N CYS A 399 -23.64 1.54 4.91
CA CYS A 399 -24.67 0.60 5.31
C CYS A 399 -25.45 1.11 6.51
N GLY A 400 -24.74 1.63 7.52
CA GLY A 400 -25.41 2.19 8.67
C GLY A 400 -26.27 3.40 8.32
N ARG A 401 -25.87 4.15 7.29
CA ARG A 401 -26.64 5.31 6.89
C ARG A 401 -27.94 4.90 6.20
N PHE A 402 -27.87 3.93 5.27
CA PHE A 402 -29.09 3.64 4.53
C PHE A 402 -29.95 2.55 5.17
N ILE A 403 -29.48 1.89 6.23
CA ILE A 403 -30.33 0.91 6.89
C ILE A 403 -31.32 1.59 7.83
N ASN A 404 -30.90 2.64 8.53
CA ASN A 404 -31.73 3.30 9.52
C ASN A 404 -32.57 4.44 8.93
N ASN A 405 -32.37 4.81 7.67
CA ASN A 405 -33.14 5.89 7.05
C ASN A 405 -33.28 5.59 5.57
N ASN A 406 -34.52 5.41 5.12
CA ASN A 406 -34.79 5.06 3.72
C ASN A 406 -36.24 5.39 3.42
N ALA A 407 -36.72 4.91 2.27
CA ALA A 407 -38.10 5.20 1.87
C ALA A 407 -39.11 4.55 2.78
N VAL A 408 -38.82 3.34 3.25
CA VAL A 408 -39.76 2.63 4.12
C VAL A 408 -39.94 3.36 5.45
N THR A 409 -38.83 3.83 6.04
CA THR A 409 -38.91 4.53 7.31
C THR A 409 -39.67 5.85 7.19
N LYS A 410 -39.56 6.52 6.04
CA LYS A 410 -40.31 7.77 5.85
C LYS A 410 -41.80 7.53 5.84
N MET A 411 -42.25 6.44 5.22
CA MET A 411 -43.67 6.13 5.20
C MET A 411 -44.21 5.89 6.62
N ALA A 412 -43.46 5.17 7.44
CA ALA A 412 -43.85 4.92 8.81
C ALA A 412 -43.58 6.10 9.73
N GLN A 413 -42.86 7.12 9.26
CA GLN A 413 -42.51 8.30 10.05
C GLN A 413 -41.78 7.92 11.32
N SER A 414 -40.94 6.89 11.23
CA SER A 414 -40.16 6.43 12.38
C SER A 414 -39.03 5.55 11.89
N SER A 415 -37.87 5.68 12.51
CA SER A 415 -36.72 4.86 12.18
C SER A 415 -36.76 3.49 12.86
N SER A 416 -37.84 3.18 13.56
CA SER A 416 -38.00 1.92 14.26
C SER A 416 -38.66 0.84 13.40
N LYS A 417 -38.96 1.15 12.13
CA LYS A 417 -39.59 0.15 11.27
C LYS A 417 -38.61 -0.94 10.87
N SER A 418 -37.34 -0.59 10.67
CA SER A 418 -36.35 -1.57 10.23
C SER A 418 -36.12 -2.69 11.24
N PRO A 419 -35.91 -2.43 12.54
CA PRO A 419 -35.78 -3.56 13.49
C PRO A 419 -37.02 -4.42 13.55
N GLU A 420 -38.20 -3.81 13.46
CA GLU A 420 -39.45 -4.57 13.48
C GLU A 420 -39.53 -5.50 12.28
N LEU A 421 -39.17 -5.00 11.09
CA LEU A 421 -39.19 -5.84 9.89
C LEU A 421 -38.17 -6.96 10.00
N LEU A 422 -36.99 -6.68 10.55
CA LEU A 422 -35.98 -7.72 10.73
C LEU A 422 -36.48 -8.82 11.68
N ALA A 423 -37.09 -8.42 12.79
CA ALA A 423 -37.62 -9.39 13.74
C ALA A 423 -38.74 -10.23 13.12
N ARG A 424 -39.61 -9.60 12.34
CA ARG A 424 -40.69 -10.34 11.68
C ARG A 424 -40.12 -11.32 10.66
N TYR A 425 -39.06 -10.93 9.95
CA TYR A 425 -38.40 -11.86 9.05
C TYR A 425 -37.82 -13.06 9.79
N CYS A 426 -37.20 -12.82 10.94
CA CYS A 426 -36.69 -13.93 11.75
C CYS A 426 -37.82 -14.86 12.18
N ASP A 427 -38.94 -14.28 12.60
CA ASP A 427 -40.08 -15.10 13.02
C ASP A 427 -40.60 -15.94 11.87
N SER A 428 -40.69 -15.35 10.67
CA SER A 428 -41.13 -16.10 9.50
C SER A 428 -40.16 -17.23 9.19
N LEU A 429 -38.87 -16.99 9.35
CA LEU A 429 -37.88 -18.03 9.09
C LEU A 429 -38.00 -19.19 10.08
N LEU A 430 -38.26 -18.88 11.35
CA LEU A 430 -38.26 -19.91 12.39
C LEU A 430 -39.62 -20.55 12.61
N LYS A 431 -40.64 -20.20 11.83
CA LYS A 431 -41.98 -20.73 12.02
C LYS A 431 -42.11 -22.08 11.32
N LYS A 432 -43.33 -22.62 11.28
CA LYS A 432 -43.61 -23.88 10.62
C LYS A 432 -44.17 -23.64 9.22
N ALA A 440 -30.66 -26.44 6.62
CA ALA A 440 -29.31 -26.42 6.06
C ALA A 440 -28.93 -25.00 5.64
N GLU A 441 -29.79 -24.36 4.85
CA GLU A 441 -29.59 -22.99 4.42
C GLU A 441 -30.13 -21.98 5.42
N LEU A 442 -30.76 -22.45 6.51
CA LEU A 442 -31.27 -21.52 7.51
C LEU A 442 -30.15 -20.91 8.33
N GLU A 443 -29.05 -21.64 8.52
CA GLU A 443 -27.92 -21.10 9.27
C GLU A 443 -27.31 -19.90 8.55
N ASP A 444 -27.16 -19.99 7.22
CA ASP A 444 -26.56 -18.90 6.47
C ASP A 444 -27.41 -17.63 6.55
N THR A 445 -28.73 -17.78 6.39
CA THR A 445 -29.59 -16.60 6.45
C THR A 445 -29.68 -16.04 7.85
N LEU A 446 -29.63 -16.89 8.89
CA LEU A 446 -29.58 -16.37 10.25
C LEU A 446 -28.29 -15.60 10.50
N ASN A 447 -27.16 -16.10 10.01
CA ASN A 447 -25.90 -15.38 10.15
C ASN A 447 -25.94 -14.05 9.41
N GLN A 448 -26.53 -14.03 8.21
CA GLN A 448 -26.63 -12.78 7.46
C GLN A 448 -27.52 -11.78 8.18
N VAL A 449 -28.63 -12.25 8.75
CA VAL A 449 -29.50 -11.37 9.53
C VAL A 449 -28.74 -10.79 10.70
N MET A 450 -27.95 -11.61 11.38
CA MET A 450 -27.18 -11.11 12.51
C MET A 450 -26.11 -10.11 12.06
N VAL A 451 -25.61 -10.26 10.83
CA VAL A 451 -24.71 -9.25 10.27
C VAL A 451 -25.46 -7.93 10.07
N VAL A 452 -26.70 -8.00 9.60
CA VAL A 452 -27.50 -6.79 9.43
C VAL A 452 -27.79 -6.15 10.78
N PHE A 453 -27.98 -6.96 11.81
CA PHE A 453 -28.32 -6.45 13.14
C PHE A 453 -27.27 -5.52 13.71
N LYS A 454 -26.02 -5.63 13.26
CA LYS A 454 -24.95 -4.80 13.80
C LYS A 454 -25.14 -3.33 13.46
N TYR A 455 -25.69 -3.02 12.28
CA TYR A 455 -25.84 -1.65 11.82
C TYR A 455 -27.08 -0.95 12.38
N ILE A 456 -27.95 -1.66 13.08
CA ILE A 456 -29.17 -1.07 13.61
C ILE A 456 -28.86 -0.31 14.90
N GLU A 457 -29.44 0.88 15.03
CA GLU A 457 -29.21 1.71 16.21
C GLU A 457 -30.25 1.49 17.31
N ASP A 458 -31.49 1.15 16.96
CA ASP A 458 -32.54 0.90 17.94
C ASP A 458 -32.69 -0.61 18.13
N LYS A 459 -31.77 -1.18 18.90
CA LYS A 459 -31.78 -2.61 19.15
C LYS A 459 -32.87 -3.05 20.13
N ASP A 460 -33.34 -2.15 20.99
CA ASP A 460 -34.37 -2.51 21.96
C ASP A 460 -35.67 -2.88 21.27
N VAL A 461 -36.01 -2.19 20.17
CA VAL A 461 -37.21 -2.53 19.41
C VAL A 461 -37.12 -3.96 18.89
N PHE A 462 -35.97 -4.31 18.31
CA PHE A 462 -35.76 -5.66 17.83
C PHE A 462 -35.89 -6.67 18.96
N GLN A 463 -35.28 -6.36 20.10
CA GLN A 463 -35.33 -7.29 21.24
C GLN A 463 -36.77 -7.52 21.69
N LYS A 464 -37.55 -6.45 21.81
CA LYS A 464 -38.93 -6.56 22.28
C LYS A 464 -39.77 -7.37 21.30
N PHE A 465 -39.68 -7.05 20.00
CA PHE A 465 -40.48 -7.76 19.02
C PHE A 465 -40.09 -9.24 18.94
N TYR A 466 -38.79 -9.53 18.97
CA TYR A 466 -38.35 -10.91 18.93
C TYR A 466 -38.83 -11.70 20.15
N ALA A 467 -38.76 -11.08 21.33
CA ALA A 467 -39.24 -11.76 22.53
C ALA A 467 -40.73 -12.05 22.45
N LYS A 468 -41.52 -11.08 21.98
CA LYS A 468 -42.96 -11.27 21.88
C LYS A 468 -43.30 -12.41 20.91
N MET A 469 -42.66 -12.41 19.74
CA MET A 469 -42.97 -13.44 18.76
C MET A 469 -42.43 -14.81 19.19
N LEU A 470 -41.32 -14.84 19.92
CA LEU A 470 -40.85 -16.11 20.47
C LEU A 470 -41.84 -16.67 21.49
N ALA A 471 -42.41 -15.79 22.33
CA ALA A 471 -43.44 -16.23 23.25
C ALA A 471 -44.64 -16.80 22.51
N LYS A 472 -45.08 -16.12 21.45
CA LYS A 472 -46.20 -16.62 20.67
C LYS A 472 -45.87 -17.98 20.05
N ARG A 473 -44.66 -18.15 19.55
CA ARG A 473 -44.25 -19.44 18.99
C ARG A 473 -44.25 -20.54 20.04
N LEU A 474 -43.73 -20.24 21.23
CA LEU A 474 -43.61 -21.26 22.27
C LEU A 474 -44.97 -21.69 22.80
N VAL A 475 -45.90 -20.74 22.95
CA VAL A 475 -47.19 -21.08 23.53
C VAL A 475 -47.97 -21.99 22.59
N HIS A 476 -48.02 -21.65 21.30
CA HIS A 476 -48.83 -22.39 20.34
C HIS A 476 -48.13 -23.62 19.78
N GLN A 477 -46.85 -23.83 20.13
CA GLN A 477 -46.09 -25.00 19.69
C GLN A 477 -46.00 -25.07 18.16
N ASN A 478 -45.52 -24.00 17.56
CA ASN A 478 -45.25 -23.95 16.12
C ASN A 478 -43.84 -23.44 15.84
N SER A 479 -42.88 -24.36 15.89
CA SER A 479 -41.49 -24.08 15.59
C SER A 479 -40.97 -25.12 14.62
N ALA A 480 -40.14 -24.69 13.68
CA ALA A 480 -39.58 -25.61 12.70
C ALA A 480 -38.70 -26.65 13.38
N SER A 481 -37.84 -26.21 14.29
CA SER A 481 -36.94 -27.12 15.00
C SER A 481 -36.40 -26.41 16.22
N ASP A 482 -36.04 -27.20 17.24
CA ASP A 482 -35.42 -26.63 18.44
C ASP A 482 -33.97 -26.25 18.19
N ASP A 483 -33.30 -26.91 17.24
CA ASP A 483 -31.91 -26.59 16.94
C ASP A 483 -31.78 -25.17 16.40
N ALA A 484 -32.71 -24.76 15.54
CA ALA A 484 -32.69 -23.39 15.01
C ALA A 484 -32.87 -22.38 16.12
N GLU A 485 -33.79 -22.64 17.05
CA GLU A 485 -33.99 -21.76 18.19
C GLU A 485 -32.72 -21.67 19.04
N ALA A 486 -32.08 -22.81 19.31
CA ALA A 486 -30.86 -22.80 20.10
C ALA A 486 -29.75 -22.02 19.40
N SER A 487 -29.62 -22.19 18.08
CA SER A 487 -28.60 -21.44 17.34
C SER A 487 -28.87 -19.94 17.38
N MET A 488 -30.14 -19.54 17.23
CA MET A 488 -30.45 -18.12 17.30
C MET A 488 -30.19 -17.56 18.69
N ILE A 489 -30.48 -18.33 19.73
CA ILE A 489 -30.19 -17.90 21.10
C ILE A 489 -28.69 -17.73 21.28
N SER A 490 -27.89 -18.65 20.74
CA SER A 490 -26.44 -18.51 20.83
C SER A 490 -25.94 -17.26 20.11
N LYS A 491 -26.48 -16.98 18.93
CA LYS A 491 -26.09 -15.77 18.21
C LYS A 491 -26.45 -14.52 19.01
N LEU A 492 -27.64 -14.51 19.63
CA LEU A 492 -28.04 -13.37 20.46
C LEU A 492 -27.14 -13.23 21.68
N LYS A 493 -26.74 -14.36 22.28
CA LYS A 493 -25.72 -14.32 23.33
C LYS A 493 -24.46 -13.60 22.84
N GLN A 494 -23.99 -13.97 21.65
CA GLN A 494 -22.77 -13.38 21.12
C GLN A 494 -22.92 -11.88 20.89
N ALA A 495 -24.08 -11.45 20.38
CA ALA A 495 -24.25 -10.04 20.03
C ALA A 495 -24.81 -9.22 21.20
N CYS A 496 -25.98 -9.58 21.70
CA CYS A 496 -26.59 -8.85 22.80
C CYS A 496 -25.87 -9.19 24.10
N GLY A 497 -26.37 -8.65 25.20
CA GLY A 497 -25.75 -8.84 26.49
C GLY A 497 -26.05 -10.20 27.11
N PHE A 498 -26.29 -10.21 28.42
CA PHE A 498 -26.59 -11.42 29.15
C PHE A 498 -27.97 -11.41 29.80
N GLU A 499 -28.52 -10.23 30.10
CA GLU A 499 -29.84 -10.17 30.72
C GLU A 499 -30.94 -10.61 29.76
N TYR A 500 -30.84 -10.21 28.50
CA TYR A 500 -31.87 -10.54 27.51
C TYR A 500 -31.98 -12.05 27.33
N THR A 501 -30.84 -12.73 27.21
CA THR A 501 -30.87 -14.18 27.02
C THR A 501 -31.41 -14.88 28.27
N SER A 502 -31.12 -14.34 29.44
CA SER A 502 -31.70 -14.89 30.66
C SER A 502 -33.22 -14.74 30.67
N LYS A 503 -33.71 -13.58 30.20
CA LYS A 503 -35.15 -13.38 30.10
C LYS A 503 -35.78 -14.41 29.17
N LEU A 504 -35.10 -14.74 28.07
CA LEU A 504 -35.63 -15.77 27.17
C LEU A 504 -35.56 -17.16 27.79
N GLN A 505 -34.48 -17.45 28.51
CA GLN A 505 -34.33 -18.77 29.13
C GLN A 505 -35.38 -18.99 30.21
N ARG A 506 -35.87 -17.93 30.83
CA ARG A 506 -36.96 -18.09 31.80
C ARG A 506 -38.19 -18.71 31.16
N MET A 507 -38.58 -18.21 29.99
CA MET A 507 -39.71 -18.79 29.25
C MET A 507 -39.39 -20.21 28.81
N PHE A 508 -38.16 -20.43 28.33
CA PHE A 508 -37.78 -21.77 27.90
C PHE A 508 -37.86 -22.78 29.05
N GLN A 509 -37.58 -22.34 30.27
CA GLN A 509 -37.70 -23.21 31.45
C GLN A 509 -39.17 -23.42 31.84
N ASP A 510 -39.98 -22.37 31.74
CA ASP A 510 -41.39 -22.51 32.07
C ASP A 510 -42.08 -23.51 31.15
N ILE A 511 -41.67 -23.59 29.88
CA ILE A 511 -42.25 -24.56 28.97
C ILE A 511 -42.00 -25.99 29.47
N GLY A 512 -40.75 -26.26 29.88
CA GLY A 512 -40.45 -27.59 30.39
C GLY A 512 -41.17 -27.91 31.69
N VAL A 513 -41.32 -26.91 32.57
CA VAL A 513 -42.09 -27.12 33.78
C VAL A 513 -43.52 -27.48 33.44
N SER A 514 -44.11 -26.80 32.45
CA SER A 514 -45.47 -27.12 32.04
C SER A 514 -45.57 -28.52 31.46
N LYS A 515 -44.56 -28.95 30.70
CA LYS A 515 -44.57 -30.30 30.15
C LYS A 515 -44.56 -31.35 31.27
N ASP A 516 -43.70 -31.13 32.28
CA ASP A 516 -43.64 -32.06 33.40
C ASP A 516 -44.97 -32.09 34.15
N LEU A 517 -45.59 -30.93 34.34
CA LEU A 517 -46.87 -30.87 35.03
C LEU A 517 -47.96 -31.59 34.23
N ASN A 518 -47.93 -31.46 32.91
CA ASN A 518 -48.87 -32.19 32.07
C ASN A 518 -48.70 -33.70 32.23
N GLU A 519 -47.45 -34.17 32.26
CA GLU A 519 -47.22 -35.60 32.46
C GLU A 519 -47.75 -36.05 33.81
N GLN A 520 -47.50 -35.26 34.87
CA GLN A 520 -48.00 -35.61 36.19
C GLN A 520 -49.52 -35.64 36.24
N PHE A 521 -50.16 -34.69 35.55
CA PHE A 521 -51.62 -34.68 35.50
C PHE A 521 -52.15 -35.90 34.76
N LYS A 522 -51.50 -36.28 33.66
CA LYS A 522 -51.95 -37.45 32.92
C LYS A 522 -51.84 -38.73 33.75
N LYS A 523 -50.72 -38.89 34.48
CA LYS A 523 -50.63 -40.08 35.32
C LYS A 523 -51.59 -40.02 36.50
N HIS A 524 -52.05 -38.82 36.88
CA HIS A 524 -53.03 -38.68 37.94
C HIS A 524 -54.44 -39.02 37.48
N LEU A 525 -54.74 -38.83 36.19
CA LEU A 525 -56.09 -39.06 35.70
C LEU A 525 -56.40 -40.55 35.57
N THR A 526 -55.38 -41.41 35.50
CA THR A 526 -55.64 -42.84 35.42
C THR A 526 -56.32 -43.35 36.69
N ASN A 527 -55.89 -42.86 37.85
CA ASN A 527 -56.48 -43.27 39.12
C ASN A 527 -57.68 -42.39 39.49
N SER A 528 -58.60 -42.25 38.55
CA SER A 528 -59.82 -41.46 38.73
C SER A 528 -60.70 -41.70 37.50
N GLU A 529 -61.82 -41.00 37.44
CA GLU A 529 -62.69 -41.10 36.28
C GLU A 529 -62.06 -40.37 35.10
N PRO A 530 -61.90 -41.03 33.95
CA PRO A 530 -61.32 -40.36 32.79
C PRO A 530 -62.22 -39.27 32.26
N LEU A 531 -61.61 -38.27 31.63
CA LEU A 531 -62.33 -37.15 31.05
C LEU A 531 -62.72 -37.46 29.61
N ASP A 532 -63.80 -36.83 29.16
CA ASP A 532 -64.32 -37.09 27.82
C ASP A 532 -63.34 -36.63 26.74
N LEU A 533 -62.71 -35.48 26.94
CA LEU A 533 -61.88 -34.85 25.92
C LEU A 533 -60.41 -34.93 26.30
N ASP A 534 -59.56 -34.65 25.32
CA ASP A 534 -58.11 -34.58 25.52
C ASP A 534 -57.75 -33.19 25.98
N PHE A 535 -57.08 -33.10 27.13
CA PHE A 535 -56.82 -31.82 27.80
C PHE A 535 -55.32 -31.61 27.95
N SER A 536 -54.86 -30.44 27.50
CA SER A 536 -53.47 -30.02 27.70
C SER A 536 -53.48 -28.57 28.18
N ILE A 537 -52.50 -28.24 29.02
CA ILE A 537 -52.41 -26.91 29.62
C ILE A 537 -50.97 -26.43 29.58
N GLN A 538 -50.82 -25.10 29.50
CA GLN A 538 -49.51 -24.45 29.57
C GLN A 538 -49.58 -23.43 30.70
N VAL A 539 -49.02 -23.77 31.86
CA VAL A 539 -49.04 -22.89 33.02
C VAL A 539 -47.77 -22.05 33.00
N LEU A 540 -47.94 -20.74 33.08
CA LEU A 540 -46.85 -19.80 32.86
C LEU A 540 -46.82 -18.76 33.99
N SER A 541 -45.62 -18.26 34.29
CA SER A 541 -45.50 -17.21 35.29
C SER A 541 -46.01 -15.89 34.73
N SER A 542 -46.66 -15.12 35.59
CA SER A 542 -47.32 -13.90 35.15
C SER A 542 -46.35 -12.75 34.87
N GLY A 543 -45.13 -12.82 35.39
CA GLY A 543 -44.16 -11.76 35.22
C GLY A 543 -43.09 -11.99 34.18
N SER A 544 -43.06 -13.17 33.55
CA SER A 544 -42.04 -13.48 32.57
C SER A 544 -42.59 -13.59 31.14
N TRP A 545 -43.88 -13.33 30.93
CA TRP A 545 -44.46 -13.46 29.61
C TRP A 545 -45.22 -12.19 29.24
N PRO A 546 -45.23 -11.84 27.97
CA PRO A 546 -45.83 -10.56 27.53
C PRO A 546 -47.35 -10.53 27.46
N PHE A 547 -48.05 -11.54 27.95
CA PHE A 547 -49.48 -11.63 27.75
C PHE A 547 -50.24 -10.87 28.83
N GLN A 548 -51.43 -10.39 28.45
CA GLN A 548 -52.31 -9.64 29.33
C GLN A 548 -53.54 -10.46 29.67
N GLN A 549 -54.31 -9.97 30.64
CA GLN A 549 -55.50 -10.66 31.09
C GLN A 549 -56.56 -10.69 30.00
N SER A 550 -57.34 -11.76 29.97
CA SER A 550 -58.38 -11.92 28.98
C SER A 550 -59.60 -11.07 29.34
N CYS A 551 -60.49 -10.90 28.35
CA CYS A 551 -61.72 -10.16 28.55
C CYS A 551 -62.75 -11.04 29.24
N THR A 552 -63.92 -10.46 29.53
CA THR A 552 -64.98 -11.21 30.17
C THR A 552 -65.45 -12.35 29.26
N PHE A 553 -65.75 -13.50 29.87
CA PHE A 553 -66.09 -14.68 29.10
C PHE A 553 -66.73 -15.72 30.02
N ALA A 554 -67.84 -16.28 29.59
CA ALA A 554 -68.54 -17.33 30.34
C ALA A 554 -68.18 -18.68 29.74
N LEU A 555 -67.67 -19.57 30.58
CA LEU A 555 -67.09 -20.81 30.09
C LEU A 555 -68.17 -21.71 29.49
N PRO A 556 -67.94 -22.28 28.30
CA PRO A 556 -68.90 -23.21 27.72
C PRO A 556 -69.25 -24.34 28.67
N SER A 557 -70.49 -24.83 28.56
CA SER A 557 -71.02 -25.82 29.49
C SER A 557 -70.35 -27.18 29.39
N GLU A 558 -69.56 -27.44 28.35
CA GLU A 558 -68.91 -28.73 28.20
C GLU A 558 -67.51 -28.77 28.78
N LEU A 559 -67.05 -27.68 29.39
CA LEU A 559 -65.64 -27.56 29.77
C LEU A 559 -65.41 -27.27 31.25
N GLU A 560 -66.46 -27.21 32.07
CA GLU A 560 -66.23 -26.99 33.49
C GLU A 560 -65.59 -28.19 34.18
N ARG A 561 -65.74 -29.39 33.62
CA ARG A 561 -65.16 -30.56 34.25
C ARG A 561 -63.64 -30.46 34.30
N SER A 562 -63.01 -30.21 33.14
CA SER A 562 -61.56 -30.08 33.10
C SER A 562 -61.10 -28.89 33.92
N TYR A 563 -61.84 -27.78 33.85
CA TYR A 563 -61.51 -26.59 34.64
C TYR A 563 -61.42 -26.92 36.12
N GLN A 564 -62.47 -27.56 36.67
CA GLN A 564 -62.49 -27.86 38.10
C GLN A 564 -61.45 -28.91 38.46
N ARG A 565 -61.27 -29.94 37.63
CA ARG A 565 -60.30 -30.97 37.96
C ARG A 565 -58.88 -30.39 38.01
N PHE A 566 -58.52 -29.57 37.01
CA PHE A 566 -57.18 -29.01 37.01
C PHE A 566 -57.01 -27.98 38.12
N THR A 567 -58.06 -27.20 38.43
CA THR A 567 -57.95 -26.26 39.53
C THR A 567 -57.70 -26.99 40.84
N ALA A 568 -58.42 -28.08 41.09
CA ALA A 568 -58.20 -28.86 42.30
C ALA A 568 -56.79 -29.45 42.32
N PHE A 569 -56.33 -29.98 41.19
CA PHE A 569 -55.01 -30.58 41.13
C PHE A 569 -53.92 -29.56 41.42
N TYR A 570 -54.03 -28.37 40.81
CA TYR A 570 -53.04 -27.33 41.03
C TYR A 570 -53.07 -26.81 42.46
N ALA A 571 -54.27 -26.62 43.02
CA ALA A 571 -54.36 -26.19 44.41
C ALA A 571 -53.79 -27.24 45.36
N SER A 572 -53.89 -28.52 44.99
CA SER A 572 -53.28 -29.57 45.81
C SER A 572 -51.77 -29.53 45.73
N ARG A 573 -51.22 -29.41 44.52
CA ARG A 573 -49.77 -29.45 44.37
C ARG A 573 -49.10 -28.14 44.79
N HIS A 574 -49.75 -27.00 44.55
CA HIS A 574 -49.22 -25.70 44.94
C HIS A 574 -50.26 -24.99 45.78
N SER A 575 -49.83 -24.37 46.87
CA SER A 575 -50.77 -23.86 47.88
C SER A 575 -51.13 -22.39 47.66
N GLY A 576 -50.13 -21.51 47.68
CA GLY A 576 -50.37 -20.08 47.67
C GLY A 576 -50.52 -19.43 46.32
N ARG A 577 -50.73 -20.20 45.26
CA ARG A 577 -50.83 -19.67 43.92
C ARG A 577 -52.28 -19.62 43.45
N LYS A 578 -52.56 -18.72 42.51
CA LYS A 578 -53.86 -18.61 41.89
C LYS A 578 -53.68 -18.56 40.38
N LEU A 579 -54.64 -19.15 39.65
CA LEU A 579 -54.55 -19.29 38.22
C LEU A 579 -55.52 -18.34 37.53
N THR A 580 -55.01 -17.60 36.54
CA THR A 580 -55.84 -16.80 35.65
C THR A 580 -55.78 -17.40 34.25
N TRP A 581 -56.93 -17.51 33.61
CA TRP A 581 -57.06 -18.25 32.36
C TRP A 581 -57.15 -17.29 31.18
N LEU A 582 -56.27 -17.48 30.20
CA LEU A 582 -56.27 -16.67 28.99
C LEU A 582 -57.05 -17.42 27.92
N TYR A 583 -58.29 -17.00 27.69
CA TYR A 583 -59.15 -17.67 26.73
C TYR A 583 -58.91 -17.21 25.30
N GLN A 584 -58.19 -16.11 25.09
CA GLN A 584 -57.89 -15.66 23.74
C GLN A 584 -56.71 -16.41 23.11
N LEU A 585 -55.93 -17.13 23.90
CA LEU A 585 -54.80 -17.90 23.40
C LEU A 585 -55.08 -19.41 23.42
N SER A 586 -56.31 -19.81 23.70
CA SER A 586 -56.67 -21.22 23.79
C SER A 586 -57.37 -21.68 22.52
N LYS A 587 -57.00 -22.86 22.05
CA LYS A 587 -57.56 -23.44 20.84
C LYS A 587 -58.06 -24.85 21.15
N GLY A 588 -58.76 -25.43 20.19
CA GLY A 588 -59.31 -26.75 20.38
C GLY A 588 -59.82 -27.33 19.07
N GLU A 589 -60.49 -28.46 19.19
CA GLU A 589 -61.05 -29.18 18.05
C GLU A 589 -62.54 -29.40 18.25
N LEU A 590 -63.32 -29.07 17.23
CA LEU A 590 -64.75 -29.35 17.21
C LEU A 590 -65.03 -30.31 16.06
N VAL A 591 -65.72 -31.40 16.35
CA VAL A 591 -66.12 -32.38 15.34
C VAL A 591 -67.62 -32.25 15.13
N THR A 592 -68.04 -32.14 13.88
CA THR A 592 -69.43 -31.91 13.53
C THR A 592 -69.99 -33.14 12.81
N ASN A 593 -71.27 -33.40 13.05
CA ASN A 593 -71.95 -34.56 12.47
C ASN A 593 -73.27 -34.24 11.80
N CYS A 594 -73.88 -33.09 12.08
CA CYS A 594 -75.16 -32.71 11.47
C CYS A 594 -74.91 -31.88 10.21
N PHE A 595 -74.19 -32.48 9.26
CA PHE A 595 -73.90 -31.83 8.00
C PHE A 595 -73.80 -32.89 6.92
N LYS A 596 -73.27 -32.50 5.75
CA LYS A 596 -73.21 -33.42 4.62
C LYS A 596 -72.33 -34.63 4.91
N ASN A 597 -71.20 -34.41 5.57
CA ASN A 597 -70.28 -35.50 5.89
C ASN A 597 -69.50 -35.14 7.14
N ARG A 598 -68.72 -36.11 7.62
CA ARG A 598 -67.97 -35.96 8.87
C ARG A 598 -66.83 -34.98 8.67
N TYR A 599 -66.95 -33.80 9.29
CA TYR A 599 -65.90 -32.80 9.28
C TYR A 599 -65.38 -32.59 10.69
N THR A 600 -64.07 -32.39 10.80
CA THR A 600 -63.44 -31.95 12.04
C THR A 600 -62.77 -30.61 11.80
N LEU A 601 -62.98 -29.67 12.71
CA LEU A 601 -62.52 -28.31 12.50
C LEU A 601 -61.77 -27.81 13.72
N GLN A 602 -60.77 -26.96 13.47
CA GLN A 602 -59.95 -26.37 14.51
C GLN A 602 -60.38 -24.92 14.73
N ALA A 603 -60.59 -24.55 15.99
CA ALA A 603 -61.11 -23.23 16.30
C ALA A 603 -60.64 -22.80 17.69
N SER A 604 -60.75 -21.50 17.94
CA SER A 604 -60.41 -20.95 19.23
C SER A 604 -61.56 -21.15 20.23
N THR A 605 -61.28 -20.83 21.49
CA THR A 605 -62.28 -20.99 22.54
C THR A 605 -63.48 -20.08 22.30
N PHE A 606 -63.24 -18.85 21.84
CA PHE A 606 -64.34 -17.95 21.52
C PHE A 606 -65.21 -18.53 20.41
N GLN A 607 -64.59 -19.06 19.36
CA GLN A 607 -65.36 -19.66 18.27
C GLN A 607 -66.13 -20.88 18.74
N MET A 608 -65.48 -21.74 19.53
CA MET A 608 -66.18 -22.92 20.05
C MET A 608 -67.37 -22.52 20.92
N ALA A 609 -67.22 -21.45 21.70
CA ALA A 609 -68.33 -20.97 22.52
C ALA A 609 -69.47 -20.44 21.66
N ILE A 610 -69.15 -19.68 20.60
CA ILE A 610 -70.21 -19.03 19.83
C ILE A 610 -70.78 -19.92 18.72
N LEU A 611 -70.21 -21.10 18.48
CA LEU A 611 -70.86 -22.09 17.63
C LEU A 611 -71.76 -23.02 18.44
N LEU A 612 -71.32 -23.46 19.60
CA LEU A 612 -72.11 -24.37 20.42
C LEU A 612 -73.29 -23.69 21.10
N GLN A 613 -73.40 -22.36 21.00
CA GLN A 613 -74.61 -21.70 21.52
C GLN A 613 -75.85 -22.19 20.79
N TYR A 614 -75.78 -22.27 19.47
CA TYR A 614 -76.86 -22.86 18.68
C TYR A 614 -76.57 -24.34 18.40
N ASN A 615 -76.39 -25.08 19.50
CA ASN A 615 -76.08 -26.49 19.39
C ASN A 615 -77.22 -27.26 18.74
N THR A 616 -78.45 -26.97 19.15
CA THR A 616 -79.64 -27.52 18.50
C THR A 616 -80.54 -26.46 17.88
N GLU A 617 -80.40 -25.20 18.26
CA GLU A 617 -81.14 -24.11 17.64
C GLU A 617 -80.52 -23.76 16.28
N ASP A 618 -81.22 -22.90 15.54
CA ASP A 618 -80.79 -22.54 14.19
C ASP A 618 -80.67 -21.04 13.94
N ALA A 619 -81.23 -20.19 14.80
CA ALA A 619 -81.22 -18.75 14.53
C ALA A 619 -81.17 -17.99 15.84
N TYR A 620 -80.15 -17.13 15.99
CA TYR A 620 -80.00 -16.26 17.15
C TYR A 620 -79.84 -14.82 16.70
N THR A 621 -80.14 -13.91 17.62
CA THR A 621 -79.82 -12.50 17.48
C THR A 621 -78.52 -12.22 18.22
N VAL A 622 -77.67 -11.39 17.62
CA VAL A 622 -76.33 -11.17 18.16
C VAL A 622 -76.40 -10.59 19.57
N GLN A 623 -77.47 -9.86 19.89
CA GLN A 623 -77.65 -9.39 21.26
C GLN A 623 -77.83 -10.55 22.23
N GLN A 624 -78.66 -11.53 21.84
CA GLN A 624 -78.81 -12.74 22.64
C GLN A 624 -77.49 -13.51 22.70
N LEU A 625 -76.77 -13.57 21.57
CA LEU A 625 -75.45 -14.20 21.57
C LEU A 625 -74.49 -13.46 22.50
N THR A 626 -74.55 -12.13 22.51
CA THR A 626 -73.73 -11.35 23.42
C THR A 626 -74.05 -11.68 24.86
N ASP A 627 -75.34 -11.76 25.19
CA ASP A 627 -75.72 -12.07 26.57
C ASP A 627 -75.30 -13.47 26.97
N SER A 628 -75.39 -14.43 26.05
CA SER A 628 -75.06 -15.81 26.37
C SER A 628 -73.55 -16.00 26.53
N THR A 629 -72.77 -15.45 25.59
CA THR A 629 -71.33 -15.67 25.60
C THR A 629 -70.56 -14.65 26.42
N GLN A 630 -71.20 -13.53 26.79
CA GLN A 630 -70.56 -12.49 27.59
C GLN A 630 -69.30 -11.93 26.94
N ILE A 631 -69.30 -11.82 25.62
CA ILE A 631 -68.19 -11.25 24.88
C ILE A 631 -68.52 -9.79 24.55
N LYS A 632 -67.48 -8.96 24.51
CA LYS A 632 -67.66 -7.53 24.25
C LYS A 632 -68.09 -7.31 22.80
N MET A 633 -68.21 -6.03 22.44
CA MET A 633 -68.77 -5.67 21.14
C MET A 633 -67.78 -5.98 20.01
N ASP A 634 -66.61 -5.36 20.05
CA ASP A 634 -65.68 -5.42 18.91
C ASP A 634 -65.18 -6.84 18.68
N ILE A 635 -64.83 -7.54 19.76
CA ILE A 635 -64.27 -8.88 19.61
C ILE A 635 -65.30 -9.83 19.02
N LEU A 636 -66.54 -9.77 19.54
CA LEU A 636 -67.60 -10.63 19.01
C LEU A 636 -67.92 -10.28 17.56
N ALA A 637 -67.93 -8.99 17.22
CA ALA A 637 -68.18 -8.60 15.84
C ALA A 637 -67.11 -9.14 14.91
N GLN A 638 -65.84 -9.03 15.31
CA GLN A 638 -64.75 -9.53 14.47
C GLN A 638 -64.82 -11.04 14.31
N VAL A 639 -65.07 -11.77 15.39
CA VAL A 639 -65.10 -13.22 15.30
C VAL A 639 -66.30 -13.68 14.47
N LEU A 640 -67.43 -12.97 14.60
CA LEU A 640 -68.60 -13.30 13.78
C LEU A 640 -68.33 -13.03 12.31
N GLN A 641 -67.64 -11.93 12.00
CA GLN A 641 -67.27 -11.67 10.61
C GLN A 641 -66.35 -12.75 10.08
N ILE A 642 -65.39 -13.19 10.89
CA ILE A 642 -64.51 -14.27 10.47
C ILE A 642 -65.30 -15.54 10.19
N LEU A 643 -66.27 -15.85 11.05
CA LEU A 643 -67.12 -17.03 10.81
C LEU A 643 -67.91 -16.89 9.52
N LEU A 644 -68.50 -15.71 9.29
CA LEU A 644 -69.29 -15.50 8.09
C LEU A 644 -68.45 -15.65 6.83
N LYS A 645 -67.22 -15.14 6.85
CA LYS A 645 -66.35 -15.27 5.69
C LYS A 645 -65.95 -16.71 5.41
N SER A 646 -66.18 -17.63 6.35
CA SER A 646 -65.76 -19.02 6.21
C SER A 646 -66.85 -19.91 5.61
N LYS A 647 -67.99 -19.34 5.25
CA LYS A 647 -69.11 -20.07 4.64
C LYS A 647 -69.72 -21.09 5.61
N LEU A 648 -69.20 -21.14 6.83
CA LEU A 648 -69.78 -21.99 7.87
C LEU A 648 -71.06 -21.40 8.45
N LEU A 649 -71.20 -20.07 8.41
CA LEU A 649 -72.35 -19.39 8.98
C LEU A 649 -72.85 -18.35 7.97
N VAL A 650 -74.16 -18.12 7.98
CA VAL A 650 -74.79 -17.21 7.03
C VAL A 650 -75.66 -16.22 7.80
N LEU A 651 -75.82 -15.04 7.21
CA LEU A 651 -76.62 -13.98 7.83
C LEU A 651 -78.10 -14.33 7.78
N VAL A 661 -70.00 -4.32 4.41
CA VAL A 661 -70.90 -5.03 5.30
C VAL A 661 -70.82 -4.44 6.71
N GLU A 662 -71.97 -4.31 7.36
CA GLU A 662 -72.06 -3.75 8.69
C GLU A 662 -72.98 -4.61 9.54
N LEU A 663 -72.77 -4.56 10.86
CA LEU A 663 -73.55 -5.36 11.80
C LEU A 663 -74.18 -4.45 12.85
N LYS A 664 -75.34 -4.87 13.32
CA LYS A 664 -76.14 -4.15 14.30
C LYS A 664 -76.58 -5.12 15.39
N PRO A 665 -76.93 -4.60 16.57
CA PRO A 665 -77.35 -5.51 17.66
C PRO A 665 -78.59 -6.32 17.34
N ASP A 666 -79.44 -5.88 16.40
CA ASP A 666 -80.64 -6.59 16.03
C ASP A 666 -80.46 -7.44 14.78
N THR A 667 -79.23 -7.59 14.29
CA THR A 667 -78.98 -8.39 13.10
C THR A 667 -79.30 -9.85 13.37
N LEU A 668 -79.89 -10.51 12.36
CA LEU A 668 -80.25 -11.92 12.46
C LEU A 668 -79.20 -12.76 11.72
N ILE A 669 -78.64 -13.73 12.43
CA ILE A 669 -77.64 -14.64 11.88
C ILE A 669 -78.08 -16.06 12.18
N LYS A 670 -78.06 -16.92 11.16
CA LYS A 670 -78.56 -18.29 11.27
C LYS A 670 -77.54 -19.27 10.74
N LEU A 671 -77.57 -20.49 11.28
CA LEU A 671 -76.66 -21.53 10.83
C LEU A 671 -76.98 -21.95 9.41
N TYR A 672 -75.93 -22.13 8.61
CA TYR A 672 -76.05 -22.55 7.22
C TYR A 672 -75.83 -24.05 7.14
N LEU A 673 -76.89 -24.78 6.79
CA LEU A 673 -76.79 -26.23 6.71
C LEU A 673 -76.23 -26.66 5.36
N GLY A 674 -75.67 -27.86 5.31
CA GLY A 674 -75.21 -28.45 4.08
C GLY A 674 -74.08 -27.70 3.39
N TYR A 675 -73.10 -27.23 4.16
CA TYR A 675 -71.90 -26.65 3.57
C TYR A 675 -70.84 -27.73 3.41
N LYS A 676 -70.03 -27.59 2.37
CA LYS A 676 -69.03 -28.59 2.04
C LYS A 676 -67.69 -27.93 1.78
N ASN A 677 -66.62 -28.68 2.06
CA ASN A 677 -65.27 -28.24 1.81
C ASN A 677 -64.48 -29.37 1.17
N LYS A 678 -63.44 -29.01 0.42
CA LYS A 678 -62.66 -30.00 -0.31
C LYS A 678 -61.85 -30.91 0.60
N LYS A 679 -61.68 -30.56 1.87
CA LYS A 679 -60.87 -31.35 2.80
C LYS A 679 -61.63 -31.56 4.10
N LEU A 680 -61.47 -32.74 4.68
CA LEU A 680 -62.12 -33.02 5.97
C LEU A 680 -61.57 -32.13 7.07
N ARG A 681 -60.24 -31.95 7.12
CA ARG A 681 -59.63 -31.07 8.10
C ARG A 681 -59.69 -29.63 7.62
N VAL A 682 -60.46 -28.81 8.31
CA VAL A 682 -60.59 -27.39 7.99
C VAL A 682 -60.26 -26.58 9.23
N ASN A 683 -59.44 -25.54 9.06
CA ASN A 683 -59.12 -24.62 10.13
C ASN A 683 -59.79 -23.28 9.89
N ILE A 684 -60.29 -22.67 10.96
CA ILE A 684 -60.98 -21.39 10.87
C ILE A 684 -60.38 -20.38 11.86
N ASN A 685 -59.18 -20.65 12.37
CA ASN A 685 -58.52 -19.75 13.31
C ASN A 685 -57.59 -18.80 12.57
N VAL A 686 -58.16 -18.08 11.60
CA VAL A 686 -57.41 -17.08 10.86
C VAL A 686 -57.35 -15.80 11.68
N PRO A 687 -56.23 -15.09 11.69
CA PRO A 687 -56.13 -13.87 12.49
C PRO A 687 -56.98 -12.75 11.93
N MET A 688 -57.51 -11.93 12.83
CA MET A 688 -58.22 -10.72 12.43
C MET A 688 -57.24 -9.62 12.03
N LYS A 689 -57.67 -8.78 11.10
CA LYS A 689 -56.76 -7.81 10.48
C LYS A 689 -56.30 -6.75 11.47
N THR A 690 -57.20 -6.27 12.31
CA THR A 690 -56.89 -5.12 13.18
C THR A 690 -55.93 -5.49 14.31
N GLU A 691 -55.92 -6.75 14.73
CA GLU A 691 -55.11 -7.14 15.90
C GLU A 691 -53.63 -6.90 15.66
N GLN A 692 -53.13 -7.16 14.44
CA GLN A 692 -51.72 -6.95 14.16
C GLN A 692 -51.33 -5.49 14.34
N LYS A 693 -52.10 -4.58 13.75
CA LYS A 693 -51.79 -3.15 13.87
C LYS A 693 -51.92 -2.67 15.31
N GLN A 694 -52.96 -3.12 16.01
CA GLN A 694 -53.13 -2.72 17.41
C GLN A 694 -51.97 -3.21 18.27
N GLU A 695 -51.53 -4.46 18.05
CA GLU A 695 -50.41 -4.99 18.81
C GLU A 695 -49.13 -4.22 18.52
N GLN A 696 -48.90 -3.87 17.25
CA GLN A 696 -47.71 -3.11 16.90
C GLN A 696 -47.71 -1.74 17.57
N GLU A 697 -48.85 -1.04 17.55
CA GLU A 697 -48.93 0.25 18.22
C GLU A 697 -48.70 0.12 19.71
N THR A 698 -49.30 -0.90 20.32
CA THR A 698 -49.15 -1.11 21.76
C THR A 698 -47.69 -1.35 22.14
N THR A 699 -47.00 -2.21 21.37
CA THR A 699 -45.62 -2.50 21.73
C THR A 699 -44.70 -1.32 21.47
N HIS A 700 -45.00 -0.49 20.45
CA HIS A 700 -44.21 0.72 20.26
C HIS A 700 -44.37 1.67 21.45
N LYS A 701 -45.60 1.84 21.92
CA LYS A 701 -45.83 2.70 23.09
C LYS A 701 -45.12 2.14 24.33
N ASN A 702 -45.17 0.82 24.51
CA ASN A 702 -44.46 0.20 25.62
C ASN A 702 -42.96 0.45 25.53
N ILE A 703 -42.40 0.38 24.32
CA ILE A 703 -40.98 0.64 24.12
C ILE A 703 -40.63 2.06 24.54
N GLU A 704 -41.46 3.03 24.15
CA GLU A 704 -41.20 4.41 24.53
C GLU A 704 -41.23 4.59 26.05
N GLU A 705 -42.23 4.01 26.70
CA GLU A 705 -42.31 4.12 28.16
C GLU A 705 -41.12 3.48 28.85
N ASP A 706 -40.69 2.31 28.35
CA ASP A 706 -39.52 1.65 28.90
C ASP A 706 -38.28 2.51 28.72
N ARG A 707 -38.13 3.15 27.56
CA ARG A 707 -37.01 4.04 27.33
C ARG A 707 -36.97 5.13 28.40
N LYS A 708 -38.12 5.75 28.67
CA LYS A 708 -38.16 6.79 29.69
C LYS A 708 -37.76 6.24 31.06
N LEU A 709 -38.26 5.05 31.41
CA LEU A 709 -37.94 4.48 32.72
C LEU A 709 -36.45 4.19 32.87
N LEU A 710 -35.83 3.61 31.84
CA LEU A 710 -34.39 3.35 31.91
C LEU A 710 -33.57 4.64 31.97
N ILE A 711 -34.01 5.68 31.26
CA ILE A 711 -33.29 6.96 31.37
C ILE A 711 -33.36 7.48 32.79
N GLN A 712 -34.54 7.40 33.42
CA GLN A 712 -34.68 7.84 34.80
C GLN A 712 -33.77 7.03 35.73
N ALA A 713 -33.75 5.72 35.57
CA ALA A 713 -32.93 4.87 36.42
C ALA A 713 -31.45 5.18 36.26
N ALA A 714 -31.00 5.41 35.02
CA ALA A 714 -29.60 5.75 34.79
C ALA A 714 -29.24 7.07 35.46
N ILE A 715 -30.11 8.08 35.36
CA ILE A 715 -29.82 9.36 36.01
C ILE A 715 -29.74 9.19 37.51
N VAL A 716 -30.68 8.45 38.09
CA VAL A 716 -30.68 8.25 39.54
C VAL A 716 -29.40 7.55 39.99
N ARG A 717 -29.00 6.51 39.27
CA ARG A 717 -27.79 5.76 39.63
C ARG A 717 -26.54 6.64 39.52
N ILE A 718 -26.45 7.43 38.45
CA ILE A 718 -25.29 8.29 38.26
C ILE A 718 -25.20 9.32 39.39
N MET A 719 -26.33 9.93 39.75
CA MET A 719 -26.33 10.87 40.86
C MET A 719 -26.02 10.18 42.19
N LYS A 720 -26.40 8.92 42.35
CA LYS A 720 -26.01 8.21 43.57
C LYS A 720 -24.50 8.02 43.64
N MET A 721 -23.86 7.71 42.51
CA MET A 721 -22.41 7.55 42.52
C MET A 721 -21.69 8.87 42.77
N ARG A 722 -22.04 9.90 42.01
CA ARG A 722 -21.41 11.21 42.11
C ARG A 722 -22.40 12.18 42.73
N LYS A 723 -22.06 12.73 43.90
CA LYS A 723 -23.02 13.52 44.67
C LYS A 723 -23.41 14.80 43.94
N VAL A 724 -22.44 15.50 43.38
CA VAL A 724 -22.69 16.76 42.68
C VAL A 724 -22.06 16.68 41.30
N LEU A 725 -22.85 16.97 40.26
CA LEU A 725 -22.36 16.87 38.90
C LEU A 725 -23.08 17.91 38.04
N LYS A 726 -22.45 18.28 36.93
CA LYS A 726 -22.99 19.29 36.04
C LYS A 726 -23.93 18.67 35.01
N HIS A 727 -24.60 19.55 34.25
CA HIS A 727 -25.58 19.12 33.27
C HIS A 727 -24.93 18.35 32.12
N GLN A 728 -23.89 18.94 31.51
CA GLN A 728 -23.28 18.33 30.33
C GLN A 728 -22.62 17.00 30.66
N GLN A 729 -21.95 16.92 31.81
CA GLN A 729 -21.34 15.66 32.22
C GLN A 729 -22.40 14.59 32.47
N LEU A 730 -23.52 14.98 33.08
CA LEU A 730 -24.63 14.04 33.27
C LEU A 730 -25.12 13.50 31.94
N LEU A 731 -25.35 14.40 30.97
CA LEU A 731 -25.83 13.96 29.67
C LEU A 731 -24.83 13.04 28.98
N GLY A 732 -23.54 13.41 29.03
CA GLY A 732 -22.53 12.57 28.39
C GLY A 732 -22.47 11.19 29.00
N GLU A 733 -22.52 11.11 30.33
CA GLU A 733 -22.46 9.80 30.98
C GLU A 733 -23.72 8.99 30.73
N VAL A 734 -24.88 9.65 30.63
CA VAL A 734 -26.12 8.93 30.32
C VAL A 734 -26.05 8.33 28.93
N LEU A 735 -25.62 9.12 27.93
CA LEU A 735 -25.49 8.59 26.58
C LEU A 735 -24.44 7.48 26.51
N THR A 736 -23.35 7.61 27.27
CA THR A 736 -22.35 6.55 27.29
C THR A 736 -22.92 5.27 27.87
N GLN A 737 -23.74 5.38 28.92
CA GLN A 737 -24.29 4.19 29.56
C GLN A 737 -25.36 3.53 28.70
N LEU A 738 -26.17 4.32 27.99
CA LEU A 738 -27.29 3.79 27.23
C LEU A 738 -26.98 3.58 25.75
N SER A 739 -25.72 3.74 25.33
CA SER A 739 -25.41 3.73 23.91
C SER A 739 -25.64 2.37 23.26
N SER A 740 -25.42 1.28 24.00
CA SER A 740 -25.46 -0.06 23.41
C SER A 740 -26.87 -0.51 23.04
N ARG A 741 -27.91 0.22 23.45
CA ARG A 741 -29.29 -0.16 23.17
C ARG A 741 -30.00 0.84 22.26
N PHE A 742 -29.91 2.13 22.56
CA PHE A 742 -30.56 3.15 21.74
C PHE A 742 -29.86 4.48 21.98
N LYS A 743 -30.13 5.43 21.08
CA LYS A 743 -29.57 6.76 21.23
C LYS A 743 -30.62 7.69 21.80
N PRO A 744 -30.52 8.09 23.07
CA PRO A 744 -31.55 8.94 23.65
C PRO A 744 -31.53 10.35 23.08
N ARG A 745 -32.69 10.99 23.13
CA ARG A 745 -32.81 12.38 22.73
C ARG A 745 -32.66 13.30 23.93
N VAL A 746 -31.99 14.43 23.71
CA VAL A 746 -31.70 15.34 24.83
C VAL A 746 -32.95 15.92 25.47
N PRO A 747 -33.99 16.35 24.72
CA PRO A 747 -35.21 16.80 25.39
C PRO A 747 -35.82 15.77 26.32
N VAL A 748 -35.76 14.49 25.96
CA VAL A 748 -36.26 13.44 26.84
C VAL A 748 -35.45 13.39 28.12
N ILE A 749 -34.14 13.61 28.02
CA ILE A 749 -33.28 13.65 29.21
C ILE A 749 -33.66 14.83 30.10
N LYS A 750 -33.92 16.00 29.52
CA LYS A 750 -34.39 17.12 30.33
C LYS A 750 -35.71 16.81 30.99
N LYS A 751 -36.64 16.17 30.27
CA LYS A 751 -37.93 15.85 30.86
C LYS A 751 -37.78 14.88 32.02
N CYS A 752 -36.88 13.90 31.88
CA CYS A 752 -36.63 12.95 32.96
C CYS A 752 -36.00 13.64 34.17
N ILE A 753 -35.09 14.58 33.93
CA ILE A 753 -34.51 15.33 35.04
C ILE A 753 -35.58 16.13 35.76
N ASP A 754 -36.46 16.78 35.00
CA ASP A 754 -37.53 17.58 35.60
C ASP A 754 -38.47 16.71 36.42
N ILE A 755 -38.85 15.54 35.90
CA ILE A 755 -39.76 14.68 36.65
C ILE A 755 -39.05 14.06 37.86
N LEU A 756 -37.73 13.92 37.81
CA LEU A 756 -37.00 13.46 38.99
C LEU A 756 -36.89 14.54 40.07
N ILE A 757 -36.79 15.81 39.66
CA ILE A 757 -36.72 16.89 40.63
C ILE A 757 -38.00 16.95 41.46
N GLU A 758 -39.15 16.83 40.80
CA GLU A 758 -40.43 16.90 41.51
C GLU A 758 -40.58 15.75 42.49
N LYS A 759 -40.14 14.55 42.11
CA LYS A 759 -40.31 13.35 42.93
C LYS A 759 -39.34 13.29 44.11
N GLU A 760 -38.61 14.37 44.39
CA GLU A 760 -37.70 14.45 45.54
C GLU A 760 -36.60 13.39 45.46
N TYR A 761 -35.87 13.42 44.35
CA TYR A 761 -34.70 12.57 44.15
C TYR A 761 -33.41 13.37 44.05
N LEU A 762 -33.41 14.47 43.32
CA LEU A 762 -32.27 15.38 43.25
C LEU A 762 -32.80 16.81 43.24
N GLU A 763 -31.95 17.73 43.66
CA GLU A 763 -32.35 19.13 43.82
C GLU A 763 -31.33 20.05 43.18
N ARG A 764 -31.80 21.24 42.80
CA ARG A 764 -30.94 22.26 42.21
C ARG A 764 -30.27 23.06 43.32
N VAL A 765 -28.95 23.16 43.26
CA VAL A 765 -28.21 23.89 44.29
C VAL A 765 -28.37 25.39 44.09
N ASP A 766 -28.42 26.12 45.20
CA ASP A 766 -28.50 27.57 45.13
C ASP A 766 -27.20 28.15 44.59
N GLY A 767 -27.31 29.06 43.63
CA GLY A 767 -26.16 29.53 42.90
C GLY A 767 -25.67 28.48 41.92
N GLU A 768 -24.57 28.80 41.26
CA GLU A 768 -23.90 27.94 40.27
C GLU A 768 -24.94 27.23 39.39
N LYS A 769 -25.68 28.03 38.63
CA LYS A 769 -26.82 27.55 37.88
C LYS A 769 -26.44 26.40 36.95
N ASP A 770 -27.44 25.58 36.61
CA ASP A 770 -27.27 24.38 35.79
C ASP A 770 -26.34 23.39 36.47
N THR A 771 -26.70 23.04 37.71
CA THR A 771 -25.96 22.06 38.50
C THR A 771 -26.94 21.34 39.41
N TYR A 772 -26.73 20.03 39.57
CA TYR A 772 -27.62 19.20 40.37
C TYR A 772 -26.83 18.46 41.44
N SER A 773 -27.51 18.16 42.54
CA SER A 773 -26.93 17.42 43.65
C SER A 773 -27.90 16.34 44.10
N TYR A 774 -27.35 15.17 44.43
CA TYR A 774 -28.18 14.06 44.86
C TYR A 774 -28.75 14.33 46.25
N LEU A 775 -30.01 13.98 46.44
CA LEU A 775 -30.72 14.16 47.70
C LEU A 775 -31.16 12.81 48.22
N ALA A 776 -30.86 12.53 49.48
CA ALA A 776 -31.23 11.26 50.10
C ALA A 776 -32.73 11.20 50.36
N SER B 13 -4.06 3.35 44.91
CA SER B 13 -4.13 2.53 46.12
C SER B 13 -5.36 2.89 46.95
N TYR B 14 -5.72 4.17 46.94
CA TYR B 14 -6.90 4.64 47.66
C TYR B 14 -8.16 4.55 46.81
N HIS B 15 -8.07 4.95 45.54
CA HIS B 15 -9.21 4.85 44.64
C HIS B 15 -9.64 3.40 44.46
N ILE B 16 -8.66 2.50 44.28
CA ILE B 16 -8.97 1.09 44.10
C ILE B 16 -9.60 0.52 45.37
N SER B 17 -9.07 0.89 46.54
CA SER B 17 -9.64 0.40 47.79
C SER B 17 -11.08 0.87 47.95
N ASN B 18 -11.34 2.14 47.61
CA ASN B 18 -12.72 2.64 47.65
C ASN B 18 -13.61 1.89 46.68
N LEU B 19 -13.10 1.59 45.47
CA LEU B 19 -13.90 0.87 44.50
C LEU B 19 -14.28 -0.52 45.00
N LEU B 20 -13.31 -1.26 45.55
CA LEU B 20 -13.63 -2.59 46.07
C LEU B 20 -14.48 -2.53 47.33
N GLU B 21 -14.39 -1.45 48.10
CA GLU B 21 -15.34 -1.28 49.21
C GLU B 21 -16.75 -1.09 48.69
N LYS B 22 -16.91 -0.31 47.61
CA LYS B 22 -18.24 -0.08 47.06
C LYS B 22 -18.78 -1.32 46.35
N MET B 23 -17.90 -2.16 45.81
CA MET B 23 -18.38 -3.33 45.05
C MET B 23 -19.07 -4.38 45.91
N THR B 24 -19.28 -4.15 47.21
CA THR B 24 -20.05 -5.05 48.07
C THR B 24 -20.99 -4.23 48.94
N SER B 25 -21.71 -3.30 48.33
CA SER B 25 -22.47 -2.29 49.05
C SER B 25 -23.92 -2.68 49.33
N SER B 26 -24.33 -3.90 48.96
CA SER B 26 -25.69 -4.38 49.19
C SER B 26 -26.72 -3.56 48.40
N ASP B 27 -26.25 -2.64 47.56
CA ASP B 27 -27.10 -1.86 46.69
C ASP B 27 -26.61 -2.03 45.26
N LYS B 28 -27.53 -2.35 44.35
CA LYS B 28 -27.13 -2.70 42.99
C LYS B 28 -26.49 -1.51 42.27
N ASP B 29 -27.00 -0.30 42.50
CA ASP B 29 -26.47 0.87 41.81
C ASP B 29 -25.01 1.11 42.15
N PHE B 30 -24.65 0.98 43.44
CA PHE B 30 -23.27 1.20 43.84
C PHE B 30 -22.33 0.17 43.23
N ARG B 31 -22.74 -1.11 43.22
CA ARG B 31 -21.91 -2.13 42.60
C ARG B 31 -21.74 -1.88 41.10
N PHE B 32 -22.83 -1.53 40.43
CA PHE B 32 -22.77 -1.25 38.99
C PHE B 32 -21.83 -0.10 38.70
N MET B 33 -21.95 1.00 39.45
CA MET B 33 -21.11 2.16 39.19
C MET B 33 -19.66 1.88 39.53
N ALA B 34 -19.40 1.15 40.61
CA ALA B 34 -18.02 0.82 40.96
C ALA B 34 -17.38 -0.06 39.91
N THR B 35 -18.10 -1.07 39.42
CA THR B 35 -17.54 -1.93 38.37
C THR B 35 -17.33 -1.15 37.09
N ASN B 36 -18.25 -0.24 36.74
CA ASN B 36 -18.08 0.58 35.56
C ASN B 36 -16.86 1.49 35.68
N ASP B 37 -16.66 2.09 36.85
CA ASP B 37 -15.47 2.93 37.06
C ASP B 37 -14.19 2.10 36.98
N LEU B 38 -14.20 0.90 37.54
CA LEU B 38 -13.04 0.03 37.43
C LEU B 38 -12.74 -0.32 35.98
N MET B 39 -13.78 -0.62 35.21
CA MET B 39 -13.58 -0.92 33.79
C MET B 39 -13.02 0.28 33.03
N THR B 40 -13.53 1.48 33.34
CA THR B 40 -13.00 2.68 32.70
C THR B 40 -11.54 2.91 33.07
N GLU B 41 -11.19 2.69 34.33
CA GLU B 41 -9.80 2.84 34.74
C GLU B 41 -8.89 1.82 34.07
N LEU B 42 -9.38 0.60 33.89
CA LEU B 42 -8.56 -0.45 33.28
C LEU B 42 -8.21 -0.10 31.83
N GLN B 43 -9.19 0.42 31.08
CA GLN B 43 -8.94 0.81 29.70
C GLN B 43 -8.14 2.11 29.58
N LYS B 44 -7.98 2.85 30.68
CA LYS B 44 -7.23 4.09 30.68
C LYS B 44 -5.75 3.78 30.92
N ASP B 45 -4.97 4.83 31.19
CA ASP B 45 -3.53 4.68 31.40
C ASP B 45 -3.17 4.30 32.83
N SER B 46 -4.14 4.17 33.72
CA SER B 46 -3.85 3.79 35.09
C SER B 46 -3.29 2.38 35.17
N ILE B 47 -2.26 2.21 36.00
CA ILE B 47 -1.60 0.92 36.19
C ILE B 47 -1.48 0.66 37.69
N LYS B 48 -1.70 -0.59 38.09
CA LYS B 48 -1.63 -1.01 39.49
C LYS B 48 -0.41 -1.91 39.65
N LEU B 49 0.74 -1.29 39.93
CA LEU B 49 1.97 -2.04 40.14
C LEU B 49 1.90 -2.94 41.36
N ASP B 50 1.04 -2.62 42.32
CA ASP B 50 0.94 -3.41 43.54
C ASP B 50 0.35 -4.78 43.24
N ASP B 51 0.99 -5.81 43.76
CA ASP B 51 0.54 -7.19 43.58
C ASP B 51 -0.48 -7.61 44.63
N ASP B 52 -0.79 -6.74 45.59
CA ASP B 52 -1.85 -7.04 46.55
C ASP B 52 -3.22 -6.65 46.01
N SER B 53 -3.28 -5.60 45.19
CA SER B 53 -4.56 -5.17 44.62
C SER B 53 -5.02 -6.07 43.48
N GLU B 54 -4.07 -6.64 42.72
CA GLU B 54 -4.45 -7.47 41.58
C GLU B 54 -5.24 -8.70 42.02
N ARG B 55 -4.78 -9.38 43.07
CA ARG B 55 -5.48 -10.58 43.54
C ARG B 55 -6.88 -10.25 44.01
N LYS B 56 -7.02 -9.15 44.76
CA LYS B 56 -8.34 -8.75 45.25
C LYS B 56 -9.26 -8.40 44.09
N VAL B 57 -8.74 -7.68 43.10
CA VAL B 57 -9.56 -7.30 41.95
C VAL B 57 -10.03 -8.54 41.19
N VAL B 58 -9.12 -9.49 40.98
CA VAL B 58 -9.48 -10.71 40.24
C VAL B 58 -10.54 -11.49 41.01
N LYS B 59 -10.34 -11.66 42.32
CA LYS B 59 -11.31 -12.40 43.12
C LYS B 59 -12.65 -11.70 43.12
N MET B 60 -12.66 -10.37 43.21
CA MET B 60 -13.90 -9.62 43.23
C MET B 60 -14.65 -9.76 41.90
N ILE B 61 -13.93 -9.72 40.78
CA ILE B 61 -14.58 -9.91 39.48
C ILE B 61 -15.16 -11.32 39.38
N LEU B 62 -14.38 -12.32 39.76
CA LEU B 62 -14.84 -13.70 39.65
C LEU B 62 -16.01 -14.00 40.58
N LYS B 63 -16.14 -13.25 41.69
CA LYS B 63 -17.30 -13.43 42.55
C LYS B 63 -18.50 -12.62 42.08
N LEU B 64 -18.29 -11.44 41.51
CA LEU B 64 -19.38 -10.71 40.89
C LEU B 64 -19.93 -11.42 39.67
N LEU B 65 -19.18 -12.35 39.09
CA LEU B 65 -19.73 -13.18 38.03
C LEU B 65 -20.96 -13.96 38.48
N GLU B 66 -21.13 -14.17 39.78
CA GLU B 66 -22.28 -14.89 40.33
C GLU B 66 -23.24 -13.95 41.07
N ASP B 67 -23.31 -12.70 40.65
CA ASP B 67 -24.16 -11.74 41.34
C ASP B 67 -25.64 -12.02 41.06
N LYS B 68 -26.50 -11.41 41.88
CA LYS B 68 -27.94 -11.60 41.79
C LYS B 68 -28.61 -10.65 40.81
N ASN B 69 -27.87 -9.72 40.23
CA ASN B 69 -28.41 -8.76 39.27
C ASN B 69 -27.78 -8.99 37.91
N GLY B 70 -28.61 -8.96 36.87
CA GLY B 70 -28.12 -9.25 35.52
C GLY B 70 -27.14 -8.22 35.01
N GLU B 71 -27.39 -6.93 35.31
CA GLU B 71 -26.52 -5.88 34.81
C GLU B 71 -25.11 -6.00 35.36
N VAL B 72 -24.98 -6.31 36.65
CA VAL B 72 -23.66 -6.47 37.25
C VAL B 72 -22.92 -7.64 36.62
N GLN B 73 -23.62 -8.75 36.39
CA GLN B 73 -22.99 -9.90 35.75
C GLN B 73 -22.52 -9.57 34.34
N ASN B 74 -23.35 -8.86 33.57
CA ASN B 74 -22.98 -8.48 32.21
C ASN B 74 -21.75 -7.56 32.23
N LEU B 75 -21.73 -6.61 33.15
CA LEU B 75 -20.60 -5.67 33.21
C LEU B 75 -19.32 -6.38 33.65
N ALA B 76 -19.43 -7.35 34.55
CA ALA B 76 -18.26 -8.14 34.95
C ALA B 76 -17.74 -8.98 33.78
N VAL B 77 -18.64 -9.57 32.99
CA VAL B 77 -18.21 -10.31 31.80
C VAL B 77 -17.47 -9.38 30.84
N LYS B 78 -18.00 -8.18 30.63
CA LYS B 78 -17.31 -7.24 29.75
C LYS B 78 -15.97 -6.80 30.34
N CYS B 79 -15.88 -6.69 31.67
CA CYS B 79 -14.63 -6.29 32.31
C CYS B 79 -13.58 -7.39 32.28
N LEU B 80 -13.99 -8.65 32.12
CA LEU B 80 -13.01 -9.74 32.02
C LEU B 80 -12.08 -9.57 30.83
N GLY B 81 -12.46 -8.79 29.83
CA GLY B 81 -11.65 -8.61 28.65
C GLY B 81 -10.38 -7.81 28.90
N PRO B 82 -10.52 -6.52 29.22
CA PRO B 82 -9.33 -5.69 29.43
C PRO B 82 -8.47 -6.12 30.62
N LEU B 83 -9.02 -6.91 31.53
CA LEU B 83 -8.25 -7.33 32.71
C LEU B 83 -7.04 -8.17 32.33
N VAL B 84 -7.21 -9.09 31.38
CA VAL B 84 -6.12 -10.01 31.05
C VAL B 84 -4.94 -9.28 30.42
N SER B 85 -5.18 -8.13 29.80
CA SER B 85 -4.09 -7.40 29.15
C SER B 85 -3.20 -6.69 30.16
N LYS B 86 -3.72 -6.36 31.34
CA LYS B 86 -2.99 -5.58 32.33
C LYS B 86 -2.89 -6.33 33.66
N VAL B 87 -2.62 -7.64 33.59
CA VAL B 87 -2.46 -8.48 34.77
C VAL B 87 -1.34 -9.48 34.48
N LYS B 88 -0.55 -9.80 35.50
CA LYS B 88 0.55 -10.74 35.36
C LYS B 88 0.04 -12.10 34.89
N GLU B 89 0.92 -12.84 34.21
CA GLU B 89 0.52 -14.08 33.56
C GLU B 89 0.10 -15.16 34.56
N TYR B 90 0.45 -15.01 35.84
CA TYR B 90 0.05 -16.01 36.83
C TYR B 90 -1.46 -15.99 37.05
N GLN B 91 -2.06 -14.82 37.15
CA GLN B 91 -3.49 -14.73 37.45
C GLN B 91 -4.35 -15.13 36.26
N VAL B 92 -3.83 -15.02 35.04
CA VAL B 92 -4.58 -15.49 33.88
C VAL B 92 -4.84 -16.99 33.98
N GLU B 93 -3.87 -17.73 34.52
CA GLU B 93 -4.05 -19.17 34.70
C GLU B 93 -5.20 -19.47 35.64
N THR B 94 -5.28 -18.75 36.77
CA THR B 94 -6.35 -19.03 37.72
C THR B 94 -7.71 -18.53 37.19
N ILE B 95 -7.72 -17.46 36.40
CA ILE B 95 -8.95 -17.03 35.76
C ILE B 95 -9.47 -18.11 34.82
N VAL B 96 -8.58 -18.64 33.98
CA VAL B 96 -8.97 -19.69 33.04
C VAL B 96 -9.42 -20.94 33.80
N ASP B 97 -8.70 -21.29 34.86
CA ASP B 97 -9.07 -22.48 35.64
C ASP B 97 -10.46 -22.30 36.26
N THR B 98 -10.75 -21.13 36.82
CA THR B 98 -12.05 -20.89 37.42
C THR B 98 -13.16 -20.97 36.38
N LEU B 99 -12.94 -20.36 35.21
CA LEU B 99 -13.97 -20.42 34.16
C LEU B 99 -14.20 -21.85 33.71
N CYS B 100 -13.12 -22.60 33.47
CA CYS B 100 -13.26 -23.97 32.98
C CYS B 100 -13.94 -24.87 34.01
N THR B 101 -13.57 -24.73 35.28
CA THR B 101 -14.23 -25.55 36.30
C THR B 101 -15.66 -25.10 36.56
N ASN B 102 -16.01 -23.86 36.23
CA ASN B 102 -17.39 -23.41 36.34
C ASN B 102 -18.24 -23.93 35.20
N MET B 103 -17.65 -24.16 34.02
CA MET B 103 -18.43 -24.70 32.91
C MET B 103 -18.99 -26.09 33.19
N LEU B 104 -18.39 -26.83 34.13
CA LEU B 104 -18.85 -28.18 34.44
C LEU B 104 -19.78 -28.22 35.64
N SER B 105 -20.21 -27.07 36.14
CA SER B 105 -21.04 -27.01 37.33
C SER B 105 -22.48 -27.41 37.01
N ASP B 106 -23.26 -27.64 38.06
CA ASP B 106 -24.66 -28.00 37.90
C ASP B 106 -25.53 -26.80 37.55
N LYS B 107 -25.18 -25.62 38.05
CA LYS B 107 -25.97 -24.42 37.76
C LYS B 107 -25.82 -24.02 36.30
N GLU B 108 -26.96 -23.76 35.65
CA GLU B 108 -26.93 -23.43 34.23
C GLU B 108 -26.43 -22.01 34.00
N GLN B 109 -26.85 -21.07 34.85
CA GLN B 109 -26.46 -19.67 34.68
C GLN B 109 -24.95 -19.51 34.79
N LEU B 110 -24.34 -20.18 35.77
CA LEU B 110 -22.90 -20.12 35.93
C LEU B 110 -22.18 -20.69 34.72
N ARG B 111 -22.68 -21.80 34.19
CA ARG B 111 -22.06 -22.41 33.02
C ARG B 111 -22.12 -21.47 31.82
N ASP B 112 -23.28 -20.88 31.58
CA ASP B 112 -23.43 -20.00 30.43
C ASP B 112 -22.56 -18.75 30.57
N ILE B 113 -22.58 -18.12 31.75
CA ILE B 113 -21.79 -16.91 31.94
C ILE B 113 -20.31 -17.22 31.85
N SER B 114 -19.89 -18.40 32.32
CA SER B 114 -18.49 -18.79 32.21
C SER B 114 -18.10 -19.03 30.75
N SER B 115 -18.99 -19.63 29.96
CA SER B 115 -18.71 -19.80 28.54
C SER B 115 -18.52 -18.46 27.85
N ILE B 116 -19.41 -17.51 28.14
CA ILE B 116 -19.29 -16.18 27.52
C ILE B 116 -17.99 -15.53 27.94
N GLY B 117 -17.66 -15.60 29.23
CA GLY B 117 -16.43 -14.98 29.70
C GLY B 117 -15.18 -15.63 29.12
N LEU B 118 -15.22 -16.94 28.93
CA LEU B 118 -14.06 -17.64 28.38
C LEU B 118 -13.86 -17.29 26.91
N LYS B 119 -14.96 -17.17 26.15
CA LYS B 119 -14.83 -16.71 24.77
C LYS B 119 -14.29 -15.28 24.73
N THR B 120 -14.76 -14.42 25.64
CA THR B 120 -14.24 -13.06 25.71
C THR B 120 -12.74 -13.05 26.01
N VAL B 121 -12.30 -13.89 26.94
CA VAL B 121 -10.88 -13.97 27.30
C VAL B 121 -10.06 -14.43 26.10
N ILE B 122 -10.54 -15.46 25.40
CA ILE B 122 -9.82 -15.95 24.22
C ILE B 122 -9.73 -14.86 23.16
N GLY B 123 -10.79 -14.06 23.02
CA GLY B 123 -10.78 -13.04 21.99
C GLY B 123 -9.68 -12.00 22.17
N GLU B 124 -9.35 -11.68 23.43
CA GLU B 124 -8.37 -10.63 23.70
C GLU B 124 -6.93 -11.10 23.63
N LEU B 125 -6.69 -12.41 23.58
CA LEU B 125 -5.32 -12.90 23.50
C LEU B 125 -4.70 -12.53 22.17
N PRO B 126 -3.48 -11.98 22.14
CA PRO B 126 -2.87 -11.62 20.87
C PRO B 126 -2.56 -12.84 20.03
N PRO B 127 -2.60 -12.73 18.71
CA PRO B 127 -2.26 -13.84 17.80
C PRO B 127 -0.77 -14.03 17.64
N ALA B 135 0.52 -16.56 26.07
CA ALA B 135 -0.59 -16.91 25.21
C ALA B 135 -0.60 -18.40 24.88
N ALA B 136 0.60 -18.99 24.78
CA ALA B 136 0.70 -20.41 24.46
C ALA B 136 0.31 -21.29 25.64
N ASN B 137 0.64 -20.87 26.86
CA ASN B 137 0.35 -21.69 28.03
C ASN B 137 -1.15 -21.72 28.32
N VAL B 138 -1.80 -20.56 28.26
CA VAL B 138 -3.23 -20.50 28.56
C VAL B 138 -4.04 -21.27 27.53
N CYS B 139 -3.66 -21.16 26.25
CA CYS B 139 -4.32 -21.96 25.23
C CYS B 139 -4.08 -23.45 25.46
N LYS B 140 -2.89 -23.82 25.92
CA LYS B 140 -2.62 -25.22 26.23
C LYS B 140 -3.55 -25.72 27.34
N LYS B 141 -3.72 -24.93 28.40
CA LYS B 141 -4.61 -25.34 29.49
C LYS B 141 -6.05 -25.43 29.00
N ILE B 142 -6.49 -24.45 28.21
CA ILE B 142 -7.86 -24.47 27.70
C ILE B 142 -8.09 -25.70 26.84
N THR B 143 -7.14 -26.02 25.96
CA THR B 143 -7.27 -27.21 25.11
C THR B 143 -7.31 -28.48 25.94
N GLY B 144 -6.46 -28.56 26.97
CA GLY B 144 -6.45 -29.72 27.82
C GLY B 144 -7.79 -29.95 28.51
N ARG B 145 -8.40 -28.86 29.01
CA ARG B 145 -9.71 -29.01 29.64
C ARG B 145 -10.79 -29.34 28.62
N LEU B 146 -10.79 -28.67 27.46
CA LEU B 146 -11.87 -28.85 26.51
C LEU B 146 -11.82 -30.21 25.82
N THR B 147 -10.64 -30.82 25.69
CA THR B 147 -10.58 -32.16 25.12
C THR B 147 -11.35 -33.15 25.99
N SER B 148 -11.13 -33.10 27.30
CA SER B 148 -11.89 -33.94 28.22
C SER B 148 -13.36 -33.56 28.24
N ALA B 149 -13.65 -32.25 28.12
CA ALA B 149 -15.05 -31.82 28.07
C ALA B 149 -15.78 -32.41 26.88
N ILE B 150 -15.16 -32.38 25.70
CA ILE B 150 -15.77 -32.92 24.50
C ILE B 150 -15.87 -34.43 24.59
N ALA B 151 -14.86 -35.08 25.18
CA ALA B 151 -14.86 -36.54 25.25
C ALA B 151 -16.06 -37.06 26.04
N LYS B 152 -16.42 -36.39 27.13
CA LYS B 152 -17.54 -36.82 27.95
C LYS B 152 -18.84 -36.69 27.16
N GLN B 153 -19.48 -37.82 26.88
CA GLN B 153 -20.70 -37.87 26.09
C GLN B 153 -21.95 -38.03 26.94
N GLU B 154 -21.82 -37.94 28.26
CA GLU B 154 -22.98 -38.12 29.14
C GLU B 154 -24.00 -36.99 28.95
N ASP B 155 -23.53 -35.76 28.80
CA ASP B 155 -24.40 -34.62 28.60
C ASP B 155 -24.05 -33.90 27.30
N VAL B 156 -25.01 -33.15 26.78
CA VAL B 156 -24.92 -32.60 25.43
C VAL B 156 -24.58 -31.11 25.48
N SER B 157 -25.13 -30.41 26.48
CA SER B 157 -24.91 -28.96 26.57
C SER B 157 -23.43 -28.64 26.76
N VAL B 158 -22.75 -29.38 27.63
CA VAL B 158 -21.32 -29.18 27.83
C VAL B 158 -20.56 -29.48 26.56
N GLN B 159 -20.97 -30.53 25.84
CA GLN B 159 -20.34 -30.86 24.56
C GLN B 159 -20.46 -29.71 23.58
N LEU B 160 -21.65 -29.14 23.46
CA LEU B 160 -21.87 -28.06 22.49
C LEU B 160 -21.07 -26.81 22.86
N GLU B 161 -21.07 -26.45 24.15
CA GLU B 161 -20.30 -25.28 24.57
C GLU B 161 -18.81 -25.50 24.33
N ALA B 162 -18.30 -26.68 24.66
CA ALA B 162 -16.89 -26.97 24.45
C ALA B 162 -16.54 -26.95 22.97
N LEU B 163 -17.42 -27.48 22.12
CA LEU B 163 -17.15 -27.48 20.69
C LEU B 163 -17.14 -26.05 20.13
N ASP B 164 -18.07 -25.21 20.58
CA ASP B 164 -18.08 -23.82 20.13
C ASP B 164 -16.80 -23.11 20.54
N ILE B 165 -16.38 -23.31 21.79
CA ILE B 165 -15.17 -22.64 22.27
C ILE B 165 -13.95 -23.18 21.53
N MET B 166 -13.93 -24.48 21.22
CA MET B 166 -12.81 -25.05 20.48
C MET B 166 -12.72 -24.49 19.08
N ALA B 167 -13.87 -24.32 18.41
CA ALA B 167 -13.87 -23.71 17.10
C ALA B 167 -13.37 -22.27 17.17
N ASP B 168 -13.79 -21.52 18.19
CA ASP B 168 -13.32 -20.16 18.35
C ASP B 168 -11.81 -20.11 18.60
N MET B 169 -11.29 -21.05 19.39
CA MET B 169 -9.88 -21.08 19.73
C MET B 169 -9.02 -21.63 18.59
N LEU B 170 -9.61 -22.37 17.65
CA LEU B 170 -8.86 -22.83 16.50
C LEU B 170 -8.91 -21.84 15.34
N SER B 171 -9.96 -21.02 15.27
CA SER B 171 -10.04 -20.02 14.20
C SER B 171 -8.88 -19.03 14.30
N ARG B 172 -8.57 -18.57 15.51
CA ARG B 172 -7.43 -17.70 15.75
C ARG B 172 -6.59 -18.32 16.86
N GLN B 173 -5.28 -18.07 16.79
CA GLN B 173 -4.27 -18.75 17.60
C GLN B 173 -4.16 -20.23 17.28
N GLY B 174 -4.63 -20.63 16.09
CA GLY B 174 -4.59 -22.04 15.74
C GLY B 174 -3.19 -22.59 15.55
N GLY B 175 -2.29 -21.76 15.00
CA GLY B 175 -0.94 -22.21 14.73
C GLY B 175 -0.05 -22.35 15.93
N LEU B 176 -0.47 -21.85 17.10
CA LEU B 176 0.35 -21.94 18.29
C LEU B 176 0.34 -23.35 18.88
N LEU B 177 -0.81 -24.01 18.89
CA LEU B 177 -0.98 -25.29 19.58
C LEU B 177 -0.81 -26.47 18.61
N VAL B 178 0.36 -26.53 17.97
CA VAL B 178 0.65 -27.59 17.02
C VAL B 178 0.74 -28.94 17.72
N ASN B 179 1.31 -28.95 18.94
CA ASN B 179 1.57 -30.21 19.63
C ASN B 179 0.30 -30.97 20.00
N PHE B 180 -0.83 -30.28 20.14
CA PHE B 180 -2.06 -30.90 20.59
C PHE B 180 -2.98 -31.32 19.45
N HIS B 181 -2.55 -31.17 18.20
CA HIS B 181 -3.39 -31.54 17.07
C HIS B 181 -3.77 -33.03 17.06
N PRO B 182 -2.87 -33.98 17.32
CA PRO B 182 -3.32 -35.38 17.41
C PRO B 182 -4.43 -35.58 18.43
N SER B 183 -4.32 -34.97 19.60
CA SER B 183 -5.35 -35.13 20.63
C SER B 183 -6.66 -34.49 20.20
N ILE B 184 -6.59 -33.31 19.57
CA ILE B 184 -7.80 -32.65 19.09
C ILE B 184 -8.50 -33.52 18.05
N LEU B 185 -7.75 -34.07 17.11
CA LEU B 185 -8.35 -34.93 16.10
C LEU B 185 -8.95 -36.19 16.73
N THR B 186 -8.23 -36.78 17.69
CA THR B 186 -8.70 -38.01 18.32
C THR B 186 -9.99 -37.76 19.10
N CYS B 187 -10.11 -36.60 19.74
CA CYS B 187 -11.34 -36.31 20.46
C CYS B 187 -12.48 -35.91 19.53
N LEU B 188 -12.17 -35.24 18.42
CA LEU B 188 -13.20 -34.76 17.51
C LEU B 188 -13.81 -35.89 16.69
N LEU B 189 -12.99 -36.82 16.20
CA LEU B 189 -13.47 -37.80 15.23
C LEU B 189 -14.65 -38.65 15.70
N PRO B 190 -14.66 -39.21 16.92
CA PRO B 190 -15.81 -40.05 17.31
C PRO B 190 -17.12 -39.30 17.42
N GLN B 191 -17.09 -37.97 17.49
CA GLN B 191 -18.31 -37.19 17.67
C GLN B 191 -19.11 -37.03 16.39
N LEU B 192 -18.61 -37.51 15.25
CA LEU B 192 -19.35 -37.50 14.00
C LEU B 192 -20.36 -38.62 13.91
N THR B 193 -20.68 -39.26 15.04
CA THR B 193 -21.62 -40.37 15.09
C THR B 193 -22.68 -40.15 16.17
N SER B 194 -22.58 -39.06 16.94
CA SER B 194 -23.48 -38.84 18.06
C SER B 194 -24.93 -38.75 17.60
N PRO B 195 -25.88 -39.17 18.43
CA PRO B 195 -27.30 -39.10 18.03
C PRO B 195 -27.81 -37.69 17.77
N ARG B 196 -27.15 -36.67 18.31
CA ARG B 196 -27.58 -35.29 18.11
C ARG B 196 -26.87 -34.69 16.89
N LEU B 197 -27.65 -34.08 16.00
CA LEU B 197 -27.08 -33.53 14.77
C LEU B 197 -26.30 -32.24 15.03
N ALA B 198 -26.68 -31.50 16.07
CA ALA B 198 -25.96 -30.27 16.41
C ALA B 198 -24.51 -30.56 16.75
N VAL B 199 -24.27 -31.64 17.49
CA VAL B 199 -22.90 -32.04 17.81
C VAL B 199 -22.13 -32.33 16.53
N ARG B 200 -22.77 -33.01 15.58
CA ARG B 200 -22.11 -33.32 14.31
C ARG B 200 -21.74 -32.06 13.55
N LYS B 201 -22.66 -31.09 13.51
CA LYS B 201 -22.38 -29.85 12.79
C LYS B 201 -21.23 -29.07 13.43
N ARG B 202 -21.25 -28.97 14.77
CA ARG B 202 -20.15 -28.27 15.45
C ARG B 202 -18.83 -28.99 15.24
N THR B 203 -18.85 -30.33 15.23
CA THR B 203 -17.64 -31.09 14.97
C THR B 203 -17.11 -30.82 13.57
N ILE B 204 -18.00 -30.72 12.59
CA ILE B 204 -17.57 -30.44 11.23
C ILE B 204 -16.91 -29.06 11.14
N ILE B 205 -17.50 -28.07 11.80
CA ILE B 205 -16.92 -26.73 11.80
C ILE B 205 -15.53 -26.76 12.43
N ALA B 206 -15.41 -27.44 13.57
CA ALA B 206 -14.13 -27.52 14.26
C ALA B 206 -13.09 -28.25 13.41
N LEU B 207 -13.51 -29.29 12.69
CA LEU B 207 -12.58 -30.03 11.84
C LEU B 207 -12.05 -29.17 10.70
N GLY B 208 -12.92 -28.36 10.09
CA GLY B 208 -12.45 -27.44 9.07
C GLY B 208 -11.46 -26.43 9.61
N HIS B 209 -11.77 -25.86 10.78
CA HIS B 209 -10.84 -24.91 11.38
C HIS B 209 -9.50 -25.57 11.72
N LEU B 210 -9.54 -26.85 12.15
CA LEU B 210 -8.32 -27.58 12.42
C LEU B 210 -7.51 -27.81 11.14
N VAL B 211 -8.20 -28.15 10.04
CA VAL B 211 -7.50 -28.36 8.78
C VAL B 211 -6.79 -27.10 8.33
N MET B 212 -7.37 -25.93 8.63
CA MET B 212 -6.67 -24.67 8.31
C MET B 212 -5.25 -24.60 8.87
N SER B 213 -5.04 -25.10 10.09
CA SER B 213 -3.69 -25.06 10.68
C SER B 213 -3.40 -26.45 11.24
N CYS B 214 -2.67 -27.25 10.47
CA CYS B 214 -2.35 -28.61 10.91
C CYS B 214 -1.18 -29.13 10.09
N GLY B 215 -0.56 -30.20 10.61
CA GLY B 215 0.50 -30.87 9.89
C GLY B 215 -0.02 -31.83 8.84
N ASN B 216 0.91 -32.40 8.09
CA ASN B 216 0.54 -33.33 7.03
C ASN B 216 0.09 -34.69 7.58
N ILE B 217 0.62 -35.11 8.73
CA ILE B 217 0.28 -36.42 9.27
C ILE B 217 -1.19 -36.47 9.65
N VAL B 218 -1.66 -35.45 10.38
CA VAL B 218 -3.05 -35.44 10.84
C VAL B 218 -4.01 -35.31 9.68
N PHE B 219 -3.63 -34.57 8.63
CA PHE B 219 -4.50 -34.43 7.46
C PHE B 219 -4.71 -35.79 6.78
N VAL B 220 -3.62 -36.55 6.59
CA VAL B 220 -3.76 -37.87 5.99
C VAL B 220 -4.52 -38.81 6.91
N ASP B 221 -4.32 -38.68 8.23
CA ASP B 221 -5.08 -39.50 9.17
C ASP B 221 -6.57 -39.25 9.04
N LEU B 222 -6.96 -37.98 8.98
CA LEU B 222 -8.38 -37.64 8.86
C LEU B 222 -8.95 -38.12 7.53
N ILE B 223 -8.22 -37.92 6.44
CA ILE B 223 -8.72 -38.33 5.13
C ILE B 223 -8.86 -39.85 5.06
N GLU B 224 -7.87 -40.58 5.57
CA GLU B 224 -7.93 -42.03 5.56
C GLU B 224 -9.08 -42.54 6.43
N HIS B 225 -9.29 -41.92 7.60
CA HIS B 225 -10.40 -42.33 8.44
C HIS B 225 -11.73 -42.09 7.74
N LEU B 226 -11.89 -40.95 7.09
CA LEU B 226 -13.14 -40.67 6.37
C LEU B 226 -13.35 -41.66 5.24
N LEU B 227 -12.29 -41.97 4.48
CA LEU B 227 -12.42 -42.91 3.38
C LEU B 227 -12.79 -44.30 3.88
N SER B 228 -12.15 -44.74 4.97
CA SER B 228 -12.46 -46.05 5.54
C SER B 228 -13.90 -46.10 6.04
N GLU B 229 -14.36 -45.03 6.70
CA GLU B 229 -15.72 -45.02 7.21
C GLU B 229 -16.75 -44.98 6.09
N LEU B 230 -16.42 -44.31 4.98
CA LEU B 230 -17.33 -44.32 3.83
C LEU B 230 -17.33 -45.67 3.11
N SER B 231 -16.19 -46.37 3.10
CA SER B 231 -16.10 -47.65 2.41
C SER B 231 -17.04 -48.69 2.99
N LYS B 232 -17.41 -48.54 4.26
CA LYS B 232 -18.39 -49.41 4.90
C LYS B 232 -19.65 -48.59 5.20
N ASN B 233 -20.80 -49.09 4.77
CA ASN B 233 -22.06 -48.37 4.94
C ASN B 233 -22.78 -48.95 6.15
N ASP B 234 -22.38 -48.49 7.34
CA ASP B 234 -22.97 -48.99 8.56
C ASP B 234 -24.39 -48.48 8.75
N SER B 235 -24.62 -47.20 8.49
CA SER B 235 -25.94 -46.61 8.67
C SER B 235 -26.15 -45.53 7.62
N MET B 236 -27.42 -45.28 7.31
CA MET B 236 -27.75 -44.22 6.35
C MET B 236 -27.41 -42.84 6.91
N SER B 237 -27.66 -42.63 8.21
CA SER B 237 -27.47 -41.32 8.80
C SER B 237 -26.00 -40.90 8.79
N THR B 238 -25.09 -41.82 9.09
CA THR B 238 -23.69 -41.45 9.19
C THR B 238 -23.07 -41.16 7.84
N THR B 239 -23.53 -41.83 6.78
CA THR B 239 -22.98 -41.60 5.45
C THR B 239 -23.20 -40.16 5.00
N ARG B 240 -24.39 -39.61 5.28
CA ARG B 240 -24.65 -38.21 4.97
C ARG B 240 -23.69 -37.30 5.72
N THR B 241 -23.44 -37.59 7.00
CA THR B 241 -22.52 -36.78 7.78
C THR B 241 -21.11 -36.84 7.21
N TYR B 242 -20.67 -38.02 6.78
CA TYR B 242 -19.32 -38.14 6.22
C TYR B 242 -19.21 -37.40 4.89
N ILE B 243 -20.25 -37.48 4.05
CA ILE B 243 -20.24 -36.75 2.79
C ILE B 243 -20.21 -35.24 3.04
N GLN B 244 -21.00 -34.77 4.01
CA GLN B 244 -20.98 -33.35 4.35
C GLN B 244 -19.62 -32.93 4.89
N CYS B 245 -18.99 -33.78 5.69
CA CYS B 245 -17.66 -33.47 6.21
C CYS B 245 -16.63 -33.38 5.09
N ILE B 246 -16.71 -34.30 4.12
CA ILE B 246 -15.80 -34.23 2.98
C ILE B 246 -16.02 -32.96 2.18
N ALA B 247 -17.29 -32.59 1.97
CA ALA B 247 -17.58 -31.35 1.24
C ALA B 247 -17.05 -30.14 1.97
N ALA B 248 -17.23 -30.10 3.30
CA ALA B 248 -16.73 -28.97 4.09
C ALA B 248 -15.21 -28.89 4.04
N ILE B 249 -14.53 -30.03 4.17
CA ILE B 249 -13.07 -30.05 4.12
C ILE B 249 -12.58 -29.56 2.77
N SER B 250 -13.21 -30.02 1.69
CA SER B 250 -12.84 -29.57 0.35
C SER B 250 -13.08 -28.07 0.19
N ARG B 251 -14.23 -27.59 0.67
CA ARG B 251 -14.56 -26.17 0.53
C ARG B 251 -13.61 -25.30 1.33
N GLN B 252 -13.10 -25.80 2.46
CA GLN B 252 -12.33 -24.99 3.37
C GLN B 252 -10.84 -25.04 3.03
N ALA B 253 -10.30 -26.23 2.77
CA ALA B 253 -8.87 -26.38 2.47
C ALA B 253 -8.58 -26.08 1.01
N GLY B 254 -9.12 -26.89 0.10
CA GLY B 254 -8.89 -26.68 -1.31
C GLY B 254 -7.76 -27.50 -1.90
N HIS B 255 -6.57 -26.90 -1.99
CA HIS B 255 -5.45 -27.53 -2.70
C HIS B 255 -5.02 -28.84 -2.04
N ARG B 256 -5.12 -28.94 -0.71
CA ARG B 256 -4.58 -30.10 -0.01
C ARG B 256 -5.37 -31.38 -0.28
N ILE B 257 -6.63 -31.27 -0.71
CA ILE B 257 -7.46 -32.45 -0.92
C ILE B 257 -7.44 -32.92 -2.37
N GLY B 258 -6.79 -32.17 -3.26
CA GLY B 258 -6.79 -32.52 -4.67
C GLY B 258 -6.12 -33.85 -4.96
N GLU B 259 -5.13 -34.23 -4.15
CA GLU B 259 -4.40 -35.47 -4.41
C GLU B 259 -5.23 -36.73 -4.14
N TYR B 260 -6.37 -36.60 -3.45
CA TYR B 260 -7.16 -37.76 -3.06
C TYR B 260 -8.45 -37.89 -3.86
N LEU B 261 -8.66 -37.04 -4.87
CA LEU B 261 -9.91 -37.09 -5.62
C LEU B 261 -10.06 -38.40 -6.39
N GLU B 262 -8.94 -38.97 -6.85
CA GLU B 262 -9.00 -40.21 -7.61
C GLU B 262 -9.64 -41.33 -6.80
N LYS B 263 -9.52 -41.29 -5.48
CA LYS B 263 -10.18 -42.25 -4.60
C LYS B 263 -11.51 -41.76 -4.05
N ILE B 264 -11.65 -40.45 -3.84
CA ILE B 264 -12.89 -39.92 -3.26
C ILE B 264 -14.03 -40.00 -4.26
N ILE B 265 -13.78 -39.62 -5.52
CA ILE B 265 -14.87 -39.44 -6.48
C ILE B 265 -15.65 -40.73 -6.75
N PRO B 266 -15.00 -41.89 -6.97
CA PRO B 266 -15.80 -43.10 -7.21
C PRO B 266 -16.76 -43.46 -6.08
N LEU B 267 -16.38 -43.19 -4.82
CA LEU B 267 -17.29 -43.44 -3.71
C LEU B 267 -18.53 -42.58 -3.81
N VAL B 268 -18.36 -41.28 -4.10
CA VAL B 268 -19.49 -40.38 -4.23
C VAL B 268 -20.35 -40.77 -5.43
N VAL B 269 -19.71 -41.21 -6.51
CA VAL B 269 -20.47 -41.67 -7.67
C VAL B 269 -21.31 -42.87 -7.32
N LYS B 270 -20.74 -43.82 -6.58
CA LYS B 270 -21.51 -44.98 -6.15
C LYS B 270 -22.66 -44.59 -5.25
N PHE B 271 -22.45 -43.61 -4.37
CA PHE B 271 -23.52 -43.18 -3.47
C PHE B 271 -24.58 -42.35 -4.18
N CYS B 272 -24.26 -41.76 -5.34
CA CYS B 272 -25.25 -40.96 -6.06
C CYS B 272 -26.44 -41.79 -6.52
N ASN B 273 -26.22 -43.08 -6.77
CA ASN B 273 -27.26 -43.94 -7.35
C ASN B 273 -28.18 -44.55 -6.30
N VAL B 274 -27.98 -44.26 -5.02
CA VAL B 274 -28.86 -44.77 -3.98
C VAL B 274 -30.15 -43.97 -3.98
N ASP B 275 -31.28 -44.66 -3.78
CA ASP B 275 -32.60 -44.04 -3.82
C ASP B 275 -32.87 -43.35 -2.49
N ASP B 276 -32.27 -42.16 -2.34
CA ASP B 276 -32.48 -41.33 -1.16
C ASP B 276 -32.31 -39.88 -1.57
N ASP B 277 -33.35 -39.07 -1.34
CA ASP B 277 -33.32 -37.68 -1.78
C ASP B 277 -32.24 -36.89 -1.06
N GLU B 278 -32.11 -37.08 0.25
CA GLU B 278 -31.12 -36.31 1.02
C GLU B 278 -29.69 -36.65 0.61
N LEU B 279 -29.42 -37.93 0.34
CA LEU B 279 -28.06 -38.34 0.00
C LEU B 279 -27.61 -37.75 -1.33
N ARG B 280 -28.50 -37.73 -2.32
CA ARG B 280 -28.11 -37.24 -3.64
C ARG B 280 -27.72 -35.77 -3.60
N GLU B 281 -28.47 -34.95 -2.85
CA GLU B 281 -28.18 -33.53 -2.78
C GLU B 281 -26.79 -33.26 -2.21
N TYR B 282 -26.43 -33.98 -1.14
CA TYR B 282 -25.11 -33.80 -0.55
C TYR B 282 -24.02 -34.24 -1.52
N CYS B 283 -24.26 -35.31 -2.28
CA CYS B 283 -23.27 -35.77 -3.24
C CYS B 283 -23.04 -34.74 -4.34
N ILE B 284 -24.11 -34.16 -4.87
CA ILE B 284 -23.96 -33.15 -5.91
C ILE B 284 -23.28 -31.90 -5.35
N GLN B 285 -23.59 -31.54 -4.10
CA GLN B 285 -22.92 -30.41 -3.48
C GLN B 285 -21.42 -30.67 -3.32
N ALA B 286 -21.06 -31.90 -2.97
CA ALA B 286 -19.65 -32.27 -2.89
C ALA B 286 -18.99 -32.17 -4.26
N PHE B 287 -19.69 -32.62 -5.30
CA PHE B 287 -19.16 -32.47 -6.67
C PHE B 287 -18.92 -31.00 -7.01
N GLU B 288 -19.86 -30.13 -6.64
CA GLU B 288 -19.69 -28.70 -6.90
C GLU B 288 -18.50 -28.14 -6.14
N SER B 289 -18.33 -28.56 -4.88
CA SER B 289 -17.19 -28.09 -4.10
C SER B 289 -15.88 -28.53 -4.73
N PHE B 290 -15.80 -29.78 -5.19
CA PHE B 290 -14.60 -30.25 -5.87
C PHE B 290 -14.33 -29.45 -7.13
N VAL B 291 -15.39 -29.16 -7.90
CA VAL B 291 -15.22 -28.41 -9.14
C VAL B 291 -14.70 -27.01 -8.85
N ARG B 292 -15.24 -26.36 -7.82
CA ARG B 292 -14.91 -24.96 -7.58
C ARG B 292 -13.55 -24.78 -6.91
N ARG B 293 -13.31 -25.49 -5.80
CA ARG B 293 -12.16 -25.17 -4.96
C ARG B 293 -10.85 -25.64 -5.58
N CYS B 294 -10.82 -26.85 -6.13
CA CYS B 294 -9.60 -27.41 -6.72
C CYS B 294 -9.80 -27.60 -8.22
N PRO B 295 -9.30 -26.70 -9.06
CA PRO B 295 -9.58 -26.78 -10.50
C PRO B 295 -8.70 -27.79 -11.23
N LYS B 296 -7.44 -27.94 -10.81
CA LYS B 296 -6.49 -28.68 -11.62
C LYS B 296 -6.71 -30.19 -11.54
N GLU B 297 -7.09 -30.70 -10.36
CA GLU B 297 -7.18 -32.15 -10.18
C GLU B 297 -8.53 -32.74 -10.57
N VAL B 298 -9.48 -31.92 -11.02
CA VAL B 298 -10.80 -32.40 -11.40
C VAL B 298 -10.95 -32.53 -12.91
N TYR B 299 -9.92 -32.19 -13.68
CA TYR B 299 -9.98 -32.31 -15.13
C TYR B 299 -10.42 -33.69 -15.64
N PRO B 300 -9.91 -34.82 -15.12
CA PRO B 300 -10.38 -36.12 -15.63
C PRO B 300 -11.84 -36.43 -15.32
N HIS B 301 -12.45 -35.78 -14.33
CA HIS B 301 -13.78 -36.17 -13.87
C HIS B 301 -14.87 -35.19 -14.25
N VAL B 302 -14.56 -34.19 -15.06
CA VAL B 302 -15.59 -33.23 -15.47
C VAL B 302 -16.67 -33.93 -16.30
N SER B 303 -16.27 -34.91 -17.11
CA SER B 303 -17.25 -35.60 -17.95
C SER B 303 -18.28 -36.34 -17.10
N THR B 304 -17.82 -37.12 -16.11
CA THR B 304 -18.76 -37.86 -15.29
C THR B 304 -19.57 -36.95 -14.38
N ILE B 305 -18.96 -35.87 -13.88
CA ILE B 305 -19.72 -34.91 -13.08
C ILE B 305 -20.85 -34.30 -13.93
N ILE B 306 -20.52 -33.89 -15.16
CA ILE B 306 -21.53 -33.31 -16.04
C ILE B 306 -22.63 -34.31 -16.35
N ASN B 307 -22.25 -35.56 -16.60
CA ASN B 307 -23.25 -36.57 -16.93
C ASN B 307 -24.19 -36.83 -15.76
N ILE B 308 -23.65 -36.91 -14.54
CA ILE B 308 -24.50 -37.10 -13.37
C ILE B 308 -25.43 -35.91 -13.18
N CYS B 309 -24.90 -34.70 -13.35
CA CYS B 309 -25.74 -33.50 -13.20
C CYS B 309 -26.85 -33.47 -14.23
N LEU B 310 -26.55 -33.82 -15.48
CA LEU B 310 -27.58 -33.85 -16.51
C LEU B 310 -28.60 -34.94 -16.24
N LYS B 311 -28.16 -36.08 -15.73
CA LYS B 311 -29.09 -37.17 -15.42
C LYS B 311 -30.06 -36.77 -14.32
N TYR B 312 -29.58 -36.10 -13.28
CA TYR B 312 -30.42 -35.78 -12.13
C TYR B 312 -31.00 -34.37 -12.19
N LEU B 313 -30.79 -33.63 -13.27
CA LEU B 313 -31.40 -32.31 -13.38
C LEU B 313 -32.90 -32.42 -13.66
N THR B 314 -33.32 -33.48 -14.33
CA THR B 314 -34.72 -33.69 -14.69
C THR B 314 -35.40 -34.71 -13.79
N TYR B 315 -34.99 -34.80 -12.53
CA TYR B 315 -35.51 -35.82 -11.62
C TYR B 315 -36.82 -35.34 -11.01
N ASP B 316 -37.92 -35.99 -11.39
CA ASP B 316 -39.23 -35.71 -10.86
C ASP B 316 -40.12 -36.93 -11.07
N PRO B 317 -40.21 -37.84 -10.10
CA PRO B 317 -40.92 -39.11 -10.33
C PRO B 317 -42.43 -38.98 -10.28
N ASN B 318 -42.96 -38.10 -9.43
CA ASN B 318 -44.39 -38.01 -9.19
C ASN B 318 -45.06 -36.95 -10.07
N TYR B 319 -44.51 -36.68 -11.25
CA TYR B 319 -45.10 -35.68 -12.14
C TYR B 319 -44.61 -35.94 -13.57
N ASN B 320 -45.51 -35.76 -14.52
CA ASN B 320 -45.19 -35.89 -15.94
C ASN B 320 -45.72 -34.67 -16.69
N TYR B 321 -44.97 -34.22 -17.69
CA TYR B 321 -45.34 -33.05 -18.46
C TYR B 321 -46.24 -33.43 -19.64
N MET B 353 -39.91 -33.80 -1.85
CA MET B 353 -38.69 -33.02 -1.69
C MET B 353 -37.69 -33.32 -2.80
N SER B 354 -38.20 -33.56 -4.00
CA SER B 354 -37.37 -33.90 -5.14
C SER B 354 -36.86 -32.67 -5.89
N TRP B 355 -37.23 -31.46 -5.46
CA TRP B 355 -36.71 -30.27 -6.12
C TRP B 355 -35.34 -29.87 -5.60
N LYS B 356 -34.94 -30.35 -4.42
CA LYS B 356 -33.63 -30.01 -3.89
C LYS B 356 -32.52 -30.61 -4.74
N VAL B 357 -32.70 -31.85 -5.21
CA VAL B 357 -31.70 -32.47 -6.07
C VAL B 357 -31.62 -31.75 -7.40
N ARG B 358 -32.75 -31.25 -7.91
CA ARG B 358 -32.75 -30.47 -9.14
C ARG B 358 -32.00 -29.15 -8.95
N ARG B 359 -32.24 -28.47 -7.83
CA ARG B 359 -31.48 -27.26 -7.52
C ARG B 359 -30.00 -27.55 -7.46
N ALA B 360 -29.61 -28.62 -6.78
CA ALA B 360 -28.21 -28.96 -6.65
C ALA B 360 -27.57 -29.26 -7.99
N ALA B 361 -28.27 -30.02 -8.83
CA ALA B 361 -27.73 -30.35 -10.16
C ALA B 361 -27.55 -29.10 -11.01
N ALA B 362 -28.53 -28.21 -11.01
CA ALA B 362 -28.42 -26.99 -11.80
C ALA B 362 -27.29 -26.10 -11.28
N LYS B 363 -27.15 -26.00 -9.95
CA LYS B 363 -26.06 -25.21 -9.39
C LYS B 363 -24.70 -25.80 -9.74
N CYS B 364 -24.59 -27.14 -9.73
CA CYS B 364 -23.33 -27.78 -10.10
C CYS B 364 -23.00 -27.54 -11.57
N LEU B 365 -24.01 -27.59 -12.44
CA LEU B 365 -23.78 -27.27 -13.84
C LEU B 365 -23.33 -25.82 -14.00
N ASP B 366 -23.93 -24.91 -13.24
CA ASP B 366 -23.50 -23.51 -13.26
C ASP B 366 -22.03 -23.39 -12.84
N ALA B 367 -21.65 -24.09 -11.77
CA ALA B 367 -20.26 -24.04 -11.31
C ALA B 367 -19.31 -24.60 -12.35
N VAL B 368 -19.70 -25.69 -13.01
CA VAL B 368 -18.84 -26.29 -14.03
C VAL B 368 -18.65 -25.33 -15.19
N VAL B 369 -19.74 -24.70 -15.65
CA VAL B 369 -19.66 -23.82 -16.81
C VAL B 369 -18.86 -22.56 -16.48
N SER B 370 -19.06 -22.01 -15.28
CA SER B 370 -18.49 -20.71 -14.94
C SER B 370 -16.98 -20.73 -14.76
N THR B 371 -16.35 -21.89 -14.69
CA THR B 371 -14.93 -21.97 -14.40
C THR B 371 -14.10 -22.61 -15.51
N ARG B 372 -14.71 -23.33 -16.44
CA ARG B 372 -13.99 -24.01 -17.52
C ARG B 372 -14.21 -23.24 -18.81
N HIS B 373 -13.15 -22.62 -19.33
CA HIS B 373 -13.24 -21.85 -20.56
C HIS B 373 -12.95 -22.68 -21.81
N GLU B 374 -12.16 -23.75 -21.68
CA GLU B 374 -11.81 -24.57 -22.82
C GLU B 374 -12.88 -25.61 -23.17
N MET B 375 -13.91 -25.73 -22.34
CA MET B 375 -14.96 -26.73 -22.53
C MET B 375 -16.12 -26.22 -23.37
N LEU B 376 -16.00 -25.01 -23.93
CA LEU B 376 -17.13 -24.38 -24.60
C LEU B 376 -17.72 -25.17 -25.77
N PRO B 377 -16.93 -25.78 -26.66
CA PRO B 377 -17.57 -26.55 -27.76
C PRO B 377 -18.50 -27.65 -27.27
N GLU B 378 -18.02 -28.56 -26.42
CA GLU B 378 -18.91 -29.58 -25.90
C GLU B 378 -19.96 -29.02 -24.95
N PHE B 379 -19.71 -27.86 -24.32
CA PHE B 379 -20.77 -27.19 -23.59
C PHE B 379 -21.95 -26.89 -24.51
N TYR B 380 -21.70 -26.20 -25.63
CA TYR B 380 -22.78 -25.92 -26.56
C TYR B 380 -23.28 -27.18 -27.26
N LYS B 381 -22.49 -28.26 -27.24
CA LYS B 381 -22.94 -29.51 -27.83
C LYS B 381 -23.98 -30.20 -26.95
N THR B 382 -23.77 -30.23 -25.63
CA THR B 382 -24.64 -31.04 -24.77
C THR B 382 -25.36 -30.29 -23.67
N VAL B 383 -24.70 -29.34 -22.99
CA VAL B 383 -25.31 -28.72 -21.81
C VAL B 383 -26.44 -27.79 -22.22
N SER B 384 -26.24 -26.99 -23.26
CA SER B 384 -27.20 -25.96 -23.63
C SER B 384 -28.58 -26.52 -23.99
N PRO B 385 -28.71 -27.55 -24.84
CA PRO B 385 -30.07 -28.04 -25.15
C PRO B 385 -30.83 -28.52 -23.93
N ALA B 386 -30.16 -29.15 -22.97
CA ALA B 386 -30.84 -29.62 -21.77
C ALA B 386 -31.41 -28.45 -20.97
N LEU B 387 -30.62 -27.40 -20.79
CA LEU B 387 -31.10 -26.24 -20.05
C LEU B 387 -32.25 -25.55 -20.79
N ILE B 388 -32.13 -25.42 -22.11
CA ILE B 388 -33.20 -24.80 -22.88
C ILE B 388 -34.49 -25.61 -22.74
N SER B 389 -34.40 -26.93 -22.81
CA SER B 389 -35.57 -27.77 -22.62
C SER B 389 -36.09 -27.71 -21.20
N ARG B 390 -35.24 -27.39 -20.22
CA ARG B 390 -35.64 -27.29 -18.83
C ARG B 390 -36.01 -25.88 -18.41
N PHE B 391 -36.08 -24.94 -19.36
CA PHE B 391 -36.64 -23.62 -19.04
C PHE B 391 -38.08 -23.70 -18.58
N LYS B 392 -38.78 -24.81 -18.84
CA LYS B 392 -40.19 -24.96 -18.50
C LYS B 392 -40.40 -25.62 -17.14
N GLU B 393 -39.44 -25.50 -16.22
CA GLU B 393 -39.57 -26.11 -14.91
C GLU B 393 -40.78 -25.55 -14.17
N ARG B 394 -41.48 -26.43 -13.45
CA ARG B 394 -42.69 -26.04 -12.75
C ARG B 394 -42.42 -25.46 -11.36
N GLU B 395 -41.17 -25.47 -10.91
CA GLU B 395 -40.79 -24.88 -9.64
C GLU B 395 -40.03 -23.58 -9.90
N GLU B 396 -40.42 -22.51 -9.22
CA GLU B 396 -39.87 -21.19 -9.53
C GLU B 396 -38.39 -21.11 -9.20
N ASN B 397 -37.96 -21.70 -8.08
CA ASN B 397 -36.57 -21.60 -7.67
C ASN B 397 -35.64 -22.37 -8.62
N VAL B 398 -36.04 -23.58 -9.01
CA VAL B 398 -35.23 -24.35 -9.95
C VAL B 398 -35.15 -23.65 -11.30
N LYS B 399 -36.27 -23.06 -11.73
CA LYS B 399 -36.27 -22.30 -12.98
C LYS B 399 -35.32 -21.11 -12.89
N ALA B 400 -35.33 -20.40 -11.77
CA ALA B 400 -34.41 -19.29 -11.60
C ALA B 400 -32.97 -19.76 -11.64
N ASP B 401 -32.68 -20.91 -11.04
CA ASP B 401 -31.29 -21.36 -10.97
C ASP B 401 -30.79 -21.85 -12.33
N VAL B 402 -31.66 -22.51 -13.11
CA VAL B 402 -31.26 -22.91 -14.45
C VAL B 402 -31.09 -21.69 -15.35
N PHE B 403 -31.92 -20.66 -15.16
CA PHE B 403 -31.73 -19.42 -15.89
C PHE B 403 -30.39 -18.79 -15.54
N HIS B 404 -30.01 -18.81 -14.26
CA HIS B 404 -28.72 -18.27 -13.85
C HIS B 404 -27.58 -19.07 -14.46
N ALA B 405 -27.73 -20.40 -14.53
CA ALA B 405 -26.70 -21.22 -15.14
C ALA B 405 -26.51 -20.87 -16.62
N TYR B 406 -27.60 -20.71 -17.35
CA TYR B 406 -27.44 -20.40 -18.77
C TYR B 406 -26.91 -18.97 -18.96
N LEU B 407 -27.26 -18.07 -18.04
CA LEU B 407 -26.67 -16.73 -18.06
C LEU B 407 -25.17 -16.79 -17.87
N SER B 408 -24.70 -17.63 -16.96
CA SER B 408 -23.26 -17.81 -16.78
C SER B 408 -22.62 -18.38 -18.04
N LEU B 409 -23.31 -19.30 -18.71
CA LEU B 409 -22.80 -19.82 -19.98
C LEU B 409 -22.67 -18.71 -21.01
N LEU B 410 -23.68 -17.85 -21.11
CA LEU B 410 -23.61 -16.72 -22.05
C LEU B 410 -22.46 -15.79 -21.70
N LYS B 411 -22.26 -15.52 -20.41
CA LYS B 411 -21.16 -14.65 -20.00
C LYS B 411 -19.80 -15.28 -20.36
N GLN B 412 -19.68 -16.60 -20.20
CA GLN B 412 -18.46 -17.29 -20.58
C GLN B 412 -18.26 -17.32 -22.09
N THR B 413 -19.34 -17.20 -22.87
CA THR B 413 -19.21 -17.30 -24.33
C THR B 413 -18.33 -16.20 -24.90
N ARG B 414 -18.26 -15.04 -24.27
CA ARG B 414 -17.42 -13.96 -24.77
C ARG B 414 -15.94 -14.37 -24.83
N THR B 431 -16.46 -22.25 -33.90
CA THR B 431 -16.43 -21.17 -32.91
C THR B 431 -17.72 -21.14 -32.11
N PRO B 432 -17.64 -20.78 -30.82
CA PRO B 432 -18.84 -20.77 -29.98
C PRO B 432 -19.93 -19.85 -30.48
N LEU B 433 -19.57 -18.73 -31.13
CA LEU B 433 -20.58 -17.79 -31.60
C LEU B 433 -21.49 -18.42 -32.64
N THR B 434 -20.93 -19.22 -33.55
CA THR B 434 -21.75 -19.88 -34.57
C THR B 434 -22.72 -20.86 -33.92
N MET B 435 -22.27 -21.63 -32.94
CA MET B 435 -23.15 -22.57 -32.26
C MET B 435 -24.25 -21.84 -31.50
N LEU B 436 -23.92 -20.71 -30.87
CA LEU B 436 -24.94 -19.91 -30.19
C LEU B 436 -25.97 -19.39 -31.19
N GLN B 437 -25.51 -18.91 -32.34
CA GLN B 437 -26.42 -18.42 -33.36
C GLN B 437 -27.33 -19.54 -33.86
N SER B 438 -26.78 -20.75 -34.01
CA SER B 438 -27.61 -21.89 -34.40
C SER B 438 -28.63 -22.25 -33.33
N GLN B 439 -28.28 -22.07 -32.06
CA GLN B 439 -29.19 -22.39 -30.96
C GLN B 439 -30.21 -21.30 -30.66
N VAL B 440 -30.03 -20.09 -31.22
CA VAL B 440 -30.92 -18.98 -30.91
C VAL B 440 -32.41 -19.31 -31.12
N PRO B 441 -32.84 -19.92 -32.23
CA PRO B 441 -34.28 -20.15 -32.42
C PRO B 441 -34.93 -20.94 -31.29
N ASN B 442 -34.25 -21.95 -30.77
CA ASN B 442 -34.80 -22.70 -29.64
C ASN B 442 -34.94 -21.82 -28.41
N ILE B 443 -33.96 -20.93 -28.17
CA ILE B 443 -34.05 -20.01 -27.05
C ILE B 443 -35.27 -19.12 -27.19
N VAL B 444 -35.50 -18.59 -28.40
CA VAL B 444 -36.64 -17.69 -28.60
C VAL B 444 -37.95 -18.45 -28.43
N LYS B 445 -38.03 -19.66 -28.97
CA LYS B 445 -39.25 -20.46 -28.83
C LYS B 445 -39.52 -20.82 -27.37
N ALA B 446 -38.47 -21.05 -26.59
CA ALA B 446 -38.66 -21.33 -25.16
C ALA B 446 -39.09 -20.08 -24.41
N LEU B 447 -38.53 -18.91 -24.77
CA LEU B 447 -38.84 -17.69 -24.04
C LEU B 447 -40.24 -17.16 -24.35
N HIS B 448 -40.75 -17.42 -25.56
CA HIS B 448 -42.07 -16.91 -25.93
C HIS B 448 -43.15 -17.47 -25.00
N LYS B 449 -42.99 -18.72 -24.56
CA LYS B 449 -43.97 -19.30 -23.65
C LYS B 449 -43.83 -18.74 -22.24
N GLN B 450 -42.59 -18.50 -21.79
CA GLN B 450 -42.36 -18.01 -20.44
C GLN B 450 -42.72 -16.54 -20.26
N MET B 451 -42.68 -15.75 -21.33
CA MET B 451 -42.96 -14.32 -21.19
C MET B 451 -44.41 -14.02 -20.84
N LYS B 452 -45.33 -14.98 -20.97
CA LYS B 452 -46.72 -14.75 -20.67
C LYS B 452 -47.14 -15.32 -19.32
N GLU B 453 -46.18 -15.69 -18.47
CA GLU B 453 -46.50 -16.19 -17.15
C GLU B 453 -46.97 -15.06 -16.24
N LYS B 454 -47.53 -15.44 -15.10
CA LYS B 454 -48.04 -14.48 -14.12
C LYS B 454 -47.02 -14.13 -13.05
N SER B 455 -45.82 -14.68 -13.11
CA SER B 455 -44.79 -14.45 -12.11
C SER B 455 -43.85 -13.35 -12.59
N VAL B 456 -43.54 -12.41 -11.71
CA VAL B 456 -42.65 -11.31 -12.05
C VAL B 456 -41.22 -11.81 -12.21
N LYS B 457 -40.79 -12.74 -11.36
CA LYS B 457 -39.41 -13.21 -11.38
C LYS B 457 -39.07 -13.91 -12.69
N THR B 458 -39.99 -14.73 -13.20
CA THR B 458 -39.74 -15.44 -14.45
C THR B 458 -39.55 -14.46 -15.60
N ARG B 459 -40.42 -13.44 -15.69
CA ARG B 459 -40.31 -12.47 -16.76
C ARG B 459 -39.04 -11.62 -16.61
N GLN B 460 -38.66 -11.31 -15.38
CA GLN B 460 -37.39 -10.60 -15.15
C GLN B 460 -36.22 -11.43 -15.65
N CYS B 461 -36.21 -12.73 -15.36
CA CYS B 461 -35.15 -13.60 -15.84
C CYS B 461 -35.12 -13.65 -17.36
N CYS B 462 -36.28 -13.73 -17.99
CA CYS B 462 -36.35 -13.76 -19.45
C CYS B 462 -35.75 -12.48 -20.05
N PHE B 463 -36.14 -11.32 -19.49
CA PHE B 463 -35.63 -10.06 -20.02
C PHE B 463 -34.12 -9.94 -19.81
N ASN B 464 -33.63 -10.33 -18.64
CA ASN B 464 -32.19 -10.25 -18.38
C ASN B 464 -31.42 -11.16 -19.33
N MET B 465 -31.93 -12.36 -19.58
CA MET B 465 -31.20 -13.28 -20.45
C MET B 465 -31.22 -12.80 -21.90
N LEU B 466 -32.34 -12.20 -22.34
CA LEU B 466 -32.36 -11.62 -23.67
C LEU B 466 -31.36 -10.46 -23.79
N THR B 467 -31.29 -9.62 -22.76
CA THR B 467 -30.33 -8.52 -22.78
C THR B 467 -28.90 -9.03 -22.90
N GLU B 468 -28.56 -10.04 -22.09
CA GLU B 468 -27.21 -10.60 -22.16
C GLU B 468 -26.93 -11.25 -23.51
N LEU B 469 -27.93 -11.96 -24.06
CA LEU B 469 -27.75 -12.60 -25.36
C LEU B 469 -27.50 -11.59 -26.46
N VAL B 470 -28.24 -10.47 -26.44
CA VAL B 470 -28.02 -9.44 -27.45
C VAL B 470 -26.67 -8.77 -27.24
N ASN B 471 -26.26 -8.59 -25.98
CA ASN B 471 -24.94 -8.02 -25.72
C ASN B 471 -23.82 -8.92 -26.21
N VAL B 472 -24.03 -10.24 -26.20
CA VAL B 472 -23.01 -11.14 -26.71
C VAL B 472 -23.04 -11.19 -28.24
N LEU B 473 -24.21 -11.42 -28.82
CA LEU B 473 -24.38 -11.43 -30.26
C LEU B 473 -25.13 -10.17 -30.70
N PRO B 474 -24.46 -9.24 -31.39
CA PRO B 474 -25.14 -7.96 -31.71
C PRO B 474 -26.41 -8.12 -32.52
N GLY B 475 -26.45 -9.03 -33.49
CA GLY B 475 -27.61 -9.14 -34.36
C GLY B 475 -28.34 -10.46 -34.28
N ALA B 476 -28.51 -10.99 -33.07
CA ALA B 476 -29.06 -12.33 -32.89
C ALA B 476 -30.57 -12.40 -33.10
N LEU B 477 -31.29 -11.29 -32.93
CA LEU B 477 -32.74 -11.29 -32.89
C LEU B 477 -33.37 -10.64 -34.12
N THR B 478 -32.79 -10.88 -35.30
CA THR B 478 -33.28 -10.22 -36.50
C THR B 478 -34.60 -10.83 -36.97
N GLN B 479 -34.73 -12.16 -36.90
CA GLN B 479 -35.89 -12.86 -37.44
C GLN B 479 -36.97 -13.14 -36.40
N HIS B 480 -36.78 -12.71 -35.15
CA HIS B 480 -37.69 -13.04 -34.07
C HIS B 480 -38.29 -11.81 -33.41
N ILE B 481 -38.08 -10.63 -33.98
CA ILE B 481 -38.72 -9.42 -33.46
C ILE B 481 -40.24 -9.51 -33.51
N PRO B 482 -40.88 -10.01 -34.58
CA PRO B 482 -42.34 -10.11 -34.56
C PRO B 482 -42.90 -10.94 -33.43
N VAL B 483 -42.18 -11.96 -32.96
CA VAL B 483 -42.65 -12.77 -31.84
C VAL B 483 -42.15 -12.28 -30.48
N LEU B 484 -41.13 -11.43 -30.45
CA LEU B 484 -40.61 -10.92 -29.19
C LEU B 484 -41.19 -9.58 -28.77
N VAL B 485 -41.62 -8.74 -29.73
CA VAL B 485 -42.19 -7.44 -29.37
C VAL B 485 -43.48 -7.57 -28.54
N PRO B 486 -44.44 -8.42 -28.89
CA PRO B 486 -45.67 -8.49 -28.09
C PRO B 486 -45.44 -8.83 -26.63
N GLY B 487 -44.47 -9.68 -26.32
CA GLY B 487 -44.19 -9.99 -24.92
C GLY B 487 -43.69 -8.77 -24.14
N ILE B 488 -42.78 -8.01 -24.75
CA ILE B 488 -42.28 -6.79 -24.12
C ILE B 488 -43.41 -5.80 -23.91
N ILE B 489 -44.27 -5.65 -24.92
CA ILE B 489 -45.40 -4.74 -24.78
C ILE B 489 -46.33 -5.19 -23.66
N PHE B 490 -46.61 -6.50 -23.59
CA PHE B 490 -47.50 -7.02 -22.56
C PHE B 490 -46.93 -6.78 -21.17
N SER B 491 -45.62 -6.96 -21.00
CA SER B 491 -45.01 -6.66 -19.70
C SER B 491 -45.00 -5.16 -19.43
N LEU B 492 -45.02 -4.32 -20.47
CA LEU B 492 -44.94 -2.88 -20.27
C LEU B 492 -46.22 -2.32 -19.64
N ASN B 493 -47.38 -2.71 -20.16
CA ASN B 493 -48.66 -2.20 -19.67
C ASN B 493 -49.43 -3.34 -19.01
N ASP B 494 -49.15 -3.56 -17.73
CA ASP B 494 -49.81 -4.60 -16.96
C ASP B 494 -49.83 -4.13 -15.52
N LYS B 495 -51.00 -4.18 -14.88
CA LYS B 495 -51.13 -3.66 -13.52
C LYS B 495 -50.38 -4.51 -12.51
N SER B 496 -50.25 -5.81 -12.76
CA SER B 496 -49.53 -6.68 -11.83
C SER B 496 -48.03 -6.50 -11.87
N SER B 497 -47.50 -5.84 -12.90
CA SER B 497 -46.06 -5.64 -13.01
C SER B 497 -45.57 -4.65 -11.96
N SER B 498 -44.36 -4.88 -11.49
CA SER B 498 -43.72 -4.01 -10.51
C SER B 498 -42.77 -3.05 -11.23
N SER B 499 -42.13 -2.17 -10.44
CA SER B 499 -41.20 -1.20 -11.01
C SER B 499 -39.99 -1.89 -11.62
N ASN B 500 -39.47 -2.92 -10.95
CA ASN B 500 -38.28 -3.61 -11.44
C ASN B 500 -38.55 -4.29 -12.78
N LEU B 501 -39.73 -4.90 -12.91
CA LEU B 501 -40.09 -5.56 -14.17
C LEU B 501 -40.16 -4.56 -15.32
N LYS B 502 -40.79 -3.40 -15.08
CA LYS B 502 -40.88 -2.38 -16.12
C LYS B 502 -39.51 -1.84 -16.49
N ILE B 503 -38.65 -1.60 -15.50
CA ILE B 503 -37.31 -1.11 -15.78
C ILE B 503 -36.51 -2.13 -16.60
N ASP B 504 -36.62 -3.41 -16.23
CA ASP B 504 -35.93 -4.46 -16.98
C ASP B 504 -36.45 -4.55 -18.42
N ALA B 505 -37.77 -4.45 -18.60
CA ALA B 505 -38.34 -4.49 -19.94
C ALA B 505 -37.85 -3.31 -20.79
N LEU B 506 -37.82 -2.12 -20.19
CA LEU B 506 -37.34 -0.95 -20.93
C LEU B 506 -35.86 -1.09 -21.28
N SER B 507 -35.06 -1.64 -20.35
CA SER B 507 -33.64 -1.85 -20.65
C SER B 507 -33.46 -2.85 -21.79
N CYS B 508 -34.24 -3.93 -21.78
CA CYS B 508 -34.18 -4.90 -22.86
C CYS B 508 -34.57 -4.28 -24.19
N LEU B 509 -35.62 -3.45 -24.19
CA LEU B 509 -36.04 -2.79 -25.41
C LEU B 509 -34.96 -1.84 -25.93
N TYR B 510 -34.32 -1.09 -25.03
CA TYR B 510 -33.26 -0.18 -25.44
C TYR B 510 -32.09 -0.94 -26.05
N VAL B 511 -31.67 -2.04 -25.40
CA VAL B 511 -30.55 -2.83 -25.91
C VAL B 511 -30.90 -3.41 -27.28
N ILE B 512 -32.13 -3.91 -27.43
CA ILE B 512 -32.55 -4.48 -28.71
C ILE B 512 -32.54 -3.42 -29.81
N LEU B 513 -33.07 -2.23 -29.51
CA LEU B 513 -33.12 -1.17 -30.51
C LEU B 513 -31.73 -0.68 -30.88
N CYS B 514 -30.79 -0.68 -29.94
CA CYS B 514 -29.46 -0.14 -30.20
C CYS B 514 -28.57 -1.08 -31.02
N ASN B 515 -28.98 -2.33 -31.24
CA ASN B 515 -28.11 -3.31 -31.86
C ASN B 515 -28.76 -3.99 -33.06
N HIS B 516 -29.69 -3.31 -33.74
CA HIS B 516 -30.35 -3.88 -34.90
C HIS B 516 -30.61 -2.79 -35.92
N SER B 517 -30.80 -3.21 -37.17
CA SER B 517 -31.08 -2.25 -38.23
C SER B 517 -32.45 -1.63 -38.03
N PRO B 518 -32.63 -0.36 -38.39
CA PRO B 518 -33.93 0.30 -38.18
C PRO B 518 -35.06 -0.30 -39.01
N GLN B 519 -34.76 -1.03 -40.07
CA GLN B 519 -35.81 -1.52 -40.97
C GLN B 519 -36.71 -2.54 -40.28
N VAL B 520 -36.14 -3.40 -39.44
CA VAL B 520 -36.91 -4.48 -38.83
C VAL B 520 -37.93 -3.96 -37.83
N PHE B 521 -37.75 -2.76 -37.29
CA PHE B 521 -38.66 -2.20 -36.30
C PHE B 521 -39.76 -1.34 -36.92
N HIS B 522 -39.73 -1.12 -38.23
CA HIS B 522 -40.71 -0.23 -38.87
C HIS B 522 -42.15 -0.73 -38.71
N PRO B 523 -42.47 -2.00 -38.94
CA PRO B 523 -43.87 -2.43 -38.77
C PRO B 523 -44.38 -2.33 -37.34
N HIS B 524 -43.50 -2.24 -36.34
CA HIS B 524 -43.89 -2.31 -34.95
C HIS B 524 -43.83 -0.97 -34.21
N VAL B 525 -43.56 0.11 -34.94
CA VAL B 525 -43.53 1.43 -34.30
C VAL B 525 -44.91 1.81 -33.79
N GLN B 526 -45.95 1.50 -34.58
CA GLN B 526 -47.31 1.82 -34.19
C GLN B 526 -47.72 1.14 -32.89
N ALA B 527 -47.16 -0.03 -32.62
CA ALA B 527 -47.44 -0.73 -31.37
C ALA B 527 -46.48 -0.37 -30.25
N LEU B 528 -45.29 0.12 -30.58
CA LEU B 528 -44.30 0.44 -29.55
C LEU B 528 -44.43 1.83 -28.98
N VAL B 529 -44.89 2.81 -29.79
CA VAL B 529 -44.92 4.20 -29.32
C VAL B 529 -45.87 4.41 -28.15
N PRO B 530 -47.12 3.94 -28.17
CA PRO B 530 -48.06 4.28 -27.08
C PRO B 530 -47.60 3.78 -25.71
N PRO B 531 -47.16 2.52 -25.56
CA PRO B 531 -46.69 2.11 -24.21
C PRO B 531 -45.51 2.91 -23.70
N VAL B 532 -44.57 3.26 -24.57
CA VAL B 532 -43.42 4.05 -24.14
C VAL B 532 -43.86 5.44 -23.73
N VAL B 533 -44.75 6.06 -24.51
CA VAL B 533 -45.27 7.38 -24.15
C VAL B 533 -45.98 7.33 -22.80
N ALA B 534 -46.74 6.27 -22.55
CA ALA B 534 -47.38 6.10 -21.25
C ALA B 534 -46.35 5.94 -20.14
N CYS B 535 -45.26 5.22 -20.42
CA CYS B 535 -44.24 5.00 -19.41
C CYS B 535 -43.46 6.28 -19.09
N VAL B 536 -43.40 7.22 -20.03
CA VAL B 536 -42.72 8.48 -19.76
C VAL B 536 -43.45 9.25 -18.67
N GLY B 537 -44.77 9.16 -18.65
CA GLY B 537 -45.59 9.86 -17.68
C GLY B 537 -45.81 9.11 -16.37
N ASP B 538 -45.04 8.08 -16.08
CA ASP B 538 -45.21 7.33 -14.85
C ASP B 538 -44.83 8.19 -13.65
N PRO B 539 -45.55 8.07 -12.53
CA PRO B 539 -45.18 8.84 -11.33
C PRO B 539 -43.79 8.54 -10.81
N PHE B 540 -43.33 7.30 -10.92
CA PHE B 540 -42.00 6.93 -10.45
C PHE B 540 -40.95 7.43 -11.44
N TYR B 541 -39.95 8.14 -10.93
CA TYR B 541 -38.97 8.78 -11.81
C TYR B 541 -37.97 7.78 -12.40
N LYS B 542 -37.72 6.68 -11.70
CA LYS B 542 -36.80 5.67 -12.23
C LYS B 542 -37.35 5.07 -13.53
N ILE B 543 -38.65 4.89 -13.62
CA ILE B 543 -39.27 4.44 -14.87
C ILE B 543 -39.18 5.52 -15.92
N THR B 544 -39.34 6.79 -15.52
CA THR B 544 -39.31 7.90 -16.47
C THR B 544 -37.94 8.03 -17.14
N SER B 545 -36.87 7.84 -16.37
CA SER B 545 -35.53 7.95 -16.93
C SER B 545 -35.30 6.91 -18.03
N GLU B 546 -35.67 5.65 -17.75
CA GLU B 546 -35.50 4.60 -18.75
C GLU B 546 -36.43 4.82 -19.94
N ALA B 547 -37.63 5.35 -19.69
CA ALA B 547 -38.54 5.65 -20.79
C ALA B 547 -37.97 6.71 -21.71
N LEU B 548 -37.35 7.76 -21.15
CA LEU B 548 -36.73 8.78 -21.99
C LEU B 548 -35.53 8.23 -22.73
N LEU B 549 -34.74 7.37 -22.08
CA LEU B 549 -33.62 6.73 -22.75
C LEU B 549 -34.08 5.91 -23.95
N VAL B 550 -35.18 5.18 -23.79
CA VAL B 550 -35.73 4.40 -24.90
C VAL B 550 -36.30 5.33 -25.98
N THR B 551 -36.91 6.44 -25.56
CA THR B 551 -37.53 7.35 -26.51
C THR B 551 -36.49 7.99 -27.43
N GLN B 552 -35.32 8.31 -26.89
CA GLN B 552 -34.25 8.88 -27.72
C GLN B 552 -33.86 7.92 -28.85
N GLN B 553 -33.64 6.65 -28.52
CA GLN B 553 -33.30 5.67 -29.54
C GLN B 553 -34.47 5.42 -30.49
N LEU B 554 -35.71 5.50 -30.00
CA LEU B 554 -36.86 5.38 -30.89
C LEU B 554 -36.89 6.53 -31.90
N VAL B 555 -36.55 7.73 -31.46
CA VAL B 555 -36.47 8.87 -32.37
C VAL B 555 -35.39 8.63 -33.40
N LYS B 556 -34.24 8.08 -32.97
CA LYS B 556 -33.18 7.76 -33.93
C LYS B 556 -33.64 6.72 -34.94
N VAL B 557 -34.40 5.72 -34.50
CA VAL B 557 -34.83 4.63 -35.38
C VAL B 557 -35.88 5.13 -36.37
N ILE B 558 -36.83 5.96 -35.91
CA ILE B 558 -37.97 6.33 -36.74
C ILE B 558 -37.54 7.14 -37.96
N ARG B 559 -36.52 7.99 -37.82
CA ARG B 559 -35.98 8.74 -38.96
C ARG B 559 -34.47 8.73 -38.89
N PRO B 560 -33.83 7.78 -39.57
CA PRO B 560 -32.37 7.77 -39.61
C PRO B 560 -31.84 8.94 -40.43
N LEU B 561 -30.62 9.37 -40.09
CA LEU B 561 -29.98 10.47 -40.77
C LEU B 561 -28.81 10.05 -41.66
N ASP B 562 -28.16 8.94 -41.33
CA ASP B 562 -27.06 8.43 -42.15
C ASP B 562 -27.50 7.37 -43.15
N GLN B 563 -28.79 7.02 -43.19
CA GLN B 563 -29.32 6.02 -44.09
C GLN B 563 -30.63 6.52 -44.69
N PRO B 564 -30.96 6.08 -45.90
CA PRO B 564 -32.24 6.47 -46.49
C PRO B 564 -33.38 5.55 -46.07
N SER B 565 -34.52 6.12 -45.68
CA SER B 565 -35.65 5.34 -45.23
C SER B 565 -36.93 5.89 -45.85
N SER B 566 -37.83 4.99 -46.21
CA SER B 566 -39.13 5.36 -46.78
C SER B 566 -40.23 5.43 -45.73
N PHE B 567 -39.91 5.23 -44.46
CA PHE B 567 -40.92 5.25 -43.41
C PHE B 567 -41.43 6.67 -43.19
N ASP B 568 -42.73 6.79 -42.90
CA ASP B 568 -43.35 8.07 -42.62
C ASP B 568 -43.37 8.29 -41.10
N ALA B 569 -42.63 9.28 -40.64
CA ALA B 569 -42.51 9.57 -39.21
C ALA B 569 -43.44 10.67 -38.74
N THR B 570 -44.30 11.20 -39.60
CA THR B 570 -45.13 12.34 -39.23
C THR B 570 -46.11 12.04 -38.09
N PRO B 571 -46.89 10.96 -38.11
CA PRO B 571 -47.93 10.81 -37.07
C PRO B 571 -47.40 10.65 -35.65
N TYR B 572 -46.14 10.24 -35.48
CA TYR B 572 -45.60 9.95 -34.17
C TYR B 572 -44.76 11.09 -33.59
N ILE B 573 -44.63 12.20 -34.30
CA ILE B 573 -43.80 13.30 -33.82
C ILE B 573 -44.47 14.01 -32.64
N LYS B 574 -45.77 14.28 -32.75
CA LYS B 574 -46.45 15.08 -31.75
C LYS B 574 -46.49 14.38 -30.40
N ASP B 575 -46.72 13.07 -30.38
CA ASP B 575 -46.79 12.35 -29.12
C ASP B 575 -45.45 12.40 -28.39
N LEU B 576 -44.36 12.14 -29.11
CA LEU B 576 -43.04 12.17 -28.49
C LEU B 576 -42.70 13.57 -27.99
N PHE B 577 -42.99 14.59 -28.80
CA PHE B 577 -42.70 15.96 -28.37
C PHE B 577 -43.51 16.33 -27.13
N THR B 578 -44.79 15.97 -27.10
CA THR B 578 -45.63 16.32 -25.96
C THR B 578 -45.20 15.59 -24.70
N CYS B 579 -44.82 14.32 -24.82
CA CYS B 579 -44.42 13.60 -23.61
C CYS B 579 -43.06 14.05 -23.12
N THR B 580 -42.20 14.56 -24.00
CA THR B 580 -40.88 15.01 -23.56
C THR B 580 -40.88 16.44 -23.03
N ILE B 581 -41.69 17.33 -23.60
CA ILE B 581 -41.63 18.74 -23.20
C ILE B 581 -42.10 18.91 -21.76
N LYS B 582 -43.09 18.12 -21.34
CA LYS B 582 -43.60 18.24 -19.98
C LYS B 582 -42.52 17.92 -18.95
N ARG B 583 -41.73 16.88 -19.21
CA ARG B 583 -40.59 16.60 -18.34
C ARG B 583 -39.51 17.66 -18.48
N LEU B 584 -39.36 18.24 -19.67
CA LEU B 584 -38.34 19.27 -19.85
C LEU B 584 -38.62 20.49 -18.98
N LYS B 585 -39.87 20.94 -18.94
CA LYS B 585 -40.24 22.10 -18.13
C LYS B 585 -40.95 21.63 -16.86
N ALA B 586 -40.15 21.24 -15.87
CA ALA B 586 -40.66 20.73 -14.60
C ALA B 586 -40.22 21.57 -13.41
N ALA B 587 -38.92 21.82 -13.26
CA ALA B 587 -38.30 22.63 -12.22
C ALA B 587 -38.36 21.99 -10.84
N ASP B 588 -38.94 20.79 -10.70
CA ASP B 588 -38.99 20.13 -9.40
C ASP B 588 -38.68 18.64 -9.46
N ILE B 589 -38.44 18.07 -10.64
CA ILE B 589 -38.15 16.65 -10.80
C ILE B 589 -36.69 16.38 -10.48
N ASP B 590 -36.33 15.09 -10.38
CA ASP B 590 -34.98 14.70 -10.05
C ASP B 590 -34.00 15.11 -11.16
N GLN B 591 -32.71 15.14 -10.79
CA GLN B 591 -31.68 15.60 -11.71
C GLN B 591 -31.55 14.66 -12.91
N GLU B 592 -31.64 13.35 -12.66
CA GLU B 592 -31.48 12.39 -13.75
C GLU B 592 -32.55 12.59 -14.82
N VAL B 593 -33.80 12.81 -14.40
CA VAL B 593 -34.87 13.03 -15.35
C VAL B 593 -34.64 14.33 -16.13
N LYS B 594 -34.12 15.36 -15.45
CA LYS B 594 -33.81 16.61 -16.15
C LYS B 594 -32.79 16.39 -17.25
N GLU B 595 -31.69 15.70 -16.92
CA GLU B 595 -30.65 15.46 -17.91
C GLU B 595 -31.15 14.61 -19.07
N ARG B 596 -31.91 13.56 -18.75
CA ARG B 596 -32.44 12.70 -19.81
C ARG B 596 -33.42 13.45 -20.69
N ALA B 597 -34.24 14.34 -20.10
CA ALA B 597 -35.17 15.13 -20.90
C ALA B 597 -34.43 16.08 -21.83
N ILE B 598 -33.36 16.72 -21.33
CA ILE B 598 -32.57 17.61 -22.18
C ILE B 598 -31.98 16.84 -23.35
N SER B 599 -31.39 15.66 -23.08
CA SER B 599 -30.79 14.87 -24.15
C SER B 599 -31.84 14.41 -25.16
N CYS B 600 -32.99 13.95 -24.67
CA CYS B 600 -34.05 13.47 -25.57
C CYS B 600 -34.58 14.59 -26.44
N MET B 601 -34.79 15.77 -25.86
CA MET B 601 -35.30 16.89 -26.66
C MET B 601 -34.26 17.34 -27.68
N GLY B 602 -32.98 17.33 -27.31
CA GLY B 602 -31.94 17.62 -28.29
C GLY B 602 -31.95 16.66 -29.45
N GLN B 603 -32.08 15.37 -29.16
CA GLN B 603 -32.14 14.38 -30.23
C GLN B 603 -33.39 14.57 -31.10
N ILE B 604 -34.52 14.91 -30.47
CA ILE B 604 -35.75 15.13 -31.23
C ILE B 604 -35.57 16.29 -32.20
N ILE B 605 -34.99 17.39 -31.72
CA ILE B 605 -34.77 18.55 -32.57
C ILE B 605 -33.79 18.21 -33.69
N CYS B 606 -32.73 17.45 -33.37
CA CYS B 606 -31.74 17.10 -34.38
C CYS B 606 -32.32 16.24 -35.48
N ASN B 607 -33.15 15.24 -35.12
CA ASN B 607 -33.65 14.31 -36.12
C ASN B 607 -34.88 14.85 -36.85
N LEU B 608 -35.92 15.20 -36.11
CA LEU B 608 -37.21 15.53 -36.70
C LEU B 608 -37.63 16.97 -36.42
N GLY B 609 -36.66 17.88 -36.31
CA GLY B 609 -36.95 19.26 -36.01
C GLY B 609 -37.53 20.07 -37.16
N ASP B 610 -37.55 19.52 -38.37
CA ASP B 610 -38.14 20.22 -39.49
C ASP B 610 -39.67 20.19 -39.45
N ASN B 611 -40.25 19.15 -38.87
CA ASN B 611 -41.70 18.99 -38.85
C ASN B 611 -42.36 19.65 -37.65
N LEU B 612 -41.59 20.16 -36.69
CA LEU B 612 -42.17 20.88 -35.57
C LEU B 612 -42.68 22.24 -36.03
N GLY B 613 -43.68 22.75 -35.33
CA GLY B 613 -44.30 24.00 -35.71
C GLY B 613 -43.67 25.22 -35.07
N SER B 614 -44.44 25.90 -34.23
CA SER B 614 -43.97 27.09 -33.53
C SER B 614 -43.35 26.78 -32.17
N ASP B 615 -43.21 25.50 -31.83
CA ASP B 615 -42.67 25.10 -30.53
C ASP B 615 -41.16 25.23 -30.46
N LEU B 616 -40.48 25.29 -31.62
CA LEU B 616 -39.02 25.33 -31.63
C LEU B 616 -38.44 26.56 -30.95
N PRO B 617 -38.93 27.79 -31.19
CA PRO B 617 -38.36 28.94 -30.46
C PRO B 617 -38.50 28.83 -28.95
N ASN B 618 -39.66 28.37 -28.45
CA ASN B 618 -39.84 28.23 -27.02
C ASN B 618 -38.93 27.14 -26.45
N THR B 619 -38.76 26.04 -27.19
CA THR B 619 -37.85 24.99 -26.74
C THR B 619 -36.42 25.50 -26.68
N LEU B 620 -36.02 26.31 -27.66
CA LEU B 620 -34.68 26.87 -27.65
C LEU B 620 -34.50 27.86 -26.50
N GLN B 621 -35.54 28.61 -26.16
CA GLN B 621 -35.45 29.48 -24.99
C GLN B 621 -35.29 28.67 -23.71
N ILE B 622 -35.98 27.53 -23.61
CA ILE B 622 -35.80 26.65 -22.46
C ILE B 622 -34.36 26.14 -22.42
N PHE B 623 -33.81 25.76 -23.58
CA PHE B 623 -32.43 25.32 -23.63
C PHE B 623 -31.48 26.41 -23.17
N LEU B 624 -31.75 27.66 -23.56
CA LEU B 624 -30.93 28.77 -23.10
C LEU B 624 -31.03 28.95 -21.59
N GLU B 625 -32.24 28.80 -21.03
CA GLU B 625 -32.42 28.93 -19.60
C GLU B 625 -31.76 27.79 -18.83
N ARG B 626 -31.55 26.63 -19.45
CA ARG B 626 -30.87 25.54 -18.77
C ARG B 626 -29.35 25.70 -18.74
N LEU B 627 -28.80 26.65 -19.50
CA LEU B 627 -27.35 26.86 -19.50
C LEU B 627 -26.87 27.56 -18.25
N LYS B 628 -27.74 28.26 -17.54
CA LYS B 628 -27.36 29.08 -16.40
C LYS B 628 -27.44 28.33 -15.07
N ASN B 629 -27.73 27.03 -15.10
CA ASN B 629 -27.80 26.21 -13.90
C ASN B 629 -26.59 25.28 -13.88
N GLU B 630 -25.91 25.21 -12.73
CA GLU B 630 -24.70 24.41 -12.63
C GLU B 630 -24.97 22.92 -12.77
N ILE B 631 -26.15 22.47 -12.33
CA ILE B 631 -26.44 21.04 -12.32
C ILE B 631 -26.53 20.48 -13.74
N THR B 632 -27.16 21.23 -14.65
CA THR B 632 -27.51 20.72 -15.98
C THR B 632 -26.99 21.64 -17.08
N ARG B 633 -25.72 22.04 -17.00
CA ARG B 633 -25.15 22.90 -18.03
C ARG B 633 -24.18 22.21 -18.98
N LEU B 634 -23.60 21.08 -18.59
CA LEU B 634 -22.80 20.31 -19.55
C LEU B 634 -23.68 19.58 -20.56
N THR B 635 -24.78 19.00 -20.07
CA THR B 635 -25.67 18.25 -20.95
C THR B 635 -26.29 19.16 -22.02
N THR B 636 -26.68 20.37 -21.64
CA THR B 636 -27.24 21.28 -22.63
C THR B 636 -26.18 21.78 -23.61
N VAL B 637 -24.93 21.88 -23.17
CA VAL B 637 -23.84 22.20 -24.10
C VAL B 637 -23.70 21.10 -25.15
N LYS B 638 -23.71 19.84 -24.70
CA LYS B 638 -23.62 18.73 -25.66
C LYS B 638 -24.84 18.70 -26.57
N ALA B 639 -26.03 18.99 -26.04
CA ALA B 639 -27.23 19.01 -26.87
C ALA B 639 -27.17 20.11 -27.92
N LEU B 640 -26.67 21.29 -27.55
CA LEU B 640 -26.51 22.36 -28.52
C LEU B 640 -25.49 21.99 -29.59
N THR B 641 -24.40 21.31 -29.19
CA THR B 641 -23.43 20.84 -30.17
C THR B 641 -24.07 19.85 -31.15
N LEU B 642 -24.90 18.95 -30.63
CA LEU B 642 -25.58 17.97 -31.49
C LEU B 642 -26.55 18.66 -32.43
N ILE B 643 -27.30 19.66 -31.94
CA ILE B 643 -28.27 20.35 -32.78
C ILE B 643 -27.56 21.15 -33.87
N ALA B 644 -26.45 21.81 -33.52
CA ALA B 644 -25.76 22.67 -34.50
C ALA B 644 -25.28 21.87 -35.69
N GLY B 645 -24.70 20.70 -35.46
CA GLY B 645 -24.30 19.84 -36.55
C GLY B 645 -25.37 18.84 -36.92
N SER B 646 -26.15 19.16 -37.95
CA SER B 646 -27.26 18.31 -38.37
C SER B 646 -27.51 18.55 -39.86
N PRO B 647 -27.86 17.51 -40.61
CA PRO B 647 -28.21 17.73 -42.03
C PRO B 647 -29.36 18.71 -42.21
N LEU B 648 -30.31 18.73 -41.29
CA LEU B 648 -31.36 19.74 -41.31
C LEU B 648 -30.82 21.02 -40.67
N LYS B 649 -30.84 22.11 -41.42
CA LYS B 649 -30.27 23.38 -40.96
C LYS B 649 -31.23 24.01 -39.95
N ILE B 650 -31.07 23.62 -38.69
CA ILE B 650 -31.92 24.17 -37.63
C ILE B 650 -31.50 25.60 -37.35
N ASP B 651 -32.49 26.49 -37.26
CA ASP B 651 -32.24 27.92 -37.07
C ASP B 651 -31.97 28.17 -35.60
N LEU B 652 -30.69 28.17 -35.24
CA LEU B 652 -30.26 28.49 -33.88
C LEU B 652 -30.03 29.98 -33.66
N ARG B 653 -30.16 30.79 -34.71
CA ARG B 653 -29.81 32.21 -34.63
C ARG B 653 -30.46 32.96 -33.48
N PRO B 654 -31.72 32.74 -33.12
CA PRO B 654 -32.30 33.49 -31.99
C PRO B 654 -31.58 33.31 -30.66
N VAL B 655 -30.74 32.28 -30.50
CA VAL B 655 -30.10 32.01 -29.21
C VAL B 655 -28.61 32.32 -29.20
N LEU B 656 -27.99 32.60 -30.34
CA LEU B 656 -26.56 32.92 -30.33
C LEU B 656 -26.26 34.18 -29.53
N GLY B 657 -27.10 35.21 -29.67
CA GLY B 657 -26.80 36.49 -29.06
C GLY B 657 -26.61 36.41 -27.55
N GLU B 658 -27.48 35.66 -26.88
CA GLU B 658 -27.36 35.47 -25.44
C GLU B 658 -26.63 34.19 -25.07
N GLY B 659 -26.27 33.35 -26.04
CA GLY B 659 -25.62 32.09 -25.74
C GLY B 659 -24.12 32.11 -25.86
N VAL B 660 -23.60 32.82 -26.87
CA VAL B 660 -22.15 32.88 -27.06
C VAL B 660 -21.44 33.54 -25.88
N PRO B 661 -21.90 34.68 -25.35
CA PRO B 661 -21.26 35.20 -24.13
C PRO B 661 -21.35 34.25 -22.95
N ILE B 662 -22.48 33.55 -22.79
CA ILE B 662 -22.62 32.61 -21.67
C ILE B 662 -21.64 31.45 -21.84
N LEU B 663 -21.53 30.93 -23.07
CA LEU B 663 -20.57 29.86 -23.33
C LEU B 663 -19.14 30.34 -23.08
N ALA B 664 -18.83 31.57 -23.50
CA ALA B 664 -17.50 32.12 -23.27
C ALA B 664 -17.19 32.21 -21.79
N SER B 665 -18.18 32.60 -20.98
CA SER B 665 -17.96 32.74 -19.54
C SER B 665 -17.59 31.42 -18.88
N PHE B 666 -17.83 30.29 -19.54
CA PHE B 666 -17.47 28.98 -19.00
C PHE B 666 -16.00 28.65 -19.18
N LEU B 667 -15.23 29.49 -19.87
CA LEU B 667 -13.85 29.16 -20.21
C LEU B 667 -12.89 29.35 -19.04
N ARG B 668 -13.35 29.89 -17.91
CA ARG B 668 -12.55 29.94 -16.68
C ARG B 668 -13.40 29.38 -15.52
N LYS B 669 -13.45 28.04 -15.44
CA LYS B 669 -14.21 27.39 -14.39
C LYS B 669 -13.56 26.09 -13.91
N ASN B 670 -12.23 26.01 -13.97
CA ASN B 670 -11.38 24.91 -13.48
C ASN B 670 -12.02 23.53 -13.64
N GLN B 671 -12.64 23.29 -14.79
CA GLN B 671 -13.19 21.97 -15.13
C GLN B 671 -12.82 21.66 -16.57
N ARG B 672 -12.09 20.55 -16.76
CA ARG B 672 -11.53 20.24 -18.07
C ARG B 672 -12.61 19.82 -19.05
N ALA B 673 -13.56 18.99 -18.60
CA ALA B 673 -14.62 18.51 -19.49
C ALA B 673 -15.49 19.65 -19.98
N LEU B 674 -15.84 20.59 -19.08
CA LEU B 674 -16.63 21.74 -19.49
C LEU B 674 -15.88 22.58 -20.52
N LYS B 675 -14.57 22.78 -20.32
CA LYS B 675 -13.79 23.56 -21.26
C LYS B 675 -13.77 22.90 -22.63
N LEU B 676 -13.54 21.59 -22.68
CA LEU B 676 -13.50 20.89 -23.96
C LEU B 676 -14.84 20.96 -24.67
N GLY B 677 -15.92 20.69 -23.95
CA GLY B 677 -17.24 20.74 -24.56
C GLY B 677 -17.60 22.12 -25.05
N THR B 678 -17.28 23.15 -24.27
CA THR B 678 -17.57 24.52 -24.68
C THR B 678 -16.77 24.91 -25.90
N LEU B 679 -15.51 24.49 -25.97
CA LEU B 679 -14.70 24.80 -27.16
C LEU B 679 -15.27 24.13 -28.40
N SER B 680 -15.69 22.87 -28.27
CA SER B 680 -16.30 22.19 -29.41
C SER B 680 -17.58 22.89 -29.85
N ALA B 681 -18.43 23.28 -28.89
CA ALA B 681 -19.67 23.96 -29.21
C ALA B 681 -19.42 25.29 -29.90
N LEU B 682 -18.47 26.07 -29.38
CA LEU B 682 -18.14 27.35 -30.00
C LEU B 682 -17.61 27.16 -31.40
N ASP B 683 -16.74 26.16 -31.60
CA ASP B 683 -16.21 25.89 -32.93
C ASP B 683 -17.32 25.60 -33.93
N ILE B 684 -18.23 24.69 -33.57
CA ILE B 684 -19.26 24.30 -34.52
C ILE B 684 -20.25 25.44 -34.75
N LEU B 685 -20.56 26.21 -33.71
CA LEU B 685 -21.48 27.34 -33.87
C LEU B 685 -20.89 28.42 -34.77
N ILE B 686 -19.60 28.72 -34.59
CA ILE B 686 -18.95 29.70 -35.47
C ILE B 686 -18.92 29.18 -36.91
N LYS B 687 -18.63 27.89 -37.07
CA LYS B 687 -18.52 27.32 -38.42
C LYS B 687 -19.85 27.36 -39.16
N ASN B 688 -20.96 27.05 -38.49
CA ASN B 688 -22.21 26.82 -39.18
C ASN B 688 -23.14 28.03 -39.23
N TYR B 689 -22.89 29.08 -38.45
CA TYR B 689 -23.79 30.23 -38.36
C TYR B 689 -23.01 31.53 -38.54
N SER B 690 -22.22 31.57 -39.63
CA SER B 690 -21.30 32.68 -39.86
C SER B 690 -22.03 34.01 -40.02
N ASP B 691 -23.15 34.01 -40.73
CA ASP B 691 -23.77 35.26 -41.15
C ASP B 691 -24.33 36.08 -39.98
N SER B 692 -24.47 35.48 -38.80
CA SER B 692 -25.02 36.17 -37.65
C SER B 692 -23.96 36.54 -36.62
N LEU B 693 -22.68 36.48 -36.98
CA LEU B 693 -21.61 36.79 -36.04
C LEU B 693 -21.46 38.29 -35.87
N THR B 694 -21.19 38.71 -34.64
CA THR B 694 -20.92 40.10 -34.32
C THR B 694 -19.62 40.18 -33.52
N ALA B 695 -18.96 41.33 -33.60
CA ALA B 695 -17.70 41.52 -32.89
C ALA B 695 -17.90 41.47 -31.38
N ALA B 696 -19.05 41.95 -30.89
CA ALA B 696 -19.31 42.03 -29.46
C ALA B 696 -19.41 40.67 -28.79
N MET B 697 -19.52 39.58 -29.55
CA MET B 697 -19.48 38.24 -28.98
C MET B 697 -18.30 37.42 -29.47
N ILE B 698 -17.46 37.96 -30.35
CA ILE B 698 -16.18 37.36 -30.65
C ILE B 698 -15.11 37.85 -29.68
N ASP B 699 -15.18 39.13 -29.29
CA ASP B 699 -14.22 39.65 -28.32
C ASP B 699 -14.36 38.94 -26.98
N ALA B 700 -15.57 38.48 -26.64
CA ALA B 700 -15.75 37.74 -25.40
C ALA B 700 -14.94 36.46 -25.38
N VAL B 701 -14.93 35.72 -26.49
CA VAL B 701 -14.12 34.51 -26.56
C VAL B 701 -12.64 34.84 -26.63
N LEU B 702 -12.29 35.89 -27.37
CA LEU B 702 -10.88 36.23 -27.55
C LEU B 702 -10.24 36.79 -26.28
N ASP B 703 -11.03 37.40 -25.39
CA ASP B 703 -10.48 37.93 -24.15
C ASP B 703 -10.22 36.86 -23.11
N GLU B 704 -10.67 35.63 -23.32
CA GLU B 704 -10.43 34.55 -22.38
C GLU B 704 -9.71 33.37 -23.01
N LEU B 705 -9.48 33.39 -24.32
CA LEU B 705 -8.60 32.40 -24.94
C LEU B 705 -7.18 32.37 -24.38
N PRO B 706 -6.49 33.49 -24.16
CA PRO B 706 -5.03 33.43 -23.87
C PRO B 706 -4.66 32.53 -22.71
N PRO B 707 -5.41 32.50 -21.60
CA PRO B 707 -5.05 31.57 -20.52
C PRO B 707 -5.15 30.10 -20.91
N LEU B 708 -5.89 29.77 -21.96
CA LEU B 708 -6.05 28.37 -22.36
C LEU B 708 -4.87 27.83 -23.15
N ILE B 709 -4.10 28.68 -23.81
CA ILE B 709 -2.95 28.23 -24.60
C ILE B 709 -1.76 28.12 -23.66
N SER B 710 -1.39 26.89 -23.33
CA SER B 710 -0.29 26.64 -22.41
C SER B 710 0.23 25.23 -22.64
N GLU B 711 1.44 24.97 -22.13
CA GLU B 711 2.06 23.66 -22.23
C GLU B 711 1.65 22.72 -21.11
N SER B 712 0.93 23.22 -20.09
CA SER B 712 0.44 22.34 -19.04
C SER B 712 -0.58 21.34 -19.58
N ASP B 713 -1.47 21.80 -20.46
CA ASP B 713 -2.48 20.96 -21.09
C ASP B 713 -2.43 21.20 -22.59
N MET B 714 -2.13 20.16 -23.36
CA MET B 714 -2.01 20.29 -24.80
C MET B 714 -3.31 20.07 -25.55
N HIS B 715 -4.23 19.29 -25.00
CA HIS B 715 -5.52 19.08 -25.65
C HIS B 715 -6.32 20.37 -25.72
N VAL B 716 -6.36 21.12 -24.61
CA VAL B 716 -7.07 22.40 -24.61
C VAL B 716 -6.42 23.38 -25.57
N SER B 717 -5.09 23.39 -25.62
CA SER B 717 -4.39 24.26 -26.55
C SER B 717 -4.73 23.90 -27.99
N GLN B 718 -4.79 22.60 -28.30
CA GLN B 718 -5.16 22.17 -29.64
C GLN B 718 -6.57 22.62 -29.99
N MET B 719 -7.51 22.48 -29.05
CA MET B 719 -8.87 22.92 -29.31
C MET B 719 -8.95 24.43 -29.55
N ALA B 720 -8.21 25.21 -28.74
CA ALA B 720 -8.20 26.65 -28.92
C ALA B 720 -7.61 27.05 -30.27
N ILE B 721 -6.52 26.39 -30.68
CA ILE B 721 -5.91 26.72 -31.96
C ILE B 721 -6.83 26.33 -33.11
N SER B 722 -7.56 25.22 -32.98
CA SER B 722 -8.53 24.83 -33.99
C SER B 722 -9.65 25.87 -34.09
N PHE B 723 -10.12 26.37 -32.95
CA PHE B 723 -11.13 27.43 -32.96
C PHE B 723 -10.61 28.68 -33.67
N LEU B 724 -9.36 29.06 -33.38
CA LEU B 724 -8.78 30.23 -34.03
C LEU B 724 -8.66 30.02 -35.54
N THR B 725 -8.29 28.81 -35.97
CA THR B 725 -8.21 28.52 -37.39
C THR B 725 -9.57 28.64 -38.06
N THR B 726 -10.61 28.09 -37.43
CA THR B 726 -11.95 28.21 -37.98
C THR B 726 -12.40 29.66 -38.06
N LEU B 727 -12.08 30.45 -37.03
CA LEU B 727 -12.44 31.87 -37.05
C LEU B 727 -11.72 32.60 -38.17
N ALA B 728 -10.44 32.28 -38.39
CA ALA B 728 -9.70 32.89 -39.48
C ALA B 728 -10.29 32.53 -40.84
N LYS B 729 -10.72 31.28 -40.99
CA LYS B 729 -11.32 30.87 -42.27
C LYS B 729 -12.68 31.50 -42.48
N VAL B 730 -13.43 31.75 -41.41
CA VAL B 730 -14.83 32.15 -41.51
C VAL B 730 -15.02 33.66 -41.38
N TYR B 731 -14.45 34.26 -40.34
CA TYR B 731 -14.72 35.66 -40.00
C TYR B 731 -13.39 36.40 -39.87
N PRO B 732 -12.73 36.68 -41.00
CA PRO B 732 -11.36 37.23 -40.95
C PRO B 732 -11.25 38.61 -40.34
N SER B 733 -12.34 39.38 -40.29
CA SER B 733 -12.27 40.76 -39.83
C SER B 733 -11.89 40.86 -38.35
N SER B 734 -12.06 39.79 -37.57
CA SER B 734 -11.77 39.80 -36.15
C SER B 734 -10.34 39.39 -35.84
N LEU B 735 -9.50 39.17 -36.86
CA LEU B 735 -8.15 38.68 -36.64
C LEU B 735 -7.19 39.76 -36.19
N SER B 736 -7.60 41.03 -36.21
CA SER B 736 -6.74 42.10 -35.74
C SER B 736 -6.60 42.13 -34.23
N LYS B 737 -7.39 41.34 -33.50
CA LYS B 737 -7.39 41.34 -32.04
C LYS B 737 -6.56 40.21 -31.46
N ILE B 738 -5.76 39.52 -32.27
CA ILE B 738 -4.89 38.46 -31.80
C ILE B 738 -3.42 38.89 -31.80
N SER B 739 -3.15 40.17 -31.99
CA SER B 739 -1.78 40.67 -32.06
C SER B 739 -1.17 40.94 -30.69
N GLY B 740 -1.90 40.72 -29.61
CA GLY B 740 -1.39 40.99 -28.28
C GLY B 740 -0.94 39.76 -27.55
N SER B 741 -1.77 39.28 -26.62
CA SER B 741 -1.39 38.14 -25.78
C SER B 741 -1.48 36.82 -26.52
N ILE B 742 -2.42 36.67 -27.46
CA ILE B 742 -2.62 35.39 -28.13
C ILE B 742 -1.39 35.02 -28.94
N LEU B 743 -0.86 35.97 -29.70
CA LEU B 743 0.34 35.70 -30.51
C LEU B 743 1.53 35.36 -29.63
N ASN B 744 1.71 36.10 -28.52
CA ASN B 744 2.82 35.80 -27.63
C ASN B 744 2.70 34.41 -27.04
N GLU B 745 1.50 34.02 -26.62
CA GLU B 745 1.29 32.68 -26.08
C GLU B 745 1.56 31.62 -27.12
N LEU B 746 1.11 31.84 -28.35
CA LEU B 746 1.34 30.86 -29.41
C LEU B 746 2.83 30.71 -29.73
N ILE B 747 3.54 31.83 -29.83
CA ILE B 747 4.97 31.77 -30.12
C ILE B 747 5.71 31.08 -28.99
N GLY B 748 5.34 31.36 -27.74
CA GLY B 748 5.94 30.67 -26.62
C GLY B 748 5.65 29.18 -26.63
N LEU B 749 4.45 28.80 -27.06
CA LEU B 749 4.11 27.39 -27.19
C LEU B 749 4.94 26.72 -28.28
N VAL B 750 5.28 27.45 -29.34
CA VAL B 750 6.08 26.88 -30.42
C VAL B 750 7.45 26.44 -29.89
N ARG B 751 8.03 27.21 -28.98
CA ARG B 751 9.35 26.89 -28.44
C ARG B 751 9.31 25.80 -27.38
N SER B 752 8.13 25.35 -26.97
CA SER B 752 8.04 24.35 -25.91
C SER B 752 8.62 23.01 -26.37
N PRO B 753 9.34 22.31 -25.50
CA PRO B 753 9.87 20.99 -25.86
C PRO B 753 8.85 19.86 -25.78
N LEU B 754 7.61 20.15 -25.37
CA LEU B 754 6.57 19.15 -25.29
C LEU B 754 5.59 19.21 -26.45
N LEU B 755 5.90 19.98 -27.49
CA LEU B 755 5.00 20.14 -28.63
C LEU B 755 5.15 18.97 -29.60
N GLN B 756 4.04 18.30 -29.90
CA GLN B 756 4.05 17.16 -30.80
C GLN B 756 2.63 16.89 -31.27
N GLY B 757 2.54 16.05 -32.31
CA GLY B 757 1.26 15.48 -32.68
C GLY B 757 0.24 16.51 -33.12
N GLY B 758 -0.95 16.42 -32.52
CA GLY B 758 -2.07 17.24 -32.98
C GLY B 758 -1.84 18.72 -32.78
N ALA B 759 -1.15 19.09 -31.69
CA ALA B 759 -0.89 20.51 -31.44
C ALA B 759 -0.03 21.12 -32.52
N LEU B 760 1.01 20.40 -32.96
CA LEU B 760 1.88 20.91 -34.03
C LEU B 760 1.11 21.07 -35.34
N SER B 761 0.29 20.09 -35.69
CA SER B 761 -0.50 20.17 -36.91
C SER B 761 -1.48 21.33 -36.86
N ALA B 762 -2.13 21.51 -35.70
CA ALA B 762 -3.05 22.64 -35.54
C ALA B 762 -2.32 23.97 -35.66
N MET B 763 -1.11 24.05 -35.09
CA MET B 763 -0.32 25.27 -35.20
C MET B 763 0.02 25.59 -36.65
N LEU B 764 0.44 24.56 -37.40
CA LEU B 764 0.77 24.78 -38.80
C LEU B 764 -0.46 25.20 -39.60
N ASP B 765 -1.60 24.56 -39.34
CA ASP B 765 -2.82 24.94 -40.06
C ASP B 765 -3.23 26.37 -39.73
N PHE B 766 -3.11 26.77 -38.46
CA PHE B 766 -3.44 28.13 -38.09
C PHE B 766 -2.53 29.14 -38.77
N PHE B 767 -1.23 28.85 -38.83
CA PHE B 767 -0.31 29.77 -39.49
C PHE B 767 -0.63 29.89 -40.97
N GLN B 768 -0.91 28.76 -41.63
CA GLN B 768 -1.25 28.80 -43.05
C GLN B 768 -2.54 29.58 -43.29
N ALA B 769 -3.52 29.44 -42.40
CA ALA B 769 -4.77 30.18 -42.56
C ALA B 769 -4.60 31.66 -42.27
N LEU B 770 -3.76 32.00 -41.30
CA LEU B 770 -3.59 33.41 -40.91
C LEU B 770 -2.78 34.20 -41.93
N VAL B 771 -1.74 33.58 -42.51
CA VAL B 771 -0.88 34.33 -43.42
C VAL B 771 -1.61 34.74 -44.70
N VAL B 772 -2.72 34.08 -45.02
CA VAL B 772 -3.42 34.36 -46.28
C VAL B 772 -4.47 35.46 -46.12
N THR B 773 -4.94 35.73 -44.91
CA THR B 773 -6.03 36.69 -44.72
C THR B 773 -5.63 38.09 -45.16
N GLY B 774 -4.41 38.51 -44.84
CA GLY B 774 -3.92 39.81 -45.26
C GLY B 774 -4.03 40.91 -44.24
N THR B 775 -4.31 40.60 -42.98
CA THR B 775 -4.40 41.62 -41.95
C THR B 775 -3.03 42.24 -41.69
N ASN B 776 -3.04 43.51 -41.29
CA ASN B 776 -1.80 44.24 -41.07
C ASN B 776 -1.05 43.71 -39.85
N ASN B 777 0.27 43.88 -39.87
CA ASN B 777 1.17 43.41 -38.82
C ASN B 777 1.14 41.89 -38.69
N LEU B 778 0.49 41.22 -39.62
CA LEU B 778 0.38 39.76 -39.64
C LEU B 778 0.70 39.22 -41.03
N GLY B 779 1.65 39.84 -41.70
CA GLY B 779 2.10 39.38 -43.00
C GLY B 779 3.14 38.30 -42.88
N TYR B 780 3.68 37.91 -44.04
CA TYR B 780 4.69 36.86 -44.09
C TYR B 780 5.95 37.28 -43.34
N MET B 781 6.45 38.49 -43.62
CA MET B 781 7.71 38.94 -43.04
C MET B 781 7.59 39.13 -41.53
N ASP B 782 6.46 39.67 -41.07
CA ASP B 782 6.29 39.92 -39.64
C ASP B 782 6.28 38.61 -38.86
N LEU B 783 5.51 37.62 -39.34
CA LEU B 783 5.47 36.32 -38.67
C LEU B 783 6.84 35.64 -38.73
N LEU B 784 7.53 35.77 -39.87
CA LEU B 784 8.86 35.18 -39.97
C LEU B 784 9.81 35.79 -38.95
N ARG B 785 9.77 37.12 -38.78
CA ARG B 785 10.61 37.76 -37.79
C ARG B 785 10.24 37.34 -36.38
N MET B 786 8.94 37.25 -36.08
CA MET B 786 8.53 36.81 -34.75
C MET B 786 9.02 35.40 -34.46
N LEU B 787 9.02 34.53 -35.47
CA LEU B 787 9.45 33.16 -35.26
C LEU B 787 10.97 33.05 -35.13
N THR B 788 11.72 33.82 -35.91
CA THR B 788 13.17 33.65 -35.99
C THR B 788 13.97 34.68 -35.19
N GLY B 789 13.31 35.57 -34.46
CA GLY B 789 14.01 36.57 -33.68
C GLY B 789 14.88 36.06 -32.54
N PRO B 790 14.36 35.15 -31.70
CA PRO B 790 15.17 34.67 -30.58
C PRO B 790 16.49 34.04 -30.98
N VAL B 791 16.51 33.29 -32.09
CA VAL B 791 17.74 32.64 -32.51
C VAL B 791 18.75 33.65 -33.04
N TYR B 792 18.29 34.60 -33.86
CA TYR B 792 19.22 35.54 -34.48
C TYR B 792 19.73 36.56 -33.47
N SER B 793 18.85 37.11 -32.64
CA SER B 793 19.25 38.19 -31.74
C SER B 793 20.14 37.68 -30.62
N GLN B 794 19.76 36.56 -29.99
CA GLN B 794 20.49 36.06 -28.84
C GLN B 794 21.70 35.26 -29.29
N SER B 795 22.88 35.61 -28.76
CA SER B 795 24.09 34.88 -29.11
C SER B 795 24.06 33.46 -28.56
N THR B 796 23.56 33.29 -27.34
CA THR B 796 23.52 31.97 -26.73
C THR B 796 22.55 31.05 -27.46
N ALA B 797 22.84 29.76 -27.43
CA ALA B 797 22.01 28.77 -28.10
C ALA B 797 20.71 28.53 -27.32
N LEU B 798 19.70 28.06 -28.04
CA LEU B 798 18.43 27.74 -27.41
C LEU B 798 18.58 26.55 -26.47
N THR B 799 17.72 26.50 -25.45
CA THR B 799 17.86 25.49 -24.41
C THR B 799 17.66 24.09 -24.95
N HIS B 800 16.65 23.89 -25.80
CA HIS B 800 16.28 22.57 -26.27
C HIS B 800 16.37 22.48 -27.79
N LYS B 801 16.66 21.27 -28.27
CA LYS B 801 16.82 21.05 -29.71
C LYS B 801 15.48 20.98 -30.44
N GLN B 802 14.41 20.59 -29.75
CA GLN B 802 13.11 20.46 -30.39
C GLN B 802 12.58 21.81 -30.88
N SER B 803 12.99 22.90 -30.23
CA SER B 803 12.55 24.22 -30.62
C SER B 803 12.97 24.55 -32.05
N TYR B 804 14.19 24.17 -32.43
CA TYR B 804 14.66 24.41 -33.79
C TYR B 804 13.78 23.68 -34.80
N TYR B 805 13.43 22.43 -34.52
CA TYR B 805 12.58 21.67 -35.44
C TYR B 805 11.20 22.30 -35.55
N SER B 806 10.61 22.72 -34.43
CA SER B 806 9.29 23.34 -34.48
C SER B 806 9.33 24.64 -35.28
N ILE B 807 10.34 25.47 -35.05
CA ILE B 807 10.45 26.73 -35.79
C ILE B 807 10.66 26.47 -37.27
N ALA B 808 11.47 25.47 -37.61
CA ALA B 808 11.69 25.14 -39.01
C ALA B 808 10.40 24.69 -39.68
N LYS B 809 9.61 23.87 -38.99
CA LYS B 809 8.34 23.42 -39.56
C LYS B 809 7.38 24.59 -39.75
N CYS B 810 7.32 25.50 -38.78
CA CYS B 810 6.45 26.66 -38.94
C CYS B 810 6.88 27.54 -40.11
N VAL B 811 8.18 27.75 -40.25
CA VAL B 811 8.71 28.55 -41.37
C VAL B 811 8.37 27.88 -42.70
N ALA B 812 8.53 26.55 -42.77
CA ALA B 812 8.20 25.83 -43.99
C ALA B 812 6.72 25.96 -44.33
N ALA B 813 5.84 25.87 -43.33
CA ALA B 813 4.41 26.04 -43.57
C ALA B 813 4.09 27.43 -44.09
N LEU B 814 4.68 28.45 -43.47
CA LEU B 814 4.45 29.82 -43.92
C LEU B 814 4.93 30.02 -45.35
N THR B 815 6.09 29.45 -45.69
CA THR B 815 6.60 29.57 -47.05
C THR B 815 5.70 28.84 -48.04
N ARG B 816 5.19 27.66 -47.66
CA ARG B 816 4.30 26.92 -48.54
C ARG B 816 3.02 27.70 -48.81
N ALA B 817 2.52 28.43 -47.81
CA ALA B 817 1.31 29.21 -48.00
C ALA B 817 1.54 30.49 -48.78
N CYS B 818 2.78 30.91 -48.99
CA CYS B 818 3.11 32.12 -49.75
C CYS B 818 4.19 31.79 -50.78
N PRO B 819 3.79 31.17 -51.91
CA PRO B 819 4.80 30.70 -52.88
C PRO B 819 5.59 31.82 -53.54
N LYS B 820 5.08 33.05 -53.58
CA LYS B 820 5.74 34.11 -54.33
C LYS B 820 7.04 34.55 -53.66
N GLU B 821 7.08 34.56 -52.34
CA GLU B 821 8.21 35.10 -51.59
C GLU B 821 9.16 34.02 -51.10
N GLY B 822 9.00 32.78 -51.55
CA GLY B 822 9.86 31.69 -51.13
C GLY B 822 11.32 31.79 -51.55
N PRO B 823 11.58 32.10 -52.84
CA PRO B 823 12.98 32.15 -53.29
C PRO B 823 13.86 33.13 -52.54
N ALA B 824 13.34 34.29 -52.16
CA ALA B 824 14.16 35.24 -51.41
C ALA B 824 14.57 34.67 -50.06
N VAL B 825 13.63 34.01 -49.37
CA VAL B 825 13.94 33.40 -48.08
C VAL B 825 14.95 32.27 -48.24
N VAL B 826 14.79 31.47 -49.29
CA VAL B 826 15.74 30.38 -49.53
C VAL B 826 17.14 30.94 -49.78
N GLY B 827 17.23 31.98 -50.61
CA GLY B 827 18.54 32.59 -50.87
C GLY B 827 19.17 33.16 -49.61
N GLN B 828 18.37 33.85 -48.79
CA GLN B 828 18.89 34.41 -47.55
C GLN B 828 19.37 33.31 -46.61
N PHE B 829 18.63 32.19 -46.54
CA PHE B 829 19.05 31.08 -45.70
C PHE B 829 20.36 30.47 -46.20
N ILE B 830 20.50 30.34 -47.52
CA ILE B 830 21.75 29.81 -48.08
C ILE B 830 22.92 30.74 -47.72
N GLN B 831 22.71 32.04 -47.87
CA GLN B 831 23.76 33.00 -47.53
C GLN B 831 24.11 32.92 -46.05
N ASP B 832 23.11 32.74 -45.19
CA ASP B 832 23.36 32.62 -43.76
C ASP B 832 24.14 31.34 -43.45
N VAL B 833 23.88 30.26 -44.18
CA VAL B 833 24.61 29.02 -43.96
C VAL B 833 26.08 29.20 -44.35
N LYS B 834 26.32 29.75 -45.54
CA LYS B 834 27.71 29.87 -46.01
C LYS B 834 28.33 31.22 -45.63
N ASN B 835 28.26 31.56 -44.34
CA ASN B 835 28.83 32.80 -43.83
C ASN B 835 29.69 32.48 -42.61
N SER B 836 30.90 33.04 -42.58
CA SER B 836 31.82 32.76 -41.47
C SER B 836 31.42 33.48 -40.19
N ARG B 837 30.76 34.63 -40.31
CA ARG B 837 30.35 35.38 -39.13
C ARG B 837 29.16 34.77 -38.40
N SER B 838 28.38 33.93 -39.08
CA SER B 838 27.21 33.33 -38.46
C SER B 838 27.62 32.35 -37.36
N THR B 839 26.81 32.30 -36.31
CA THR B 839 27.09 31.42 -35.18
C THR B 839 26.56 30.01 -35.46
N ASP B 840 26.70 29.13 -34.47
CA ASP B 840 26.23 27.76 -34.64
C ASP B 840 24.70 27.69 -34.61
N SER B 841 24.07 28.54 -33.80
CA SER B 841 22.61 28.53 -33.71
C SER B 841 21.96 28.96 -35.02
N ILE B 842 22.52 29.97 -35.67
CA ILE B 842 21.94 30.45 -36.93
C ILE B 842 22.08 29.40 -38.01
N ARG B 843 23.26 28.76 -38.10
CA ARG B 843 23.48 27.77 -39.16
C ARG B 843 22.56 26.56 -39.00
N LEU B 844 22.38 26.11 -37.76
CA LEU B 844 21.52 24.95 -37.51
C LEU B 844 20.07 25.25 -37.90
N LEU B 845 19.56 26.42 -37.49
CA LEU B 845 18.19 26.78 -37.84
C LEU B 845 18.03 26.95 -39.34
N ALA B 846 19.01 27.57 -39.99
CA ALA B 846 18.92 27.77 -41.43
C ALA B 846 18.93 26.43 -42.18
N LEU B 847 19.79 25.50 -41.75
CA LEU B 847 19.82 24.18 -42.38
C LEU B 847 18.50 23.45 -42.19
N LEU B 848 17.94 23.47 -40.98
CA LEU B 848 16.68 22.79 -40.73
C LEU B 848 15.54 23.42 -41.53
N SER B 849 15.52 24.76 -41.62
CA SER B 849 14.49 25.42 -42.41
C SER B 849 14.62 25.08 -43.89
N LEU B 850 15.85 25.03 -44.40
CA LEU B 850 16.06 24.65 -45.79
C LEU B 850 15.56 23.22 -46.04
N GLY B 851 15.88 22.30 -45.13
CA GLY B 851 15.41 20.93 -45.28
C GLY B 851 13.91 20.82 -45.25
N GLU B 852 13.26 21.57 -44.35
CA GLU B 852 11.81 21.48 -44.24
C GLU B 852 11.12 22.13 -45.44
N VAL B 853 11.66 23.23 -45.95
CA VAL B 853 11.06 23.88 -47.12
C VAL B 853 11.24 23.01 -48.37
N GLY B 854 12.41 22.40 -48.53
CA GLY B 854 12.66 21.58 -49.70
C GLY B 854 11.87 20.30 -49.75
N HIS B 855 11.23 19.91 -48.64
CA HIS B 855 10.46 18.68 -48.61
C HIS B 855 9.28 18.73 -49.58
N HIS B 856 8.60 19.88 -49.64
CA HIS B 856 7.40 20.02 -50.45
C HIS B 856 7.55 20.93 -51.65
N ILE B 857 8.66 21.67 -51.76
CA ILE B 857 8.87 22.63 -52.84
C ILE B 857 10.17 22.29 -53.54
N ASP B 858 10.13 22.24 -54.87
CA ASP B 858 11.32 21.99 -55.65
C ASP B 858 12.29 23.16 -55.55
N LEU B 859 13.55 22.86 -55.21
CA LEU B 859 14.58 23.87 -55.06
C LEU B 859 15.75 23.61 -56.01
N SER B 860 15.48 22.99 -57.15
CA SER B 860 16.54 22.65 -58.10
C SER B 860 17.19 23.92 -58.66
N GLY B 861 16.40 24.93 -58.98
CA GLY B 861 16.93 26.15 -59.55
C GLY B 861 17.58 27.09 -58.54
N GLN B 862 18.64 26.62 -57.88
CA GLN B 862 19.37 27.46 -56.94
C GLN B 862 20.85 27.50 -57.29
N LEU B 863 21.37 26.39 -57.82
CA LEU B 863 22.72 26.27 -58.38
C LEU B 863 23.82 26.38 -57.33
N GLU B 864 23.50 26.59 -56.06
CA GLU B 864 24.50 26.66 -55.01
C GLU B 864 24.13 25.85 -53.78
N LEU B 865 22.91 25.32 -53.71
CA LEU B 865 22.44 24.64 -52.50
C LEU B 865 23.28 23.41 -52.21
N LYS B 866 23.60 22.62 -53.24
CA LYS B 866 24.35 21.39 -53.02
C LYS B 866 25.71 21.67 -52.43
N SER B 867 26.46 22.59 -53.03
CA SER B 867 27.79 22.93 -52.52
C SER B 867 27.71 23.53 -51.13
N VAL B 868 26.75 24.42 -50.90
CA VAL B 868 26.63 25.08 -49.61
C VAL B 868 26.34 24.05 -48.51
N ILE B 869 25.46 23.09 -48.79
CA ILE B 869 25.14 22.07 -47.81
C ILE B 869 26.33 21.14 -47.58
N LEU B 870 26.97 20.70 -48.66
CA LEU B 870 28.07 19.75 -48.53
C LEU B 870 29.27 20.36 -47.82
N GLU B 871 29.44 21.69 -47.92
CA GLU B 871 30.52 22.34 -47.19
C GLU B 871 30.30 22.26 -45.69
N ALA B 872 29.05 22.13 -45.25
CA ALA B 872 28.74 22.11 -43.83
C ALA B 872 29.00 20.76 -43.17
N PHE B 873 29.32 19.71 -43.94
CA PHE B 873 29.63 18.43 -43.34
C PHE B 873 30.90 18.48 -42.50
N SER B 874 31.81 19.39 -42.82
CA SER B 874 33.06 19.56 -42.09
C SER B 874 32.91 20.74 -41.13
N SER B 875 32.29 20.47 -39.99
CA SER B 875 32.07 21.47 -38.95
C SER B 875 32.43 20.88 -37.60
N PRO B 876 32.95 21.69 -36.68
CA PRO B 876 33.27 21.18 -35.34
C PRO B 876 32.05 20.65 -34.59
N SER B 877 30.88 21.25 -34.79
CA SER B 877 29.69 20.87 -34.05
C SER B 877 29.03 19.65 -34.66
N GLU B 878 28.73 18.65 -33.83
CA GLU B 878 28.02 17.47 -34.30
C GLU B 878 26.59 17.81 -34.71
N GLU B 879 25.97 18.76 -34.00
CA GLU B 879 24.59 19.13 -34.32
C GLU B 879 24.49 19.70 -35.73
N VAL B 880 25.45 20.53 -36.13
CA VAL B 880 25.42 21.12 -37.47
C VAL B 880 25.59 20.02 -38.52
N LYS B 881 26.47 19.05 -38.27
CA LYS B 881 26.66 17.95 -39.21
C LYS B 881 25.39 17.13 -39.37
N SER B 882 24.72 16.81 -38.25
CA SER B 882 23.48 16.06 -38.32
C SER B 882 22.41 16.85 -39.05
N ALA B 883 22.32 18.15 -38.78
CA ALA B 883 21.34 18.99 -39.48
C ALA B 883 21.62 19.05 -40.97
N ALA B 884 22.89 19.13 -41.36
CA ALA B 884 23.24 19.16 -42.77
C ALA B 884 22.85 17.85 -43.46
N SER B 885 23.11 16.72 -42.82
CA SER B 885 22.70 15.44 -43.39
C SER B 885 21.18 15.37 -43.52
N TYR B 886 20.46 15.81 -42.49
CA TYR B 886 19.00 15.81 -42.55
C TYR B 886 18.49 16.69 -43.67
N ALA B 887 19.08 17.87 -43.84
CA ALA B 887 18.64 18.79 -44.89
C ALA B 887 18.91 18.20 -46.27
N LEU B 888 20.09 17.59 -46.46
CA LEU B 888 20.40 16.98 -47.74
C LEU B 888 19.43 15.84 -48.05
N GLY B 889 19.07 15.06 -47.04
CA GLY B 889 18.07 14.03 -47.26
C GLY B 889 16.70 14.60 -47.60
N SER B 890 16.29 15.64 -46.88
CA SER B 890 14.93 16.16 -47.04
C SER B 890 14.74 16.86 -48.38
N ILE B 891 15.72 17.65 -48.81
CA ILE B 891 15.58 18.38 -50.06
C ILE B 891 15.51 17.44 -51.26
N SER B 892 16.13 16.26 -51.18
CA SER B 892 16.07 15.31 -52.27
C SER B 892 14.67 14.77 -52.51
N VAL B 893 13.80 14.82 -51.50
CA VAL B 893 12.44 14.30 -51.67
C VAL B 893 11.65 15.17 -52.64
N GLY B 894 11.89 16.48 -52.62
CA GLY B 894 11.15 17.38 -53.50
C GLY B 894 11.37 17.09 -54.97
N ASN B 895 12.62 16.84 -55.36
CA ASN B 895 12.96 16.50 -56.74
C ASN B 895 13.89 15.29 -56.71
N LEU B 896 13.30 14.10 -56.71
CA LEU B 896 14.10 12.87 -56.68
C LEU B 896 14.98 12.68 -57.91
N PRO B 897 14.49 12.83 -59.14
CA PRO B 897 15.33 12.45 -60.31
C PRO B 897 16.65 13.17 -60.40
N GLU B 898 16.73 14.44 -60.02
CA GLU B 898 17.97 15.20 -60.13
C GLU B 898 18.72 15.31 -58.82
N TYR B 899 18.25 14.66 -57.75
CA TYR B 899 18.95 14.67 -56.47
C TYR B 899 19.44 13.29 -56.05
N LEU B 900 18.61 12.26 -56.15
CA LEU B 900 19.02 10.93 -55.71
C LEU B 900 20.27 10.42 -56.45
N PRO B 901 20.37 10.53 -57.78
CA PRO B 901 21.63 10.13 -58.43
C PRO B 901 22.85 10.87 -57.91
N PHE B 902 22.71 12.14 -57.55
CA PHE B 902 23.83 12.89 -57.00
C PHE B 902 24.31 12.26 -55.70
N VAL B 903 23.39 11.94 -54.80
CA VAL B 903 23.77 11.33 -53.54
C VAL B 903 24.38 9.95 -53.76
N LEU B 904 23.77 9.16 -54.66
CA LEU B 904 24.29 7.81 -54.91
C LEU B 904 25.70 7.86 -55.48
N GLN B 905 25.96 8.80 -56.39
CA GLN B 905 27.31 8.96 -56.92
C GLN B 905 28.27 9.46 -55.86
N GLU B 906 27.84 10.41 -55.02
CA GLU B 906 28.72 11.01 -54.04
C GLU B 906 29.08 10.06 -52.91
N ILE B 907 28.25 9.06 -52.63
CA ILE B 907 28.62 8.08 -51.61
C ILE B 907 29.89 7.36 -51.99
N THR B 908 30.00 6.94 -53.26
CA THR B 908 31.20 6.27 -53.75
C THR B 908 32.28 7.24 -54.21
N SER B 909 31.94 8.52 -54.42
CA SER B 909 32.92 9.47 -54.94
C SER B 909 34.04 9.73 -53.95
N GLN B 910 33.69 10.05 -52.70
CA GLN B 910 34.69 10.31 -51.67
C GLN B 910 34.33 9.55 -50.40
N PRO B 911 35.21 8.70 -49.88
CA PRO B 911 34.91 8.00 -48.63
C PRO B 911 35.12 8.84 -47.38
N LYS B 912 35.62 10.08 -47.52
CA LYS B 912 35.89 10.90 -46.35
C LYS B 912 34.60 11.20 -45.58
N ARG B 913 33.53 11.54 -46.29
CA ARG B 913 32.24 11.80 -45.68
C ARG B 913 31.21 10.88 -46.36
N GLN B 914 31.10 9.66 -45.84
CA GLN B 914 30.08 8.73 -46.30
C GLN B 914 29.22 8.19 -45.17
N TYR B 915 29.56 8.47 -43.90
CA TYR B 915 28.69 8.16 -42.78
C TYR B 915 27.51 9.11 -42.69
N LEU B 916 27.62 10.30 -43.28
CA LEU B 916 26.54 11.28 -43.27
C LEU B 916 25.66 11.19 -44.52
N LEU B 917 26.28 10.92 -45.68
CA LEU B 917 25.48 10.73 -46.89
C LEU B 917 24.60 9.49 -46.79
N LEU B 918 25.05 8.47 -46.08
CA LEU B 918 24.22 7.30 -45.87
C LEU B 918 23.04 7.62 -44.95
N HIS B 919 23.25 8.49 -43.97
CA HIS B 919 22.12 8.96 -43.15
C HIS B 919 21.14 9.77 -43.99
N SER B 920 21.67 10.58 -44.91
CA SER B 920 20.80 11.31 -45.83
C SER B 920 19.97 10.35 -46.68
N LEU B 921 20.60 9.30 -47.19
CA LEU B 921 19.87 8.30 -47.97
C LEU B 921 18.83 7.59 -47.13
N LYS B 922 19.15 7.32 -45.85
CA LYS B 922 18.18 6.72 -44.94
C LYS B 922 16.96 7.62 -44.77
N GLU B 923 17.18 8.92 -44.60
CA GLU B 923 16.06 9.84 -44.47
C GLU B 923 15.25 9.88 -45.76
N ILE B 924 15.93 9.83 -46.91
CA ILE B 924 15.22 9.81 -48.20
C ILE B 924 14.32 8.59 -48.29
N ILE B 925 14.85 7.42 -47.92
CA ILE B 925 14.07 6.19 -47.99
C ILE B 925 12.89 6.25 -47.03
N SER B 926 13.11 6.80 -45.84
CA SER B 926 12.05 6.80 -44.83
C SER B 926 10.95 7.81 -45.15
N SER B 927 11.28 8.92 -45.81
CA SER B 927 10.33 10.01 -45.99
C SER B 927 10.07 10.33 -47.46
N ALA B 928 9.84 9.30 -48.29
CA ALA B 928 9.51 9.49 -49.69
C ALA B 928 8.31 8.63 -50.06
N SER B 929 7.66 9.00 -51.15
CA SER B 929 6.49 8.26 -51.62
C SER B 929 6.90 6.92 -52.21
N VAL B 930 6.00 5.95 -52.14
CA VAL B 930 6.26 4.63 -52.70
C VAL B 930 6.36 4.71 -54.22
N VAL B 931 5.54 5.56 -54.84
CA VAL B 931 5.57 5.70 -56.29
C VAL B 931 6.91 6.26 -56.75
N GLY B 932 7.42 7.27 -56.05
CA GLY B 932 8.64 7.92 -56.48
C GLY B 932 9.87 7.03 -56.41
N LEU B 933 9.96 6.21 -55.36
CA LEU B 933 11.17 5.43 -55.13
C LEU B 933 11.21 4.12 -55.91
N LYS B 934 10.11 3.73 -56.57
CA LYS B 934 10.10 2.45 -57.28
C LYS B 934 11.14 2.36 -58.39
N PRO B 935 11.35 3.36 -59.25
CA PRO B 935 12.41 3.22 -60.28
C PRO B 935 13.80 3.01 -59.72
N TYR B 936 14.12 3.59 -58.56
CA TYR B 936 15.49 3.61 -58.04
C TYR B 936 15.75 2.50 -57.03
N VAL B 937 14.80 1.59 -56.82
CA VAL B 937 14.97 0.53 -55.84
C VAL B 937 16.16 -0.35 -56.21
N GLU B 938 16.26 -0.72 -57.49
CA GLU B 938 17.37 -1.58 -57.92
C GLU B 938 18.71 -0.90 -57.75
N ASN B 939 18.80 0.40 -58.09
CA ASN B 939 20.05 1.12 -57.93
C ASN B 939 20.46 1.19 -56.46
N ILE B 940 19.52 1.51 -55.58
CA ILE B 940 19.85 1.59 -54.16
C ILE B 940 20.25 0.23 -53.62
N TRP B 941 19.56 -0.84 -54.05
CA TRP B 941 19.90 -2.17 -53.60
C TRP B 941 21.30 -2.57 -54.04
N ALA B 942 21.65 -2.27 -55.30
CA ALA B 942 22.99 -2.58 -55.79
C ALA B 942 24.05 -1.80 -55.04
N LEU B 943 23.77 -0.53 -54.73
CA LEU B 943 24.75 0.28 -54.00
C LEU B 943 24.91 -0.21 -52.57
N LEU B 944 23.83 -0.66 -51.94
CA LEU B 944 23.91 -1.09 -50.55
C LEU B 944 24.57 -2.47 -50.40
N LEU B 945 24.35 -3.38 -51.35
CA LEU B 945 24.96 -4.70 -51.24
C LEU B 945 26.48 -4.60 -51.27
N LYS B 946 27.03 -3.67 -52.05
CA LYS B 946 28.47 -3.52 -52.13
C LYS B 946 29.05 -3.02 -50.81
N HIS B 947 28.31 -2.20 -50.07
CA HIS B 947 28.79 -1.65 -48.81
C HIS B 947 28.40 -2.49 -47.60
N CYS B 948 27.58 -3.54 -47.78
CA CYS B 948 27.29 -4.42 -46.66
C CYS B 948 28.56 -5.00 -46.04
N GLU B 949 29.59 -5.23 -46.84
CA GLU B 949 30.87 -5.76 -46.35
C GLU B 949 31.84 -4.58 -46.23
N CYS B 950 31.78 -3.90 -45.09
CA CYS B 950 32.63 -2.74 -44.83
C CYS B 950 33.42 -2.96 -43.55
N ALA B 951 34.69 -2.56 -43.58
CA ALA B 951 35.55 -2.77 -42.42
C ALA B 951 35.14 -1.87 -41.26
N GLU B 952 34.80 -0.60 -41.54
CA GLU B 952 34.49 0.36 -40.50
C GLU B 952 33.10 0.10 -39.96
N GLU B 953 33.02 -0.40 -38.72
CA GLU B 953 31.73 -0.55 -38.07
C GLU B 953 31.13 0.83 -37.78
N GLY B 954 29.81 0.90 -37.88
CA GLY B 954 29.12 2.17 -37.78
C GLY B 954 28.54 2.54 -39.14
N THR B 955 29.33 2.32 -40.18
CA THR B 955 28.81 2.42 -41.54
C THR B 955 27.94 1.21 -41.87
N ARG B 956 28.33 0.04 -41.38
CA ARG B 956 27.57 -1.17 -41.62
C ARG B 956 26.18 -1.09 -41.00
N ASN B 957 26.07 -0.52 -39.80
CA ASN B 957 24.77 -0.39 -39.15
C ASN B 957 23.83 0.49 -39.96
N VAL B 958 24.33 1.63 -40.45
CA VAL B 958 23.51 2.52 -41.27
C VAL B 958 23.11 1.83 -42.56
N VAL B 959 24.05 1.10 -43.18
CA VAL B 959 23.74 0.40 -44.43
C VAL B 959 22.64 -0.64 -44.20
N VAL B 960 22.75 -1.39 -43.10
CA VAL B 960 21.75 -2.42 -42.80
C VAL B 960 20.40 -1.79 -42.52
N GLU B 961 20.37 -0.68 -41.79
CA GLU B 961 19.11 0.01 -41.53
C GLU B 961 18.47 0.49 -42.83
N CYS B 962 19.28 1.06 -43.73
CA CYS B 962 18.77 1.48 -45.02
C CYS B 962 18.19 0.31 -45.80
N LEU B 963 18.90 -0.83 -45.79
CA LEU B 963 18.42 -2.01 -46.50
C LEU B 963 17.09 -2.50 -45.94
N GLY B 964 16.98 -2.53 -44.61
CA GLY B 964 15.74 -2.96 -43.99
C GLY B 964 14.58 -2.04 -44.27
N LYS B 965 14.83 -0.73 -44.25
CA LYS B 965 13.78 0.22 -44.60
C LYS B 965 13.38 0.10 -46.07
N LEU B 966 14.35 -0.17 -46.95
CA LEU B 966 14.04 -0.33 -48.37
C LEU B 966 13.24 -1.61 -48.62
N THR B 967 13.41 -2.63 -47.78
CA THR B 967 12.64 -3.85 -47.93
C THR B 967 11.14 -3.58 -47.79
N LEU B 968 10.76 -2.68 -46.88
CA LEU B 968 9.35 -2.41 -46.65
C LEU B 968 8.65 -1.87 -47.90
N ILE B 969 9.38 -1.20 -48.77
CA ILE B 969 8.84 -0.75 -50.05
C ILE B 969 8.90 -1.93 -51.03
N ASP B 970 7.73 -2.41 -51.46
CA ASP B 970 7.60 -3.58 -52.31
C ASP B 970 8.24 -4.79 -51.64
N PRO B 971 7.65 -5.32 -50.56
CA PRO B 971 8.27 -6.46 -49.87
C PRO B 971 8.07 -7.80 -50.56
N GLU B 972 7.18 -7.88 -51.55
CA GLU B 972 6.92 -9.15 -52.22
C GLU B 972 8.16 -9.66 -52.95
N THR B 973 8.87 -8.77 -53.63
CA THR B 973 10.01 -9.16 -54.45
C THR B 973 11.35 -8.93 -53.75
N LEU B 974 11.35 -8.53 -52.49
CA LEU B 974 12.59 -8.22 -51.79
C LEU B 974 12.91 -9.17 -50.64
N LEU B 975 11.90 -9.66 -49.93
CA LEU B 975 12.17 -10.67 -48.90
C LEU B 975 12.83 -11.92 -49.44
N PRO B 976 12.42 -12.49 -50.58
CA PRO B 976 13.17 -13.63 -51.13
C PRO B 976 14.63 -13.29 -51.44
N ARG B 977 14.90 -12.06 -51.88
CA ARG B 977 16.29 -11.68 -52.16
C ARG B 977 17.13 -11.73 -50.89
N LEU B 978 16.60 -11.19 -49.78
CA LEU B 978 17.31 -11.28 -48.51
C LEU B 978 17.43 -12.72 -48.05
N LYS B 979 16.37 -13.51 -48.22
CA LYS B 979 16.36 -14.88 -47.75
C LYS B 979 17.37 -15.74 -48.52
N GLY B 980 17.67 -15.37 -49.76
CA GLY B 980 18.61 -16.14 -50.56
C GLY B 980 20.06 -16.00 -50.17
N TYR B 981 20.38 -15.09 -49.26
CA TYR B 981 21.76 -14.88 -48.84
C TYR B 981 22.16 -15.77 -47.67
N LEU B 982 21.21 -16.38 -46.97
CA LEU B 982 21.54 -17.24 -45.84
C LEU B 982 22.22 -18.52 -46.30
N ILE B 983 21.74 -19.11 -47.41
CA ILE B 983 22.27 -20.39 -47.86
C ILE B 983 23.73 -20.26 -48.27
N SER B 984 24.04 -19.26 -49.08
CA SER B 984 25.39 -19.05 -49.57
C SER B 984 25.78 -17.58 -49.39
N GLY B 985 26.98 -17.36 -48.89
CA GLY B 985 27.47 -16.02 -48.69
C GLY B 985 28.58 -15.99 -47.68
N SER B 986 29.13 -14.79 -47.48
CA SER B 986 30.18 -14.58 -46.50
C SER B 986 29.57 -14.43 -45.11
N SER B 987 30.44 -14.33 -44.11
CA SER B 987 29.97 -14.13 -42.74
C SER B 987 29.27 -12.79 -42.58
N TYR B 988 29.77 -11.76 -43.26
CA TYR B 988 29.18 -10.43 -43.14
C TYR B 988 27.77 -10.39 -43.72
N ALA B 989 27.55 -11.05 -44.86
CA ALA B 989 26.25 -10.96 -45.53
C ALA B 989 25.13 -11.57 -44.70
N ARG B 990 25.39 -12.73 -44.06
CA ARG B 990 24.36 -13.40 -43.28
C ARG B 990 23.92 -12.53 -42.11
N SER B 991 24.88 -12.04 -41.33
CA SER B 991 24.53 -11.16 -40.22
C SER B 991 23.87 -9.88 -40.72
N SER B 992 24.27 -9.40 -41.88
CA SER B 992 23.66 -8.19 -42.44
C SER B 992 22.18 -8.40 -42.71
N VAL B 993 21.83 -9.48 -43.40
CA VAL B 993 20.42 -9.71 -43.73
C VAL B 993 19.61 -10.02 -42.47
N VAL B 994 20.22 -10.76 -41.53
CA VAL B 994 19.50 -11.06 -40.29
C VAL B 994 19.21 -9.78 -39.52
N THR B 995 20.17 -8.86 -39.46
CA THR B 995 19.91 -7.56 -38.82
C THR B 995 18.87 -6.77 -39.58
N ALA B 996 18.94 -6.78 -40.92
CA ALA B 996 18.02 -5.98 -41.72
C ALA B 996 16.58 -6.46 -41.56
N VAL B 997 16.38 -7.75 -41.28
CA VAL B 997 15.03 -8.26 -41.07
C VAL B 997 14.39 -7.59 -39.86
N LYS B 998 15.16 -7.38 -38.79
CA LYS B 998 14.59 -6.88 -37.54
C LYS B 998 14.08 -5.45 -37.66
N PHE B 999 14.48 -4.70 -38.68
CA PHE B 999 13.98 -3.34 -38.86
C PHE B 999 12.61 -3.29 -39.50
N THR B 1000 12.07 -4.42 -39.94
CA THR B 1000 10.74 -4.50 -40.52
C THR B 1000 9.67 -4.85 -39.50
N ILE B 1001 10.04 -5.00 -38.22
CA ILE B 1001 9.10 -5.36 -37.17
C ILE B 1001 8.66 -4.10 -36.44
N SER B 1002 7.35 -3.94 -36.27
CA SER B 1002 6.78 -2.79 -35.59
C SER B 1002 5.69 -3.24 -34.65
N ASP B 1003 5.42 -2.42 -33.63
CA ASP B 1003 4.38 -2.75 -32.66
C ASP B 1003 3.00 -2.78 -33.32
N HIS B 1004 2.71 -1.81 -34.18
CA HIS B 1004 1.44 -1.75 -34.87
C HIS B 1004 1.40 -2.76 -36.02
N PRO B 1005 0.21 -3.23 -36.37
CA PRO B 1005 0.10 -4.15 -37.53
C PRO B 1005 0.54 -3.47 -38.82
N GLN B 1006 1.19 -4.24 -39.68
CA GLN B 1006 1.74 -3.76 -40.93
C GLN B 1006 1.37 -4.72 -42.06
N PRO B 1007 1.33 -4.22 -43.30
CA PRO B 1007 1.03 -5.12 -44.43
C PRO B 1007 2.04 -6.23 -44.61
N ILE B 1008 3.28 -6.06 -44.15
CA ILE B 1008 4.32 -7.08 -44.32
C ILE B 1008 4.12 -8.24 -43.36
N ASP B 1009 3.21 -8.12 -42.38
CA ASP B 1009 3.08 -9.14 -41.33
C ASP B 1009 2.78 -10.53 -41.87
N PRO B 1010 1.84 -10.74 -42.79
CA PRO B 1010 1.62 -12.11 -43.29
C PRO B 1010 2.84 -12.70 -43.98
N LEU B 1011 3.63 -11.89 -44.68
CA LEU B 1011 4.80 -12.41 -45.36
C LEU B 1011 5.90 -12.80 -44.38
N LEU B 1012 6.08 -12.00 -43.32
CA LEU B 1012 7.17 -12.23 -42.39
C LEU B 1012 6.95 -13.48 -41.54
N LYS B 1013 5.69 -13.80 -41.25
CA LYS B 1013 5.42 -14.95 -40.38
C LYS B 1013 5.81 -16.26 -41.03
N ASN B 1014 5.68 -16.35 -42.37
CA ASN B 1014 6.07 -17.56 -43.07
C ASN B 1014 7.58 -17.69 -43.23
N CYS B 1015 8.31 -16.58 -43.24
CA CYS B 1015 9.71 -16.59 -43.62
C CYS B 1015 10.68 -16.34 -42.46
N ILE B 1016 10.19 -15.96 -41.28
CA ILE B 1016 11.12 -15.64 -40.20
C ILE B 1016 11.77 -16.90 -39.61
N GLY B 1017 11.19 -18.07 -39.83
CA GLY B 1017 11.80 -19.30 -39.33
C GLY B 1017 13.15 -19.58 -39.96
N ASP B 1018 13.24 -19.37 -41.27
CA ASP B 1018 14.51 -19.59 -41.96
C ASP B 1018 15.57 -18.59 -41.53
N PHE B 1019 15.16 -17.38 -41.12
CA PHE B 1019 16.11 -16.43 -40.57
C PHE B 1019 16.56 -16.84 -39.18
N LEU B 1020 15.62 -17.25 -38.33
CA LEU B 1020 15.97 -17.70 -36.98
C LEU B 1020 16.74 -19.01 -36.99
N LYS B 1021 16.75 -19.73 -38.12
CA LYS B 1021 17.57 -20.93 -38.23
C LYS B 1021 19.05 -20.65 -38.06
N THR B 1022 19.48 -19.40 -38.21
CA THR B 1022 20.89 -19.04 -38.09
C THR B 1022 21.39 -19.07 -36.64
N LEU B 1023 20.56 -19.50 -35.68
CA LEU B 1023 21.02 -19.63 -34.31
C LEU B 1023 22.00 -20.79 -34.13
N GLU B 1024 22.14 -21.66 -35.13
CA GLU B 1024 23.10 -22.75 -35.11
C GLU B 1024 24.34 -22.47 -35.95
N ASP B 1025 24.50 -21.23 -36.41
CA ASP B 1025 25.60 -20.90 -37.29
C ASP B 1025 26.94 -21.05 -36.58
N PRO B 1026 27.97 -21.58 -37.25
CA PRO B 1026 29.29 -21.65 -36.61
C PRO B 1026 29.87 -20.31 -36.26
N ASP B 1027 29.56 -19.25 -37.01
CA ASP B 1027 30.12 -17.94 -36.75
C ASP B 1027 29.62 -17.39 -35.42
N LEU B 1028 30.50 -16.64 -34.74
CA LEU B 1028 30.18 -16.14 -33.41
C LEU B 1028 29.21 -14.95 -33.48
N ASN B 1029 29.37 -14.09 -34.49
CA ASN B 1029 28.56 -12.87 -34.56
C ASN B 1029 27.15 -13.17 -35.05
N VAL B 1030 27.00 -14.13 -35.95
CA VAL B 1030 25.68 -14.42 -36.53
C VAL B 1030 24.71 -14.88 -35.45
N ARG B 1031 25.20 -15.68 -34.49
CA ARG B 1031 24.33 -16.12 -33.41
C ARG B 1031 23.87 -14.96 -32.55
N ARG B 1032 24.77 -14.01 -32.27
CA ARG B 1032 24.40 -12.83 -31.49
C ARG B 1032 23.35 -11.99 -32.23
N VAL B 1033 23.53 -11.82 -33.54
CA VAL B 1033 22.55 -11.07 -34.32
C VAL B 1033 21.20 -11.78 -34.33
N ALA B 1034 21.21 -13.11 -34.45
CA ALA B 1034 19.97 -13.86 -34.42
C ALA B 1034 19.26 -13.72 -33.07
N LEU B 1035 20.03 -13.76 -31.98
CA LEU B 1035 19.44 -13.57 -30.66
C LEU B 1035 18.82 -12.18 -30.53
N VAL B 1036 19.50 -11.16 -31.03
CA VAL B 1036 18.95 -9.80 -30.97
C VAL B 1036 17.65 -9.70 -31.77
N THR B 1037 17.63 -10.30 -32.96
CA THR B 1037 16.41 -10.28 -33.77
C THR B 1037 15.28 -11.02 -33.08
N PHE B 1038 15.57 -12.16 -32.46
CA PHE B 1038 14.55 -12.89 -31.72
C PHE B 1038 14.01 -12.07 -30.56
N ASN B 1039 14.88 -11.36 -29.84
CA ASN B 1039 14.44 -10.51 -28.75
C ASN B 1039 13.53 -9.40 -29.26
N SER B 1040 13.90 -8.78 -30.37
CA SER B 1040 13.08 -7.72 -30.94
C SER B 1040 11.70 -8.26 -31.34
N ALA B 1041 11.66 -9.42 -31.97
CA ALA B 1041 10.39 -10.02 -32.36
C ALA B 1041 9.54 -10.36 -31.14
N ALA B 1042 10.16 -10.88 -30.08
CA ALA B 1042 9.42 -11.22 -28.88
C ALA B 1042 8.85 -9.97 -28.22
N HIS B 1043 9.62 -8.89 -28.16
CA HIS B 1043 9.17 -7.69 -27.48
C HIS B 1043 8.07 -6.97 -28.27
N ASN B 1044 8.26 -6.83 -29.58
CA ASN B 1044 7.36 -5.99 -30.38
C ASN B 1044 6.11 -6.75 -30.83
N LYS B 1045 6.29 -7.84 -31.56
CA LYS B 1045 5.17 -8.63 -32.10
C LYS B 1045 5.35 -10.08 -31.70
N PRO B 1046 4.90 -10.46 -30.49
CA PRO B 1046 5.10 -11.85 -30.04
C PRO B 1046 4.30 -12.87 -30.84
N SER B 1047 3.31 -12.44 -31.62
CA SER B 1047 2.43 -13.36 -32.33
C SER B 1047 3.11 -14.09 -33.47
N LEU B 1048 4.31 -13.67 -33.88
CA LEU B 1048 4.99 -14.29 -35.01
C LEU B 1048 6.15 -15.18 -34.61
N ILE B 1049 6.32 -15.48 -33.31
CA ILE B 1049 7.30 -16.45 -32.87
C ILE B 1049 6.71 -17.48 -31.90
N ARG B 1050 5.43 -17.38 -31.57
CA ARG B 1050 4.85 -18.29 -30.59
C ARG B 1050 4.86 -19.74 -31.10
N ASP B 1051 4.59 -19.93 -32.39
CA ASP B 1051 4.58 -21.26 -32.97
C ASP B 1051 5.97 -21.83 -33.20
N LEU B 1052 7.01 -20.99 -33.13
CA LEU B 1052 8.39 -21.44 -33.35
C LEU B 1052 9.14 -21.69 -32.06
N LEU B 1053 8.48 -21.56 -30.91
CA LEU B 1053 9.19 -21.71 -29.64
C LEU B 1053 9.71 -23.12 -29.45
N ASP B 1054 8.90 -24.13 -29.80
CA ASP B 1054 9.32 -25.51 -29.61
C ASP B 1054 10.55 -25.86 -30.42
N THR B 1055 10.87 -25.08 -31.45
CA THR B 1055 12.05 -25.31 -32.27
C THR B 1055 13.21 -24.38 -31.93
N VAL B 1056 12.94 -23.18 -31.41
CA VAL B 1056 14.01 -22.23 -31.13
C VAL B 1056 14.48 -22.25 -29.67
N LEU B 1057 13.69 -22.81 -28.75
CA LEU B 1057 14.07 -22.79 -27.34
C LEU B 1057 15.34 -23.57 -27.04
N PRO B 1058 15.55 -24.80 -27.55
CA PRO B 1058 16.82 -25.50 -27.24
C PRO B 1058 18.05 -24.74 -27.67
N HIS B 1059 18.04 -24.13 -28.86
CA HIS B 1059 19.19 -23.38 -29.32
C HIS B 1059 19.42 -22.15 -28.47
N LEU B 1060 18.35 -21.48 -28.03
CA LEU B 1060 18.47 -20.34 -27.15
C LEU B 1060 19.06 -20.75 -25.80
N TYR B 1061 18.62 -21.89 -25.27
CA TYR B 1061 19.16 -22.37 -23.99
C TYR B 1061 20.61 -22.80 -24.12
N ASN B 1062 21.03 -23.26 -25.31
CA ASN B 1062 22.40 -23.67 -25.51
C ASN B 1062 23.36 -22.48 -25.39
N GLU B 1063 22.92 -21.29 -25.79
CA GLU B 1063 23.76 -20.11 -25.73
C GLU B 1063 24.08 -19.66 -24.30
N THR B 1064 23.36 -20.19 -23.31
CA THR B 1064 23.63 -19.85 -21.92
C THR B 1064 24.92 -20.47 -21.41
N LYS B 1065 25.42 -21.52 -22.07
CA LYS B 1065 26.61 -22.22 -21.62
C LYS B 1065 27.83 -21.29 -21.67
N VAL B 1066 28.89 -21.72 -20.97
CA VAL B 1066 30.03 -20.83 -20.70
C VAL B 1066 31.02 -20.81 -21.85
N ARG B 1067 31.32 -21.96 -22.46
CA ARG B 1067 32.32 -22.06 -23.54
C ARG B 1067 33.70 -21.60 -23.06
N LYS B 1068 34.26 -22.41 -22.16
CA LYS B 1068 35.58 -22.12 -21.59
C LYS B 1068 36.66 -21.88 -22.62
N GLU B 1069 36.47 -22.34 -23.86
CA GLU B 1069 37.48 -22.13 -24.90
C GLU B 1069 37.56 -20.69 -25.38
N LEU B 1070 36.60 -19.85 -25.04
CA LEU B 1070 36.57 -18.46 -25.47
C LEU B 1070 37.15 -17.51 -24.44
N ILE B 1071 37.66 -18.02 -23.32
CA ILE B 1071 38.20 -17.19 -22.25
C ILE B 1071 39.71 -17.18 -22.35
N ARG B 1072 40.30 -16.01 -22.58
CA ARG B 1072 41.73 -15.84 -22.60
C ARG B 1072 42.13 -14.90 -21.46
N GLU B 1073 43.32 -15.11 -20.93
CA GLU B 1073 43.72 -14.46 -19.69
C GLU B 1073 45.13 -13.89 -19.81
N VAL B 1074 45.33 -12.69 -19.29
CA VAL B 1074 46.62 -12.03 -19.27
C VAL B 1074 47.04 -11.82 -17.82
N GLU B 1075 48.31 -12.09 -17.53
CA GLU B 1075 48.85 -11.99 -16.18
C GLU B 1075 50.03 -11.02 -16.18
N MET B 1076 49.97 -10.03 -15.28
CA MET B 1076 51.04 -9.06 -15.11
C MET B 1076 51.45 -9.10 -13.63
N GLY B 1077 52.51 -9.87 -13.34
CA GLY B 1077 52.97 -10.05 -11.98
C GLY B 1077 51.94 -10.74 -11.11
N PRO B 1078 51.72 -10.19 -9.92
CA PRO B 1078 50.72 -10.77 -9.01
C PRO B 1078 49.28 -10.42 -9.33
N PHE B 1079 49.01 -9.83 -10.50
CA PHE B 1079 47.68 -9.36 -10.84
C PHE B 1079 47.12 -10.16 -12.00
N LYS B 1080 45.80 -10.35 -11.97
CA LYS B 1080 45.12 -11.32 -12.81
C LYS B 1080 43.96 -10.64 -13.52
N HIS B 1081 43.94 -10.72 -14.85
CA HIS B 1081 42.94 -10.07 -15.68
C HIS B 1081 42.30 -11.11 -16.60
N THR B 1082 40.97 -11.17 -16.57
CA THR B 1082 40.20 -12.13 -17.36
C THR B 1082 39.33 -11.38 -18.35
N VAL B 1083 39.39 -11.78 -19.62
CA VAL B 1083 38.50 -11.26 -20.65
C VAL B 1083 37.80 -12.43 -21.33
N ASP B 1084 36.48 -12.32 -21.46
CA ASP B 1084 35.64 -13.39 -21.99
C ASP B 1084 35.03 -12.93 -23.30
N ASP B 1085 35.24 -13.70 -24.38
CA ASP B 1085 34.71 -13.35 -25.68
C ASP B 1085 33.27 -13.80 -25.88
N GLY B 1086 32.73 -14.62 -24.97
CA GLY B 1086 31.37 -15.10 -25.07
C GLY B 1086 30.38 -14.46 -24.12
N LEU B 1087 30.75 -13.35 -23.47
CA LEU B 1087 29.85 -12.73 -22.51
C LEU B 1087 28.65 -12.09 -23.19
N ASP B 1088 28.87 -11.49 -24.37
CA ASP B 1088 27.78 -10.79 -25.05
C ASP B 1088 26.67 -11.75 -25.48
N ILE B 1089 27.04 -12.93 -25.97
CA ILE B 1089 26.03 -13.89 -26.40
C ILE B 1089 25.25 -14.41 -25.20
N ARG B 1090 25.92 -14.69 -24.09
CA ARG B 1090 25.21 -15.11 -22.88
C ARG B 1090 24.26 -14.04 -22.40
N LYS B 1091 24.70 -12.78 -22.43
CA LYS B 1091 23.85 -11.68 -22.02
C LYS B 1091 22.63 -11.56 -22.93
N ALA B 1092 22.82 -11.71 -24.24
CA ALA B 1092 21.70 -11.65 -25.17
C ALA B 1092 20.71 -12.79 -24.94
N ALA B 1093 21.23 -13.99 -24.67
CA ALA B 1093 20.35 -15.13 -24.39
C ALA B 1093 19.53 -14.88 -23.13
N PHE B 1094 20.17 -14.36 -22.08
CA PHE B 1094 19.42 -14.05 -20.86
C PHE B 1094 18.42 -12.93 -21.08
N GLU B 1095 18.75 -11.94 -21.90
CA GLU B 1095 17.78 -10.90 -22.21
C GLU B 1095 16.56 -11.47 -22.93
N CYS B 1096 16.80 -12.40 -23.87
CA CYS B 1096 15.68 -13.06 -24.54
C CYS B 1096 14.83 -13.84 -23.53
N MET B 1097 15.48 -14.55 -22.61
CA MET B 1097 14.74 -15.29 -21.59
C MET B 1097 13.89 -14.35 -20.74
N TYR B 1098 14.45 -13.21 -20.35
CA TYR B 1098 13.69 -12.23 -19.57
C TYR B 1098 12.50 -11.71 -20.37
N THR B 1099 12.71 -11.40 -21.65
CA THR B 1099 11.62 -10.89 -22.48
C THR B 1099 10.51 -11.91 -22.63
N LEU B 1100 10.85 -13.19 -22.61
CA LEU B 1100 9.82 -14.23 -22.79
C LEU B 1100 8.80 -14.25 -21.65
N LEU B 1101 9.12 -13.70 -20.48
CA LEU B 1101 8.19 -13.76 -19.35
C LEU B 1101 6.91 -12.98 -19.63
N ASP B 1102 7.03 -11.79 -20.21
CA ASP B 1102 5.88 -10.88 -20.27
C ASP B 1102 4.79 -11.39 -21.20
N SER B 1103 5.16 -11.82 -22.40
CA SER B 1103 4.17 -12.13 -23.43
C SER B 1103 3.77 -13.60 -23.43
N CYS B 1104 4.75 -14.49 -23.64
CA CYS B 1104 4.49 -15.92 -23.84
C CYS B 1104 5.18 -16.71 -22.73
N LEU B 1105 4.48 -16.89 -21.62
CA LEU B 1105 4.97 -17.71 -20.51
C LEU B 1105 4.30 -19.08 -20.46
N ASP B 1106 3.08 -19.21 -20.96
CA ASP B 1106 2.34 -20.46 -20.95
C ASP B 1106 2.64 -21.36 -22.13
N ARG B 1107 3.47 -20.91 -23.07
CA ARG B 1107 3.84 -21.71 -24.24
C ARG B 1107 5.18 -22.41 -24.09
N LEU B 1108 5.77 -22.38 -22.91
CA LEU B 1108 7.08 -22.97 -22.69
C LEU B 1108 7.11 -23.78 -21.40
N ASP B 1109 7.99 -24.77 -21.36
CA ASP B 1109 8.18 -25.56 -20.15
C ASP B 1109 8.92 -24.71 -19.11
N ILE B 1110 8.40 -24.72 -17.88
CA ILE B 1110 8.93 -23.80 -16.87
C ILE B 1110 10.15 -24.39 -16.17
N PHE B 1111 10.29 -25.72 -16.14
CA PHE B 1111 11.36 -26.31 -15.35
C PHE B 1111 12.72 -26.22 -16.02
N GLU B 1112 12.78 -26.33 -17.35
CA GLU B 1112 14.03 -26.05 -18.05
C GLU B 1112 14.42 -24.58 -17.89
N PHE B 1113 13.42 -23.69 -17.94
CA PHE B 1113 13.63 -22.28 -17.66
C PHE B 1113 14.27 -22.08 -16.29
N LEU B 1114 13.73 -22.77 -15.27
CA LEU B 1114 14.27 -22.63 -13.93
C LEU B 1114 15.67 -23.23 -13.81
N ASN B 1115 15.94 -24.33 -14.51
CA ASN B 1115 17.29 -24.89 -14.52
C ASN B 1115 18.29 -23.87 -15.07
N HIS B 1116 17.93 -23.21 -16.16
CA HIS B 1116 18.86 -22.25 -16.75
C HIS B 1116 18.96 -20.98 -15.92
N VAL B 1117 17.89 -20.60 -15.21
CA VAL B 1117 17.98 -19.50 -14.27
C VAL B 1117 18.94 -19.84 -13.14
N GLU B 1118 18.87 -21.08 -12.64
CA GLU B 1118 19.84 -21.54 -11.64
C GLU B 1118 21.25 -21.49 -12.18
N ASP B 1119 21.44 -21.89 -13.44
CA ASP B 1119 22.76 -21.82 -14.05
C ASP B 1119 23.26 -20.38 -14.08
N GLY B 1120 22.38 -19.45 -14.45
CA GLY B 1120 22.76 -18.04 -14.51
C GLY B 1120 22.95 -17.38 -13.15
N LEU B 1121 22.41 -17.98 -12.09
CA LEU B 1121 22.58 -17.43 -10.74
C LEU B 1121 24.04 -17.32 -10.31
N LYS B 1122 24.93 -18.10 -10.92
CA LYS B 1122 26.34 -18.12 -10.53
C LYS B 1122 27.26 -17.59 -11.62
N ASP B 1123 26.73 -16.80 -12.55
CA ASP B 1123 27.47 -16.31 -13.70
C ASP B 1123 28.07 -14.93 -13.38
N HIS B 1124 28.50 -14.21 -14.42
CA HIS B 1124 29.11 -12.90 -14.32
C HIS B 1124 28.20 -11.91 -13.59
N TYR B 1125 28.80 -10.79 -13.19
CA TYR B 1125 28.10 -9.78 -12.41
C TYR B 1125 26.88 -9.24 -13.16
N ASP B 1126 27.05 -8.91 -14.44
CA ASP B 1126 25.95 -8.36 -15.23
C ASP B 1126 24.82 -9.37 -15.38
N ILE B 1127 25.15 -10.65 -15.58
CA ILE B 1127 24.13 -11.67 -15.67
C ILE B 1127 23.44 -11.87 -14.32
N LYS B 1128 24.21 -11.77 -13.23
CA LYS B 1128 23.63 -11.93 -11.90
C LYS B 1128 22.60 -10.84 -11.61
N MET B 1129 22.91 -9.60 -11.97
CA MET B 1129 22.00 -8.50 -11.67
C MET B 1129 20.67 -8.64 -12.38
N LEU B 1130 20.65 -9.35 -13.51
CA LEU B 1130 19.40 -9.59 -14.23
C LEU B 1130 18.71 -10.86 -13.76
N THR B 1131 19.47 -11.89 -13.39
CA THR B 1131 18.85 -13.13 -12.93
C THR B 1131 18.18 -12.95 -11.58
N PHE B 1132 18.73 -12.07 -10.73
CA PHE B 1132 18.05 -11.76 -9.47
C PHE B 1132 16.68 -11.13 -9.73
N LEU B 1133 16.60 -10.21 -10.70
CA LEU B 1133 15.32 -9.62 -11.05
C LEU B 1133 14.39 -10.67 -11.66
N MET B 1134 14.93 -11.61 -12.43
CA MET B 1134 14.12 -12.71 -12.93
C MET B 1134 13.50 -13.51 -11.79
N LEU B 1135 14.29 -13.80 -10.76
CA LEU B 1135 13.77 -14.53 -9.60
C LEU B 1135 12.67 -13.72 -8.90
N VAL B 1136 12.90 -12.42 -8.73
CA VAL B 1136 11.91 -11.58 -8.06
C VAL B 1136 10.60 -11.58 -8.84
N ARG B 1137 10.68 -11.49 -10.16
CA ARG B 1137 9.45 -11.49 -10.96
C ARG B 1137 8.80 -12.87 -11.00
N LEU B 1138 9.59 -13.94 -10.96
CA LEU B 1138 9.05 -15.29 -10.91
C LEU B 1138 8.49 -15.65 -9.53
N SER B 1139 8.75 -14.83 -8.51
CA SER B 1139 8.11 -15.05 -7.23
C SER B 1139 6.60 -14.89 -7.33
N THR B 1140 6.15 -13.92 -8.12
CA THR B 1140 4.72 -13.66 -8.28
C THR B 1140 4.09 -14.52 -9.37
N LEU B 1141 4.68 -14.51 -10.57
CA LEU B 1141 4.19 -15.37 -11.64
C LEU B 1141 4.61 -16.81 -11.38
N CYS B 1142 3.66 -17.73 -11.53
CA CYS B 1142 3.79 -19.16 -11.24
C CYS B 1142 4.61 -19.41 -9.97
N PRO B 1143 4.09 -19.04 -8.80
CA PRO B 1143 4.82 -19.31 -7.55
C PRO B 1143 4.99 -20.78 -7.24
N SER B 1144 4.17 -21.65 -7.81
CA SER B 1144 4.25 -23.07 -7.48
C SER B 1144 5.57 -23.68 -7.94
N ALA B 1145 6.03 -23.33 -9.15
CA ALA B 1145 7.25 -23.92 -9.68
C ALA B 1145 8.48 -23.52 -8.88
N VAL B 1146 8.49 -22.30 -8.34
CA VAL B 1146 9.65 -21.84 -7.57
C VAL B 1146 9.77 -22.61 -6.26
N LEU B 1147 8.63 -22.94 -5.64
CA LEU B 1147 8.66 -23.63 -4.36
C LEU B 1147 9.24 -25.03 -4.47
N GLN B 1148 9.04 -25.69 -5.61
CA GLN B 1148 9.57 -27.04 -5.78
C GLN B 1148 11.09 -27.07 -5.94
N ARG B 1149 11.71 -25.93 -6.25
CA ARG B 1149 13.15 -25.85 -6.45
C ARG B 1149 13.76 -24.76 -5.57
N LEU B 1150 13.21 -24.56 -4.38
CA LEU B 1150 13.66 -23.46 -3.53
C LEU B 1150 15.12 -23.64 -3.11
N ASP B 1151 15.51 -24.86 -2.72
CA ASP B 1151 16.88 -25.08 -2.26
C ASP B 1151 17.89 -24.83 -3.37
N ARG B 1152 17.62 -25.34 -4.57
CA ARG B 1152 18.52 -25.14 -5.71
C ARG B 1152 18.67 -23.67 -6.07
N LEU B 1153 17.69 -22.84 -5.74
CA LEU B 1153 17.78 -21.42 -5.98
C LEU B 1153 18.35 -20.65 -4.81
N VAL B 1154 18.08 -21.09 -3.58
CA VAL B 1154 18.59 -20.39 -2.40
C VAL B 1154 20.08 -20.60 -2.25
N GLU B 1155 20.58 -21.79 -2.61
CA GLU B 1155 22.00 -22.07 -2.43
C GLU B 1155 22.92 -21.08 -3.14
N PRO B 1156 22.73 -20.76 -4.43
CA PRO B 1156 23.59 -19.73 -5.04
C PRO B 1156 23.48 -18.37 -4.39
N LEU B 1157 22.30 -17.99 -3.90
CA LEU B 1157 22.16 -16.72 -3.21
C LEU B 1157 22.96 -16.69 -1.92
N ARG B 1158 22.93 -17.80 -1.16
CA ARG B 1158 23.75 -17.88 0.04
C ARG B 1158 25.23 -17.86 -0.29
N ALA B 1159 25.62 -18.51 -1.38
CA ALA B 1159 27.02 -18.48 -1.81
C ALA B 1159 27.45 -17.06 -2.15
N THR B 1160 26.57 -16.29 -2.81
CA THR B 1160 26.89 -14.91 -3.14
C THR B 1160 26.98 -14.05 -1.89
N CYS B 1161 26.06 -14.24 -0.93
CA CYS B 1161 26.00 -13.39 0.25
C CYS B 1161 27.14 -13.61 1.23
N THR B 1162 27.96 -14.65 1.04
CA THR B 1162 29.01 -14.97 1.99
C THR B 1162 30.42 -14.90 1.40
N THR B 1163 30.57 -14.60 0.12
CA THR B 1163 31.89 -14.54 -0.47
C THR B 1163 32.64 -13.31 0.02
N LYS B 1164 33.97 -13.37 -0.08
CA LYS B 1164 34.85 -12.30 0.36
C LYS B 1164 35.69 -11.81 -0.81
N VAL B 1165 36.14 -10.57 -0.72
CA VAL B 1165 36.88 -9.91 -1.77
C VAL B 1165 38.36 -10.26 -1.62
N LYS B 1166 39.06 -10.36 -2.76
CA LYS B 1166 40.49 -10.58 -2.73
C LYS B 1166 41.20 -9.41 -2.05
N ALA B 1167 42.34 -9.71 -1.40
CA ALA B 1167 43.03 -8.70 -0.61
C ALA B 1167 43.51 -7.55 -1.47
N ASN B 1168 44.10 -7.85 -2.63
CA ASN B 1168 44.63 -6.80 -3.52
C ASN B 1168 43.52 -6.31 -4.44
N SER B 1169 42.61 -5.52 -3.87
CA SER B 1169 41.48 -4.96 -4.59
C SER B 1169 41.29 -3.51 -4.19
N VAL B 1170 40.78 -2.72 -5.12
CA VAL B 1170 40.50 -1.31 -4.90
C VAL B 1170 39.15 -1.15 -4.22
N LYS B 1171 38.85 0.06 -3.75
CA LYS B 1171 37.60 0.31 -3.04
C LYS B 1171 36.38 0.03 -3.90
N GLN B 1172 36.50 0.23 -5.22
CA GLN B 1172 35.36 0.03 -6.10
C GLN B 1172 34.91 -1.42 -6.08
N GLU B 1173 35.84 -2.37 -5.97
CA GLU B 1173 35.47 -3.78 -5.89
C GLU B 1173 34.66 -4.06 -4.63
N PHE B 1174 35.08 -3.49 -3.50
CA PHE B 1174 34.33 -3.65 -2.25
C PHE B 1174 32.92 -3.09 -2.40
N GLU B 1175 32.80 -1.89 -2.98
CA GLU B 1175 31.48 -1.30 -3.17
C GLU B 1175 30.61 -2.19 -4.06
N LYS B 1176 31.18 -2.66 -5.18
CA LYS B 1176 30.42 -3.49 -6.11
C LYS B 1176 29.92 -4.76 -5.44
N GLN B 1177 30.78 -5.40 -4.64
CA GLN B 1177 30.33 -6.55 -3.87
C GLN B 1177 29.22 -6.17 -2.91
N ASP B 1178 29.26 -4.95 -2.37
CA ASP B 1178 28.17 -4.50 -1.50
C ASP B 1178 26.83 -4.45 -2.24
N GLU B 1179 26.80 -3.83 -3.43
CA GLU B 1179 25.50 -3.83 -4.12
C GLU B 1179 25.11 -5.23 -4.60
N LEU B 1180 26.07 -6.08 -4.94
CA LEU B 1180 25.74 -7.45 -5.31
C LEU B 1180 25.08 -8.18 -4.14
N LYS B 1181 25.63 -8.02 -2.95
CA LYS B 1181 25.04 -8.65 -1.76
C LYS B 1181 23.66 -8.09 -1.47
N ARG B 1182 23.48 -6.78 -1.65
CA ARG B 1182 22.17 -6.17 -1.42
C ARG B 1182 21.13 -6.71 -2.40
N SER B 1183 21.50 -6.86 -3.67
CA SER B 1183 20.57 -7.40 -4.65
C SER B 1183 20.23 -8.85 -4.34
N ALA B 1184 21.23 -9.64 -3.93
CA ALA B 1184 20.96 -11.02 -3.56
C ALA B 1184 20.02 -11.10 -2.36
N MET B 1185 20.22 -10.22 -1.37
CA MET B 1185 19.33 -10.20 -0.22
C MET B 1185 17.91 -9.79 -0.61
N ARG B 1186 17.78 -8.86 -1.56
CA ARG B 1186 16.46 -8.49 -2.05
C ARG B 1186 15.78 -9.67 -2.73
N ALA B 1187 16.54 -10.44 -3.51
CA ALA B 1187 15.98 -11.64 -4.12
C ALA B 1187 15.53 -12.65 -3.06
N VAL B 1188 16.34 -12.83 -2.02
CA VAL B 1188 15.96 -13.75 -0.94
C VAL B 1188 14.67 -13.27 -0.27
N ALA B 1189 14.57 -11.97 0.01
CA ALA B 1189 13.37 -11.41 0.62
C ALA B 1189 12.16 -11.63 -0.26
N ALA B 1190 12.32 -11.47 -1.58
CA ALA B 1190 11.22 -11.78 -2.49
C ALA B 1190 10.87 -13.26 -2.44
N LEU B 1191 11.86 -14.12 -2.18
CA LEU B 1191 11.57 -15.55 -2.05
C LEU B 1191 10.81 -15.87 -0.78
N LEU B 1192 11.03 -15.11 0.31
CA LEU B 1192 10.29 -15.38 1.55
C LEU B 1192 8.78 -15.28 1.34
N THR B 1193 8.32 -14.32 0.54
CA THR B 1193 6.91 -13.98 0.51
C THR B 1193 6.03 -15.08 -0.09
N ILE B 1194 6.62 -16.10 -0.71
CA ILE B 1194 5.81 -17.19 -1.27
C ILE B 1194 5.11 -17.92 -0.13
N PRO B 1195 3.80 -18.19 -0.23
CA PRO B 1195 3.12 -18.94 0.82
C PRO B 1195 3.71 -20.34 0.99
N GLU B 1196 3.74 -20.79 2.25
CA GLU B 1196 4.27 -22.10 2.62
C GLU B 1196 5.73 -22.27 2.19
N ALA B 1197 6.52 -21.20 2.31
CA ALA B 1197 7.94 -21.25 1.97
C ALA B 1197 8.86 -21.09 3.17
N GLU B 1198 8.35 -20.55 4.28
CA GLU B 1198 9.17 -20.46 5.49
C GLU B 1198 9.54 -21.83 6.02
N LYS B 1199 8.60 -22.78 5.96
CA LYS B 1199 8.85 -24.15 6.42
C LYS B 1199 9.57 -24.91 5.30
N SER B 1200 10.86 -24.62 5.18
CA SER B 1200 11.72 -25.23 4.18
C SER B 1200 13.01 -25.72 4.85
N PRO B 1201 13.59 -26.81 4.35
CA PRO B 1201 14.79 -27.36 5.02
C PRO B 1201 16.00 -26.44 5.01
N LEU B 1202 16.41 -25.98 3.83
CA LEU B 1202 17.60 -25.14 3.71
C LEU B 1202 17.29 -23.66 3.84
N MET B 1203 16.08 -23.24 3.43
CA MET B 1203 15.71 -21.84 3.54
C MET B 1203 15.62 -21.40 5.00
N SER B 1204 15.09 -22.27 5.87
CA SER B 1204 15.03 -21.93 7.29
C SER B 1204 16.42 -21.87 7.90
N GLU B 1205 17.31 -22.77 7.48
CA GLU B 1205 18.69 -22.70 7.95
C GLU B 1205 19.36 -21.40 7.54
N PHE B 1206 19.13 -20.98 6.29
CA PHE B 1206 19.69 -19.70 5.83
C PHE B 1206 19.10 -18.53 6.62
N GLN B 1207 17.78 -18.58 6.89
CA GLN B 1207 17.14 -17.52 7.66
C GLN B 1207 17.73 -17.43 9.07
N SER B 1208 17.96 -18.58 9.71
CA SER B 1208 18.58 -18.58 11.03
C SER B 1208 19.99 -18.04 10.98
N GLN B 1209 20.76 -18.43 9.95
CA GLN B 1209 22.12 -17.93 9.80
C GLN B 1209 22.13 -16.42 9.59
N ILE B 1210 21.08 -15.87 8.97
CA ILE B 1210 20.98 -14.42 8.81
C ILE B 1210 20.95 -13.74 10.17
N SER B 1211 20.12 -14.25 11.08
CA SER B 1211 20.01 -13.64 12.40
C SER B 1211 21.27 -13.87 13.23
N SER B 1212 21.86 -15.07 13.13
CA SER B 1212 23.04 -15.38 13.94
C SER B 1212 24.24 -14.51 13.53
N ASN B 1213 24.53 -14.44 12.25
CA ASN B 1213 25.68 -13.68 11.77
C ASN B 1213 25.30 -12.22 11.63
N PRO B 1214 25.96 -11.30 12.35
CA PRO B 1214 25.57 -9.88 12.26
C PRO B 1214 26.01 -9.24 10.96
N GLU B 1215 26.99 -9.83 10.28
CA GLU B 1215 27.40 -9.34 8.96
C GLU B 1215 26.24 -9.41 7.98
N LEU B 1216 25.50 -10.53 7.98
CA LEU B 1216 24.30 -10.63 7.16
C LEU B 1216 23.14 -9.84 7.74
N ALA B 1217 23.11 -9.64 9.06
CA ALA B 1217 22.05 -8.84 9.65
C ALA B 1217 22.14 -7.39 9.19
N ALA B 1218 23.35 -6.85 9.07
CA ALA B 1218 23.51 -5.50 8.55
C ALA B 1218 23.02 -5.40 7.11
N ILE B 1219 23.31 -6.41 6.29
CA ILE B 1219 22.86 -6.41 4.91
C ILE B 1219 21.33 -6.46 4.85
N PHE B 1220 20.72 -7.30 5.70
CA PHE B 1220 19.27 -7.39 5.73
C PHE B 1220 18.64 -6.07 6.16
N GLU B 1221 19.24 -5.40 7.16
CA GLU B 1221 18.70 -4.13 7.62
C GLU B 1221 18.93 -3.02 6.59
N SER B 1222 19.95 -3.18 5.73
CA SER B 1222 20.25 -2.15 4.73
C SER B 1222 19.11 -1.99 3.73
N ILE B 1223 18.54 -3.09 3.26
CA ILE B 1223 17.51 -3.05 2.23
C ILE B 1223 16.14 -2.94 2.89
N GLN B 1224 16.10 -2.81 4.20
CA GLN B 1224 14.85 -2.75 4.93
C GLN B 1224 14.48 -1.32 5.29
N ARG C 19 -75.18 -29.68 15.71
CA ARG C 19 -74.58 -30.47 16.77
C ARG C 19 -73.08 -30.61 16.56
N PHE C 20 -72.30 -30.09 17.51
CA PHE C 20 -70.85 -30.19 17.49
C PHE C 20 -70.38 -30.81 18.79
N GLU C 21 -69.35 -31.65 18.71
CA GLU C 21 -68.77 -32.30 19.87
C GLU C 21 -67.32 -31.85 20.04
N VAL C 22 -66.91 -31.65 21.28
CA VAL C 22 -65.55 -31.22 21.59
C VAL C 22 -64.64 -32.45 21.65
N LYS C 23 -63.53 -32.41 20.91
CA LYS C 23 -62.60 -33.52 20.86
C LYS C 23 -61.40 -33.31 21.78
N LYS C 24 -60.69 -32.20 21.61
CA LYS C 24 -59.54 -31.88 22.45
C LYS C 24 -59.49 -30.38 22.71
N TRP C 25 -58.87 -30.02 23.83
CA TRP C 25 -58.76 -28.62 24.24
C TRP C 25 -57.35 -28.34 24.71
N ASN C 26 -56.78 -27.23 24.24
CA ASN C 26 -55.47 -26.76 24.66
C ASN C 26 -55.63 -25.34 25.20
N ALA C 27 -55.47 -25.18 26.51
CA ALA C 27 -55.68 -23.90 27.18
C ALA C 27 -54.37 -23.37 27.74
N VAL C 28 -54.36 -22.06 28.00
CA VAL C 28 -53.19 -21.37 28.52
C VAL C 28 -53.60 -20.63 29.79
N ALA C 29 -52.80 -20.76 30.84
CA ALA C 29 -53.11 -20.13 32.12
C ALA C 29 -51.85 -19.52 32.70
N LEU C 30 -52.03 -18.50 33.55
CA LEU C 30 -50.96 -17.83 34.25
C LEU C 30 -51.18 -17.93 35.75
N TRP C 31 -50.09 -18.02 36.50
CA TRP C 31 -50.15 -18.16 37.95
C TRP C 31 -49.49 -16.96 38.63
N ALA C 32 -50.13 -16.49 39.69
CA ALA C 32 -49.62 -15.40 40.50
C ALA C 32 -49.86 -15.71 41.96
N TRP C 33 -49.12 -15.05 42.83
CA TRP C 33 -49.25 -15.29 44.27
C TRP C 33 -50.63 -14.86 44.75
N ASP C 34 -51.25 -15.72 45.57
CA ASP C 34 -52.57 -15.45 46.11
C ASP C 34 -52.51 -14.87 47.52
N ILE C 35 -51.32 -14.54 48.01
CA ILE C 35 -51.19 -13.98 49.35
C ILE C 35 -51.96 -12.67 49.47
N VAL C 36 -51.82 -11.81 48.47
CA VAL C 36 -52.54 -10.55 48.43
C VAL C 36 -53.78 -10.73 47.55
N VAL C 37 -54.92 -10.25 48.04
CA VAL C 37 -56.17 -10.35 47.29
C VAL C 37 -56.27 -9.19 46.31
N ASP C 38 -55.74 -9.41 45.10
CA ASP C 38 -55.75 -8.48 43.96
C ASP C 38 -55.60 -7.02 44.37
N ASN C 39 -54.66 -6.74 45.26
CA ASN C 39 -54.42 -5.38 45.71
C ASN C 39 -52.95 -5.23 46.09
N CYS C 40 -52.49 -3.97 46.11
CA CYS C 40 -51.12 -3.68 46.50
C CYS C 40 -50.91 -4.00 47.98
N ALA C 41 -49.68 -4.37 48.31
CA ALA C 41 -49.35 -4.74 49.69
C ALA C 41 -48.82 -3.56 50.50
N ILE C 42 -48.03 -2.69 49.88
CA ILE C 42 -47.52 -1.52 50.59
C ILE C 42 -48.65 -0.55 50.91
N CYS C 43 -49.53 -0.31 49.95
CA CYS C 43 -50.72 0.52 50.15
C CYS C 43 -51.96 -0.32 49.89
N ARG C 44 -52.98 -0.13 50.74
CA ARG C 44 -54.19 -0.94 50.66
C ARG C 44 -55.13 -0.37 49.59
N ASN C 45 -54.73 -0.57 48.35
CA ASN C 45 -55.52 -0.14 47.20
C ASN C 45 -55.49 -1.21 46.13
N HIS C 46 -56.51 -1.20 45.28
CA HIS C 46 -56.57 -2.15 44.17
C HIS C 46 -55.41 -1.90 43.21
N ILE C 47 -54.84 -2.99 42.69
CA ILE C 47 -53.65 -2.90 41.87
C ILE C 47 -53.90 -2.16 40.56
N MET C 48 -55.15 -2.13 40.09
CA MET C 48 -55.49 -1.41 38.88
C MET C 48 -55.81 0.06 39.12
N ASP C 49 -55.88 0.48 40.38
CA ASP C 49 -56.16 1.87 40.72
C ASP C 49 -54.85 2.64 40.84
N LEU C 50 -54.92 3.86 41.35
CA LEU C 50 -53.76 4.72 41.50
C LEU C 50 -53.19 4.61 42.91
N CYS C 51 -51.99 5.18 43.09
CA CYS C 51 -51.34 5.19 44.38
C CYS C 51 -52.08 6.11 45.34
N ILE C 52 -51.75 5.99 46.63
CA ILE C 52 -52.30 6.90 47.62
C ILE C 52 -51.86 8.33 47.35
N GLU C 53 -50.56 8.52 47.10
CA GLU C 53 -50.05 9.85 46.79
C GLU C 53 -50.58 10.34 45.45
N CYS C 54 -50.68 9.45 44.47
CA CYS C 54 -51.16 9.85 43.15
C CYS C 54 -52.63 10.26 43.19
N GLN C 55 -53.46 9.49 43.91
CA GLN C 55 -54.88 9.82 43.98
C GLN C 55 -55.15 11.00 44.92
N ALA C 56 -54.26 11.24 45.90
CA ALA C 56 -54.42 12.39 46.76
C ALA C 56 -54.00 13.69 46.08
N ASN C 57 -52.98 13.63 45.23
CA ASN C 57 -52.45 14.82 44.58
C ASN C 57 -53.17 15.10 43.27
N GLN C 58 -52.95 16.31 42.75
CA GLN C 58 -53.53 16.71 41.49
C GLN C 58 -52.83 16.01 40.33
N ALA C 59 -53.54 15.87 39.22
CA ALA C 59 -52.99 15.21 38.04
C ALA C 59 -51.77 15.97 37.52
N SER C 60 -50.72 15.24 37.19
CA SER C 60 -49.47 15.81 36.72
C SER C 60 -48.75 14.77 35.87
N ALA C 61 -47.47 15.03 35.59
CA ALA C 61 -46.67 14.08 34.81
C ALA C 61 -46.46 12.79 35.58
N THR C 62 -46.34 12.86 36.90
CA THR C 62 -46.17 11.66 37.71
C THR C 62 -47.38 10.74 37.60
N SER C 63 -48.59 11.33 37.59
CA SER C 63 -49.80 10.53 37.47
C SER C 63 -49.91 9.83 36.12
N GLU C 64 -49.23 10.34 35.10
CA GLU C 64 -49.28 9.71 33.78
C GLU C 64 -48.53 8.38 33.78
N GLU C 65 -47.40 8.30 34.47
CA GLU C 65 -46.53 7.13 34.45
C GLU C 65 -46.83 6.15 35.57
N CYS C 66 -48.07 6.09 36.05
CA CYS C 66 -48.46 5.19 37.13
C CYS C 66 -48.83 3.83 36.53
N THR C 67 -48.00 2.82 36.79
CA THR C 67 -48.24 1.49 36.25
C THR C 67 -47.99 0.42 37.31
N VAL C 68 -47.98 -0.84 36.89
CA VAL C 68 -47.73 -1.98 37.78
C VAL C 68 -46.38 -2.58 37.43
N ALA C 69 -45.57 -2.84 38.45
CA ALA C 69 -44.23 -3.38 38.27
C ALA C 69 -44.16 -4.78 38.87
N TRP C 70 -43.59 -5.71 38.11
CA TRP C 70 -43.41 -7.08 38.55
C TRP C 70 -41.94 -7.33 38.87
N GLY C 71 -41.70 -8.31 39.75
CA GLY C 71 -40.36 -8.69 40.14
C GLY C 71 -40.05 -10.12 39.72
N VAL C 72 -38.79 -10.51 39.95
CA VAL C 72 -38.38 -11.87 39.63
C VAL C 72 -39.12 -12.88 40.50
N CYS C 73 -39.42 -12.50 41.74
CA CYS C 73 -40.18 -13.35 42.65
C CYS C 73 -41.67 -13.37 42.33
N ASN C 74 -42.08 -12.82 41.18
CA ASN C 74 -43.47 -12.82 40.72
C ASN C 74 -44.39 -12.09 41.69
N HIS C 75 -43.89 -11.05 42.33
CA HIS C 75 -44.71 -10.19 43.19
C HIS C 75 -45.04 -8.90 42.46
N ALA C 76 -46.26 -8.42 42.65
CA ALA C 76 -46.76 -7.26 41.92
C ALA C 76 -47.11 -6.14 42.88
N PHE C 77 -46.55 -4.96 42.62
CA PHE C 77 -46.86 -3.74 43.37
C PHE C 77 -47.06 -2.61 42.39
N HIS C 78 -47.52 -1.47 42.91
CA HIS C 78 -47.47 -0.24 42.12
C HIS C 78 -46.02 0.15 41.91
N PHE C 79 -45.75 0.77 40.76
CA PHE C 79 -44.39 1.22 40.48
C PHE C 79 -43.92 2.26 41.48
N HIS C 80 -44.79 3.21 41.81
CA HIS C 80 -44.42 4.25 42.76
C HIS C 80 -44.23 3.69 44.16
N CYS C 81 -45.07 2.73 44.56
CA CYS C 81 -44.96 2.14 45.89
C CYS C 81 -43.60 1.48 46.09
N ILE C 82 -43.21 0.59 45.16
CA ILE C 82 -41.93 -0.08 45.29
C ILE C 82 -40.77 0.90 45.08
N SER C 83 -40.97 1.92 44.24
CA SER C 83 -39.92 2.92 44.04
C SER C 83 -39.63 3.67 45.32
N ARG C 84 -40.68 4.06 46.06
CA ARG C 84 -40.47 4.70 47.36
C ARG C 84 -39.90 3.73 48.37
N TRP C 85 -40.35 2.46 48.35
CA TRP C 85 -39.82 1.47 49.28
C TRP C 85 -38.34 1.22 49.08
N LEU C 86 -37.87 1.30 47.84
CA LEU C 86 -36.48 0.98 47.54
C LEU C 86 -35.51 2.10 47.88
N LYS C 87 -36.00 3.27 48.28
CA LYS C 87 -35.10 4.37 48.63
C LYS C 87 -34.37 4.12 49.94
N THR C 88 -34.87 3.21 50.78
CA THR C 88 -34.24 2.91 52.06
C THR C 88 -33.88 1.43 52.21
N ARG C 89 -34.72 0.52 51.73
CA ARG C 89 -34.48 -0.90 51.84
C ARG C 89 -34.33 -1.52 50.46
N GLN C 90 -33.52 -2.57 50.38
CA GLN C 90 -33.24 -3.26 49.12
C GLN C 90 -33.83 -4.68 49.12
N VAL C 91 -34.99 -4.84 49.74
CA VAL C 91 -35.59 -6.15 49.94
C VAL C 91 -37.07 -6.08 49.58
N CYS C 92 -37.57 -7.13 48.93
CA CYS C 92 -38.99 -7.21 48.62
C CYS C 92 -39.79 -7.27 49.93
N PRO C 93 -40.92 -6.55 50.02
CA PRO C 93 -41.69 -6.57 51.27
C PRO C 93 -42.22 -7.94 51.65
N LEU C 94 -42.56 -8.79 50.70
CA LEU C 94 -43.24 -10.05 51.01
C LEU C 94 -42.27 -11.22 51.21
N ASP C 95 -41.13 -11.22 50.51
CA ASP C 95 -40.10 -12.21 50.74
C ASP C 95 -38.76 -11.50 50.91
N ASN C 96 -37.93 -12.03 51.80
CA ASN C 96 -36.71 -11.36 52.20
C ASN C 96 -35.63 -11.35 51.12
N ARG C 97 -35.86 -11.82 49.90
CA ARG C 97 -34.83 -11.81 48.89
C ARG C 97 -34.71 -10.41 48.26
N GLU C 98 -33.60 -10.19 47.58
CA GLU C 98 -33.35 -8.91 46.93
C GLU C 98 -34.32 -8.69 45.78
N TRP C 99 -34.58 -7.43 45.47
CA TRP C 99 -35.58 -7.05 44.48
C TRP C 99 -34.91 -6.73 43.15
N GLU C 100 -35.50 -7.25 42.07
CA GLU C 100 -35.03 -6.99 40.72
C GLU C 100 -36.23 -6.82 39.80
N PHE C 101 -36.26 -5.71 39.08
CA PHE C 101 -37.37 -5.43 38.16
C PHE C 101 -37.28 -6.36 36.96
N GLN C 102 -38.44 -6.86 36.52
CA GLN C 102 -38.48 -7.67 35.30
C GLN C 102 -39.63 -7.36 34.37
N LYS C 103 -40.61 -6.55 34.75
CA LYS C 103 -41.72 -6.25 33.86
C LYS C 103 -42.40 -4.96 34.31
N TYR C 104 -43.05 -4.29 33.36
CA TYR C 104 -43.84 -3.11 33.64
C TYR C 104 -45.23 -3.25 33.03
N VAL D 97 81.29 -1.36 8.78
CA VAL D 97 80.02 -0.80 9.25
C VAL D 97 79.91 0.68 8.85
N SER D 98 78.70 1.10 8.49
CA SER D 98 78.47 2.48 8.10
C SER D 98 76.99 2.80 8.29
N TRP D 99 76.68 3.59 9.31
CA TRP D 99 75.31 4.00 9.59
C TRP D 99 75.00 5.39 9.05
N ASP D 100 75.93 5.99 8.31
CA ASP D 100 75.69 7.31 7.74
C ASP D 100 74.73 7.26 6.55
N SER D 101 74.65 6.12 5.88
CA SER D 101 73.84 5.99 4.68
C SER D 101 72.41 5.52 4.95
N LEU D 102 72.05 5.34 6.22
CA LEU D 102 70.70 4.90 6.54
C LEU D 102 69.69 5.98 6.15
N PRO D 103 68.57 5.61 5.55
CA PRO D 103 67.57 6.60 5.14
C PRO D 103 66.92 7.27 6.34
N ASP D 104 66.28 8.40 6.06
CA ASP D 104 65.71 9.22 7.13
C ASP D 104 64.55 8.51 7.84
N GLU D 105 63.76 7.73 7.10
CA GLU D 105 62.59 7.09 7.70
C GLU D 105 63.01 6.14 8.82
N LEU D 106 64.03 5.34 8.59
CA LEU D 106 64.51 4.42 9.62
C LEU D 106 65.08 5.19 10.81
N LEU D 107 65.75 6.32 10.55
CA LEU D 107 66.31 7.11 11.65
C LEU D 107 65.21 7.70 12.52
N LEU D 108 64.13 8.20 11.91
CA LEU D 108 62.99 8.67 12.70
C LEU D 108 62.33 7.52 13.44
N GLY D 109 62.29 6.34 12.83
CA GLY D 109 61.77 5.17 13.54
C GLY D 109 62.58 4.84 14.78
N ILE D 110 63.90 4.93 14.67
CA ILE D 110 64.76 4.73 15.84
C ILE D 110 64.52 5.82 16.88
N PHE D 111 64.43 7.07 16.43
CA PHE D 111 64.32 8.19 17.37
C PHE D 111 63.00 8.18 18.12
N SER D 112 61.92 7.73 17.46
CA SER D 112 60.60 7.79 18.08
C SER D 112 60.48 6.89 19.31
N CYS D 113 61.41 5.95 19.49
CA CYS D 113 61.40 5.07 20.66
C CYS D 113 62.23 5.62 21.81
N LEU D 114 62.91 6.74 21.63
CA LEU D 114 63.78 7.30 22.65
C LEU D 114 62.98 8.18 23.62
N CYS D 115 63.51 8.31 24.83
CA CYS D 115 62.93 9.20 25.83
C CYS D 115 63.42 10.62 25.63
N LEU D 116 62.76 11.56 26.31
CA LEU D 116 63.04 12.98 26.08
C LEU D 116 64.48 13.35 26.41
N PRO D 117 65.05 13.02 27.58
CA PRO D 117 66.47 13.32 27.79
C PRO D 117 67.37 12.69 26.74
N GLU D 118 67.05 11.46 26.32
CA GLU D 118 67.87 10.78 25.33
C GLU D 118 67.83 11.51 23.99
N LEU D 119 66.66 11.96 23.56
CA LEU D 119 66.58 12.65 22.27
C LEU D 119 67.25 14.02 22.36
N LEU D 120 67.13 14.70 23.50
CA LEU D 120 67.90 15.93 23.68
C LEU D 120 69.39 15.66 23.59
N LYS D 121 69.87 14.58 24.21
CA LYS D 121 71.32 14.33 24.22
C LYS D 121 71.82 13.90 22.86
N VAL D 122 70.99 13.21 22.06
CA VAL D 122 71.41 12.81 20.72
C VAL D 122 71.14 13.89 19.68
N SER D 123 70.42 14.95 20.02
CA SER D 123 70.23 16.05 19.10
C SER D 123 71.52 16.80 18.80
N GLY D 124 72.57 16.59 19.59
CA GLY D 124 73.80 17.30 19.37
C GLY D 124 74.98 16.42 19.01
N VAL D 125 74.74 15.39 18.20
CA VAL D 125 75.79 14.49 17.76
C VAL D 125 76.40 14.92 16.44
N CYS D 126 75.57 15.18 15.43
CA CYS D 126 76.04 15.62 14.13
C CYS D 126 75.00 16.56 13.54
N LYS D 127 75.35 17.13 12.38
CA LYS D 127 74.41 18.03 11.72
C LYS D 127 73.14 17.31 11.30
N ARG D 128 73.28 16.10 10.76
CA ARG D 128 72.11 15.38 10.25
C ARG D 128 71.15 15.01 11.38
N TRP D 129 71.68 14.47 12.48
CA TRP D 129 70.79 14.14 13.60
C TRP D 129 70.23 15.39 14.26
N TYR D 130 70.98 16.49 14.27
CA TYR D 130 70.43 17.75 14.76
C TYR D 130 69.25 18.18 13.91
N ARG D 131 69.36 18.05 12.58
CA ARG D 131 68.25 18.36 11.70
C ARG D 131 67.06 17.44 11.96
N LEU D 132 67.34 16.14 12.16
CA LEU D 132 66.26 15.17 12.31
C LEU D 132 65.55 15.26 13.66
N ALA D 133 66.24 15.74 14.69
CA ALA D 133 65.64 15.80 16.02
C ALA D 133 64.51 16.82 16.13
N SER D 134 64.36 17.70 15.15
CA SER D 134 63.35 18.75 15.20
C SER D 134 62.12 18.44 14.33
N ASP D 135 62.00 17.21 13.85
CA ASP D 135 60.87 16.84 13.00
C ASP D 135 59.56 16.91 13.79
N GLU D 136 58.49 17.30 13.09
CA GLU D 136 57.21 17.57 13.71
C GLU D 136 56.45 16.31 14.12
N SER D 137 57.02 15.13 13.89
CA SER D 137 56.39 13.87 14.27
C SER D 137 56.72 13.44 15.70
N LEU D 138 57.84 13.91 16.24
CA LEU D 138 58.25 13.47 17.57
C LEU D 138 57.56 14.26 18.67
N TRP D 139 57.15 15.50 18.39
CA TRP D 139 56.57 16.39 19.40
C TRP D 139 55.05 16.43 19.35
N GLN D 140 54.40 15.30 19.08
CA GLN D 140 52.94 15.29 19.02
C GLN D 140 52.33 15.60 20.38
N THR D 141 52.86 15.00 21.44
CA THR D 141 52.35 15.18 22.80
C THR D 141 53.53 15.44 23.72
N LEU D 142 53.45 16.51 24.51
CA LEU D 142 54.51 16.89 25.44
C LEU D 142 53.95 17.01 26.86
N ASP D 143 54.85 16.85 27.84
CA ASP D 143 54.48 16.96 29.23
C ASP D 143 55.66 17.51 30.01
N LEU D 144 55.48 18.67 30.65
CA LEU D 144 56.53 19.33 31.42
C LEU D 144 55.95 19.85 32.73
N THR D 145 55.19 18.99 33.41
CA THR D 145 54.46 19.38 34.62
C THR D 145 55.40 19.77 35.75
N GLY D 146 55.22 20.99 36.28
CA GLY D 146 55.95 21.44 37.45
C GLY D 146 57.36 21.92 37.20
N LYS D 147 57.84 21.90 35.96
CA LYS D 147 59.21 22.32 35.66
C LYS D 147 59.22 23.79 35.27
N ASN D 148 59.86 24.62 36.09
CA ASN D 148 60.01 26.03 35.75
C ASN D 148 60.93 26.19 34.55
N LEU D 149 60.58 27.14 33.67
CA LEU D 149 61.34 27.39 32.46
C LEU D 149 61.16 28.85 32.07
N HIS D 150 61.57 29.19 30.86
CA HIS D 150 61.48 30.54 30.34
C HIS D 150 60.54 30.58 29.15
N PRO D 151 59.91 31.73 28.88
CA PRO D 151 58.98 31.81 27.74
C PRO D 151 59.63 31.49 26.40
N ASP D 152 60.93 31.79 26.25
CA ASP D 152 61.60 31.53 24.98
C ASP D 152 61.66 30.03 24.68
N VAL D 153 62.00 29.22 25.69
CA VAL D 153 62.05 27.77 25.50
C VAL D 153 60.67 27.23 25.19
N THR D 154 59.65 27.75 25.88
CA THR D 154 58.28 27.33 25.61
C THR D 154 57.85 27.66 24.19
N GLY D 155 58.20 28.85 23.71
CA GLY D 155 57.87 29.21 22.34
C GLY D 155 58.60 28.36 21.32
N ARG D 156 59.88 28.06 21.59
CA ARG D 156 60.64 27.20 20.68
C ARG D 156 60.04 25.80 20.63
N LEU D 157 59.63 25.26 21.78
CA LEU D 157 59.01 23.95 21.81
C LEU D 157 57.65 23.96 21.10
N LEU D 158 56.88 25.03 21.30
CA LEU D 158 55.56 25.12 20.66
C LEU D 158 55.68 25.23 19.15
N SER D 159 56.70 25.94 18.67
CA SER D 159 56.90 26.07 17.23
C SER D 159 57.24 24.75 16.57
N GLN D 160 57.63 23.74 17.35
CA GLN D 160 58.02 22.45 16.77
C GLN D 160 56.80 21.64 16.34
N GLY D 161 55.60 22.03 16.74
CA GLY D 161 54.40 21.35 16.29
C GLY D 161 53.66 20.59 17.38
N VAL D 162 53.75 21.09 18.62
CA VAL D 162 53.05 20.45 19.73
C VAL D 162 51.55 20.63 19.55
N ILE D 163 50.80 19.55 19.77
CA ILE D 163 49.35 19.56 19.65
C ILE D 163 48.68 19.48 21.02
N ALA D 164 49.07 18.51 21.83
CA ALA D 164 48.55 18.35 23.19
C ALA D 164 49.63 18.81 24.16
N PHE D 165 49.46 20.02 24.69
CA PHE D 165 50.44 20.63 25.58
C PHE D 165 49.94 20.57 27.02
N ARG D 166 50.76 20.01 27.91
CA ARG D 166 50.42 19.86 29.32
C ARG D 166 51.62 20.28 30.16
N CYS D 167 51.64 21.54 30.60
CA CYS D 167 52.68 22.06 31.47
C CYS D 167 52.03 22.82 32.62
N PRO D 168 51.40 22.11 33.56
CA PRO D 168 50.72 22.79 34.66
C PRO D 168 51.68 23.11 35.81
N ARG D 169 51.36 24.21 36.51
CA ARG D 169 52.05 24.61 37.74
C ARG D 169 53.53 24.87 37.54
N SER D 170 53.90 25.45 36.40
CA SER D 170 55.28 25.85 36.14
C SER D 170 55.42 27.36 36.31
N PHE D 171 56.67 27.82 36.30
CA PHE D 171 56.99 29.24 36.47
C PHE D 171 57.48 29.81 35.14
N MET D 172 56.82 30.87 34.68
CA MET D 172 57.22 31.56 33.46
C MET D 172 57.14 33.07 33.63
N ASP D 173 57.50 33.58 34.81
CA ASP D 173 57.44 35.01 35.08
C ASP D 173 58.68 35.70 34.51
N GLN D 174 58.79 35.73 33.18
CA GLN D 174 59.90 36.38 32.51
C GLN D 174 59.39 36.98 31.20
N PRO D 175 60.01 38.06 30.73
CA PRO D 175 59.56 38.64 29.46
C PRO D 175 59.89 37.75 28.27
N LEU D 176 59.06 37.87 27.24
CA LEU D 176 59.26 37.15 25.98
C LEU D 176 59.76 38.12 24.92
N ALA D 177 60.84 37.75 24.24
CA ALA D 177 61.46 38.62 23.25
C ALA D 177 61.43 38.07 21.83
N GLU D 178 60.98 36.82 21.64
CA GLU D 178 60.98 36.20 20.32
C GLU D 178 59.57 36.15 19.75
N HIS D 179 59.51 36.19 18.41
CA HIS D 179 58.27 36.09 17.67
C HIS D 179 58.34 34.89 16.74
N PHE D 180 57.27 34.10 16.70
CA PHE D 180 57.24 32.86 15.94
C PHE D 180 55.98 32.79 15.09
N SER D 181 55.99 31.86 14.13
CA SER D 181 54.84 31.64 13.28
C SER D 181 53.68 31.07 14.11
N PRO D 182 52.44 31.23 13.62
CA PRO D 182 51.28 30.72 14.39
C PRO D 182 51.41 29.24 14.73
N PHE D 183 51.07 28.90 15.97
CA PHE D 183 51.29 27.55 16.48
C PHE D 183 50.18 26.61 16.03
N ARG D 184 50.39 25.32 16.24
CA ARG D 184 49.40 24.31 15.92
C ARG D 184 48.85 23.60 17.15
N VAL D 185 48.91 24.23 18.32
CA VAL D 185 48.43 23.59 19.55
C VAL D 185 46.92 23.42 19.47
N GLN D 186 46.44 22.30 20.01
CA GLN D 186 45.01 22.00 20.06
C GLN D 186 44.45 21.85 21.47
N HIS D 187 45.24 21.35 22.41
CA HIS D 187 44.82 21.16 23.80
C HIS D 187 45.96 21.62 24.71
N MET D 188 45.88 22.87 25.14
CA MET D 188 46.89 23.46 26.01
C MET D 188 46.30 23.65 27.40
N ASP D 189 46.99 23.10 28.41
CA ASP D 189 46.59 23.24 29.80
C ASP D 189 47.67 23.96 30.56
N LEU D 190 47.33 25.10 31.17
CA LEU D 190 48.29 25.91 31.90
C LEU D 190 47.70 26.43 33.21
N SER D 191 46.83 25.65 33.84
CA SER D 191 46.16 26.09 35.06
C SER D 191 47.17 26.26 36.19
N ASN D 192 47.02 27.37 36.92
CA ASN D 192 47.81 27.68 38.11
C ASN D 192 49.28 27.87 37.80
N SER D 193 49.63 27.90 36.51
CA SER D 193 51.02 28.17 36.13
C SER D 193 51.38 29.62 36.43
N VAL D 194 52.64 29.84 36.79
CA VAL D 194 53.12 31.17 37.15
C VAL D 194 53.63 31.84 35.87
N ILE D 195 52.85 32.78 35.35
CA ILE D 195 53.24 33.55 34.16
C ILE D 195 52.76 34.98 34.33
N GLU D 196 53.32 35.87 33.51
CA GLU D 196 52.94 37.27 33.53
C GLU D 196 51.77 37.52 32.59
N VAL D 197 51.03 38.60 32.84
CA VAL D 197 49.89 38.95 32.00
C VAL D 197 50.35 39.27 30.59
N SER D 198 51.39 40.10 30.45
CA SER D 198 51.94 40.38 29.13
C SER D 198 52.54 39.13 28.51
N THR D 199 53.24 38.32 29.30
CA THR D 199 53.80 37.07 28.80
C THR D 199 52.70 36.12 28.34
N LEU D 200 51.62 36.01 29.12
CA LEU D 200 50.51 35.15 28.73
C LEU D 200 49.84 35.65 27.46
N HIS D 201 49.67 36.97 27.33
CA HIS D 201 49.09 37.53 26.12
C HIS D 201 49.98 37.23 24.91
N GLY D 202 51.29 37.39 25.07
CA GLY D 202 52.19 37.10 23.97
C GLY D 202 52.19 35.63 23.58
N ILE D 203 52.10 34.75 24.58
CA ILE D 203 52.04 33.31 24.29
C ILE D 203 50.75 32.98 23.56
N LEU D 204 49.62 33.56 23.99
CA LEU D 204 48.35 33.27 23.36
C LEU D 204 48.09 34.12 22.12
N SER D 205 49.01 35.05 21.79
CA SER D 205 48.84 35.91 20.63
C SER D 205 49.06 35.20 19.31
N GLN D 206 49.57 33.97 19.33
CA GLN D 206 49.84 33.21 18.11
C GLN D 206 48.90 32.03 17.93
N CYS D 207 48.50 31.36 19.00
CA CYS D 207 47.65 30.18 18.89
C CYS D 207 46.23 30.59 18.50
N SER D 208 45.69 29.93 17.48
CA SER D 208 44.34 30.22 17.01
C SER D 208 43.50 28.99 16.73
N LYS D 209 44.09 27.79 16.62
CA LYS D 209 43.36 26.56 16.32
C LYS D 209 43.10 25.74 17.59
N LEU D 210 43.03 26.39 18.75
CA LEU D 210 42.82 25.69 20.00
C LEU D 210 41.39 25.17 20.11
N GLN D 211 41.23 23.84 20.09
CA GLN D 211 39.93 23.22 20.29
C GLN D 211 39.53 23.15 21.76
N ASN D 212 40.50 23.21 22.67
CA ASN D 212 40.24 23.21 24.10
C ASN D 212 41.27 24.10 24.78
N LEU D 213 40.90 24.61 25.96
CA LEU D 213 41.78 25.50 26.69
C LEU D 213 41.44 25.41 28.17
N SER D 214 42.37 25.89 29.00
CA SER D 214 42.19 25.90 30.44
C SER D 214 43.10 26.94 31.09
N LEU D 215 42.52 27.86 31.85
CA LEU D 215 43.25 28.92 32.52
C LEU D 215 42.81 29.08 33.96
N GLU D 216 42.66 27.97 34.67
CA GLU D 216 42.23 28.01 36.06
C GLU D 216 43.31 28.62 36.95
N GLY D 217 42.92 29.59 37.76
CA GLY D 217 43.83 30.24 38.69
C GLY D 217 44.68 31.34 38.10
N LEU D 218 44.70 31.51 36.78
CA LEU D 218 45.51 32.55 36.17
C LEU D 218 44.77 33.89 36.23
N ARG D 219 45.51 34.96 35.91
CA ARG D 219 44.97 36.30 35.89
C ARG D 219 44.94 36.80 34.45
N LEU D 220 43.75 37.18 33.98
CA LEU D 220 43.53 37.57 32.60
C LEU D 220 43.37 39.09 32.50
N SER D 221 43.11 39.56 31.28
CA SER D 221 42.92 40.97 31.00
C SER D 221 42.10 41.09 29.73
N ASP D 222 41.73 42.33 29.39
CA ASP D 222 40.96 42.57 28.17
C ASP D 222 41.71 42.13 26.92
N PRO D 223 42.99 42.45 26.75
CA PRO D 223 43.70 41.95 25.56
C PRO D 223 43.77 40.44 25.48
N ILE D 224 43.88 39.77 26.63
CA ILE D 224 43.92 38.30 26.64
C ILE D 224 42.59 37.74 26.15
N VAL D 225 41.49 38.33 26.62
CA VAL D 225 40.17 37.88 26.18
C VAL D 225 39.97 38.16 24.69
N ASN D 226 40.42 39.33 24.22
CA ASN D 226 40.29 39.65 22.80
C ASN D 226 41.08 38.67 21.94
N THR D 227 42.29 38.33 22.37
CA THR D 227 43.09 37.37 21.63
C THR D 227 42.46 35.97 21.64
N LEU D 228 41.94 35.55 22.80
CA LEU D 228 41.36 34.23 22.91
C LEU D 228 40.02 34.11 22.19
N ALA D 229 39.33 35.23 21.97
CA ALA D 229 38.06 35.20 21.26
C ALA D 229 38.20 34.75 19.81
N LYS D 230 39.41 34.82 19.25
CA LYS D 230 39.62 34.42 17.86
C LYS D 230 39.41 32.92 17.68
N ASN D 231 39.57 32.13 18.74
CA ASN D 231 39.39 30.68 18.67
C ASN D 231 37.90 30.37 18.63
N SER D 232 37.37 30.28 17.41
CA SER D 232 35.95 30.02 17.20
C SER D 232 35.62 28.53 17.22
N ASN D 233 36.60 27.66 17.40
CA ASN D 233 36.37 26.22 17.43
C ASN D 233 36.61 25.62 18.80
N LEU D 234 36.62 26.44 19.87
CA LEU D 234 36.86 25.94 21.21
C LEU D 234 35.70 25.06 21.68
N VAL D 235 35.95 23.75 21.78
CA VAL D 235 34.91 22.84 22.24
C VAL D 235 34.59 23.10 23.70
N ARG D 236 35.62 23.27 24.52
CA ARG D 236 35.47 23.50 25.95
C ARG D 236 36.33 24.69 26.37
N LEU D 237 36.03 25.23 27.55
CA LEU D 237 36.76 26.36 28.09
C LEU D 237 36.66 26.32 29.62
N ASN D 238 37.56 27.05 30.26
CA ASN D 238 37.61 27.09 31.72
C ASN D 238 38.18 28.42 32.16
N LEU D 239 37.50 29.06 33.11
CA LEU D 239 37.96 30.35 33.63
C LEU D 239 37.84 30.44 35.15
N SER D 240 38.01 29.32 35.86
CA SER D 240 37.89 29.32 37.31
C SER D 240 38.97 30.19 37.94
N GLY D 241 38.56 31.05 38.88
CA GLY D 241 39.47 31.92 39.59
C GLY D 241 40.02 33.07 38.78
N CYS D 242 39.83 33.09 37.47
CA CYS D 242 40.36 34.17 36.65
C CYS D 242 39.48 35.41 36.79
N SER D 243 40.14 36.57 36.70
CA SER D 243 39.46 37.86 36.80
C SER D 243 40.33 38.92 36.17
N GLY D 244 39.72 40.05 35.82
CA GLY D 244 40.45 41.15 35.22
C GLY D 244 39.78 41.67 33.96
N PHE D 245 38.95 40.84 33.34
CA PHE D 245 38.27 41.21 32.11
C PHE D 245 37.12 42.17 32.42
N SER D 246 36.44 42.60 31.36
CA SER D 246 35.31 43.52 31.47
C SER D 246 34.07 42.88 30.87
N GLU D 247 32.92 43.52 31.11
CA GLU D 247 31.66 43.01 30.60
C GLU D 247 31.65 43.00 29.07
N PHE D 248 32.17 44.06 28.45
CA PHE D 248 32.19 44.13 26.99
C PHE D 248 33.07 43.04 26.40
N ALA D 249 34.26 42.83 26.97
CA ALA D 249 35.16 41.79 26.47
C ALA D 249 34.55 40.40 26.65
N LEU D 250 33.93 40.15 27.80
CA LEU D 250 33.29 38.86 28.02
C LEU D 250 32.14 38.63 27.04
N GLN D 251 31.33 39.67 26.79
CA GLN D 251 30.24 39.54 25.84
C GLN D 251 30.76 39.28 24.43
N THR D 252 31.84 39.98 24.04
CA THR D 252 32.43 39.75 22.72
C THR D 252 32.97 38.33 22.60
N LEU D 253 33.63 37.83 23.65
CA LEU D 253 34.14 36.46 23.62
C LEU D 253 33.00 35.45 23.52
N LEU D 254 31.92 35.68 24.28
CA LEU D 254 30.77 34.78 24.22
C LEU D 254 30.10 34.80 22.85
N SER D 255 30.00 35.98 22.23
CA SER D 255 29.39 36.06 20.90
C SER D 255 30.28 35.40 19.85
N SER D 256 31.60 35.56 19.97
CA SER D 256 32.51 34.97 18.99
C SER D 256 32.45 33.45 19.02
N CYS D 257 32.41 32.86 20.22
CA CYS D 257 32.40 31.41 20.36
C CYS D 257 30.97 30.89 20.35
N SER D 258 30.67 30.03 19.39
CA SER D 258 29.35 29.43 19.26
C SER D 258 29.35 27.92 19.42
N ARG D 259 30.47 27.26 19.12
CA ARG D 259 30.57 25.81 19.27
C ARG D 259 30.97 25.38 20.67
N LEU D 260 31.00 26.29 21.64
CA LEU D 260 31.39 25.97 23.00
C LEU D 260 30.43 24.97 23.63
N ASP D 261 30.94 23.81 24.03
CA ASP D 261 30.10 22.77 24.62
C ASP D 261 30.05 22.91 26.14
N GLU D 262 31.21 23.01 26.78
CA GLU D 262 31.30 23.10 28.23
C GLU D 262 32.10 24.34 28.62
N LEU D 263 31.55 25.12 29.55
CA LEU D 263 32.21 26.30 30.08
C LEU D 263 31.99 26.37 31.59
N ASN D 264 32.98 26.92 32.30
CA ASN D 264 32.92 27.05 33.75
C ASN D 264 33.47 28.42 34.13
N LEU D 265 32.59 29.43 34.14
CA LEU D 265 32.95 30.77 34.59
C LEU D 265 32.49 30.96 36.03
N SER D 266 33.15 30.26 36.94
CA SER D 266 32.77 30.23 38.34
C SER D 266 33.86 30.83 39.21
N TRP D 267 33.45 31.32 40.38
CA TRP D 267 34.33 31.82 41.44
C TRP D 267 35.13 33.04 41.03
N CYS D 268 34.68 33.80 40.04
CA CYS D 268 35.37 35.02 39.65
C CYS D 268 35.35 36.02 40.79
N PHE D 269 36.48 36.69 41.02
CA PHE D 269 36.64 37.63 42.12
C PHE D 269 36.47 39.07 41.68
N ASP D 270 36.03 39.30 40.42
CA ASP D 270 35.83 40.66 39.93
C ASP D 270 34.55 40.80 39.12
N PHE D 271 33.74 39.76 39.01
CA PHE D 271 32.49 39.86 38.28
C PHE D 271 31.46 40.65 39.08
N THR D 272 30.45 41.13 38.38
CA THR D 272 29.37 41.91 39.00
C THR D 272 28.04 41.44 38.42
N GLU D 273 26.97 42.16 38.76
CA GLU D 273 25.66 41.85 38.22
C GLU D 273 25.62 42.03 36.70
N LYS D 274 26.24 43.09 36.21
CA LYS D 274 26.27 43.34 34.77
C LYS D 274 27.03 42.25 34.03
N HIS D 275 28.17 41.84 34.58
CA HIS D 275 28.96 40.78 33.94
C HIS D 275 28.19 39.46 33.91
N VAL D 276 27.53 39.13 35.03
CA VAL D 276 26.75 37.90 35.07
C VAL D 276 25.58 37.95 34.10
N GLN D 277 24.90 39.10 34.02
CA GLN D 277 23.79 39.24 33.08
C GLN D 277 24.26 39.11 31.64
N VAL D 278 25.41 39.72 31.33
CA VAL D 278 25.97 39.62 29.98
C VAL D 278 26.34 38.18 29.65
N ALA D 279 26.96 37.47 30.60
CA ALA D 279 27.32 36.08 30.38
C ALA D 279 26.09 35.21 30.16
N VAL D 280 25.03 35.46 30.94
CA VAL D 280 23.81 34.68 30.79
C VAL D 280 23.12 34.97 29.45
N ALA D 281 23.08 36.24 29.04
CA ALA D 281 22.37 36.59 27.81
C ALA D 281 23.14 36.16 26.57
N HIS D 282 24.48 36.25 26.62
CA HIS D 282 25.32 35.94 25.47
C HIS D 282 25.78 34.49 25.45
N VAL D 283 25.29 33.66 26.37
CA VAL D 283 25.69 32.26 26.40
C VAL D 283 25.17 31.55 25.15
N SER D 284 25.93 30.56 24.69
CA SER D 284 25.55 29.81 23.51
C SER D 284 24.40 28.86 23.84
N GLU D 285 23.73 28.38 22.79
CA GLU D 285 22.60 27.48 22.94
C GLU D 285 23.02 26.01 22.86
N THR D 286 24.32 25.74 22.69
CA THR D 286 24.83 24.38 22.63
C THR D 286 25.56 23.96 23.89
N ILE D 287 25.45 24.74 24.97
CA ILE D 287 26.13 24.45 26.23
C ILE D 287 25.57 23.17 26.83
N THR D 288 26.45 22.19 27.10
CA THR D 288 26.04 20.95 27.72
C THR D 288 26.28 20.95 29.23
N GLN D 289 27.44 21.43 29.66
CA GLN D 289 27.76 21.52 31.08
C GLN D 289 28.20 22.94 31.39
N LEU D 290 27.60 23.56 32.41
CA LEU D 290 27.90 24.92 32.77
C LEU D 290 27.87 25.07 34.29
N ASN D 291 28.78 25.88 34.82
CA ASN D 291 28.84 26.18 36.24
C ASN D 291 28.91 27.68 36.43
N LEU D 292 28.06 28.21 37.31
CA LEU D 292 27.99 29.64 37.57
C LEU D 292 27.94 29.91 39.07
N SER D 293 28.72 29.14 39.84
CA SER D 293 28.75 29.32 41.28
C SER D 293 29.58 30.55 41.63
N GLY D 294 29.60 30.88 42.93
CA GLY D 294 30.37 32.00 43.42
C GLY D 294 29.58 33.30 43.48
N TYR D 295 28.69 33.51 42.51
CA TYR D 295 27.89 34.74 42.45
C TYR D 295 26.74 34.64 43.45
N ARG D 296 27.07 34.88 44.72
CA ARG D 296 26.06 34.84 45.78
C ARG D 296 25.11 36.00 45.66
N LYS D 297 25.64 37.22 45.56
CA LYS D 297 24.84 38.43 45.50
C LYS D 297 24.71 38.98 44.09
N ASN D 298 25.11 38.21 43.07
CA ASN D 298 25.05 38.66 41.69
C ASN D 298 24.12 37.84 40.81
N LEU D 299 23.71 36.64 41.24
CA LEU D 299 22.78 35.83 40.46
C LEU D 299 21.37 36.08 40.94
N GLN D 300 20.47 36.37 40.00
CA GLN D 300 19.08 36.68 40.30
C GLN D 300 18.15 35.69 39.62
N LYS D 301 16.86 35.78 39.95
CA LYS D 301 15.87 34.90 39.35
C LYS D 301 15.75 35.14 37.85
N SER D 302 15.82 36.40 37.44
CA SER D 302 15.71 36.72 36.02
C SER D 302 16.84 36.11 35.21
N ASP D 303 18.07 36.17 35.71
CA ASP D 303 19.21 35.59 35.01
C ASP D 303 19.04 34.09 34.88
N LEU D 304 18.60 33.42 35.95
CA LEU D 304 18.39 31.98 35.89
C LEU D 304 17.28 31.62 34.90
N SER D 305 16.21 32.40 34.88
CA SER D 305 15.12 32.14 33.94
C SER D 305 15.60 32.33 32.50
N THR D 306 16.40 33.37 32.25
CA THR D 306 16.93 33.60 30.91
C THR D 306 17.86 32.45 30.50
N LEU D 307 18.70 31.99 31.42
CA LEU D 307 19.59 30.88 31.11
C LEU D 307 18.81 29.60 30.81
N VAL D 308 17.74 29.36 31.58
CA VAL D 308 16.91 28.18 31.34
C VAL D 308 16.21 28.26 29.99
N ARG D 309 15.67 29.43 29.66
CA ARG D 309 14.94 29.60 28.40
C ARG D 309 15.87 29.75 27.20
N ARG D 310 17.17 29.95 27.41
CA ARG D 310 18.10 30.11 26.31
C ARG D 310 18.73 28.77 25.90
N CYS D 311 19.37 28.09 26.84
CA CYS D 311 20.03 26.82 26.56
C CYS D 311 19.18 25.68 27.09
N PRO D 312 18.56 24.87 26.22
CA PRO D 312 17.76 23.73 26.68
C PRO D 312 18.49 22.39 26.72
N ASN D 313 19.80 22.37 26.49
CA ASN D 313 20.56 21.13 26.45
C ASN D 313 21.61 21.08 27.55
N LEU D 314 21.28 21.60 28.73
CA LEU D 314 22.20 21.60 29.87
C LEU D 314 22.17 20.22 30.53
N VAL D 315 23.30 19.52 30.48
CA VAL D 315 23.39 18.20 31.08
C VAL D 315 23.85 18.27 32.52
N HIS D 316 24.91 19.03 32.80
CA HIS D 316 25.44 19.21 34.14
C HIS D 316 25.36 20.69 34.51
N LEU D 317 24.76 20.98 35.67
CA LEU D 317 24.61 22.35 36.13
C LEU D 317 25.04 22.43 37.59
N ASP D 318 25.51 23.62 37.99
CA ASP D 318 25.95 23.85 39.34
C ASP D 318 25.70 25.30 39.70
N LEU D 319 25.06 25.52 40.85
CA LEU D 319 24.76 26.85 41.35
C LEU D 319 25.14 26.98 42.82
N SER D 320 26.34 26.52 43.16
CA SER D 320 26.79 26.53 44.55
C SER D 320 26.96 27.96 45.06
N ASP D 321 26.76 28.12 46.37
CA ASP D 321 26.92 29.42 47.05
C ASP D 321 25.98 30.48 46.48
N SER D 322 24.78 30.07 46.07
CA SER D 322 23.77 30.98 45.56
C SER D 322 22.67 31.12 46.61
N VAL D 323 22.35 32.36 46.97
CA VAL D 323 21.36 32.65 47.99
C VAL D 323 20.12 33.32 47.40
N MET D 324 19.91 33.21 46.09
CA MET D 324 18.77 33.81 45.41
C MET D 324 18.03 32.76 44.60
N LEU D 325 17.75 31.62 45.22
CA LEU D 325 17.04 30.53 44.59
C LEU D 325 15.74 30.25 45.34
N LYS D 326 14.66 30.05 44.60
CA LYS D 326 13.35 29.81 45.18
C LYS D 326 12.63 28.77 44.34
N ASN D 327 11.31 28.65 44.55
CA ASN D 327 10.53 27.69 43.78
C ASN D 327 10.52 28.02 42.30
N ASP D 328 10.71 29.30 41.96
CA ASP D 328 10.81 29.70 40.56
C ASP D 328 12.03 29.06 39.89
N CYS D 329 13.16 29.00 40.61
CA CYS D 329 14.33 28.32 40.07
C CYS D 329 14.07 26.83 39.87
N PHE D 330 13.34 26.22 40.80
CA PHE D 330 12.98 24.81 40.64
C PHE D 330 12.11 24.59 39.42
N GLN D 331 11.13 25.48 39.20
CA GLN D 331 10.29 25.38 38.01
C GLN D 331 11.09 25.58 36.74
N GLU D 332 12.03 26.53 36.74
CA GLU D 332 12.87 26.75 35.56
C GLU D 332 13.73 25.53 35.27
N PHE D 333 14.27 24.90 36.32
CA PHE D 333 15.04 23.67 36.14
C PHE D 333 14.15 22.55 35.60
N PHE D 334 12.93 22.45 36.11
CA PHE D 334 12.00 21.44 35.62
C PHE D 334 11.63 21.69 34.16
N GLN D 335 11.68 22.95 33.71
CA GLN D 335 11.44 23.24 32.30
C GLN D 335 12.48 22.59 31.41
N LEU D 336 13.70 22.40 31.91
CA LEU D 336 14.71 21.67 31.18
C LEU D 336 14.38 20.18 31.14
N ASN D 337 14.95 19.50 30.15
CA ASN D 337 14.67 18.09 29.93
C ASN D 337 15.87 17.16 30.06
N TYR D 338 17.10 17.69 30.11
CA TYR D 338 18.30 16.87 30.16
C TYR D 338 19.17 17.20 31.37
N LEU D 339 18.56 17.66 32.46
CA LEU D 339 19.30 18.02 33.67
C LEU D 339 19.70 16.73 34.39
N GLN D 340 20.84 16.17 33.97
CA GLN D 340 21.32 14.92 34.54
C GLN D 340 22.21 15.11 35.76
N HIS D 341 22.64 16.34 36.04
CA HIS D 341 23.51 16.61 37.18
C HIS D 341 23.24 18.02 37.67
N LEU D 342 22.75 18.13 38.91
CA LEU D 342 22.46 19.42 39.52
C LEU D 342 23.19 19.54 40.84
N SER D 343 23.49 20.78 41.24
CA SER D 343 24.21 21.04 42.47
C SER D 343 23.79 22.41 42.99
N LEU D 344 23.10 22.42 44.13
CA LEU D 344 22.63 23.65 44.76
C LEU D 344 23.20 23.77 46.17
N SER D 345 24.50 23.51 46.32
CA SER D 345 25.12 23.56 47.63
C SER D 345 25.16 24.99 48.16
N ARG D 346 25.13 25.12 49.48
CA ARG D 346 25.19 26.40 50.19
C ARG D 346 24.02 27.31 49.84
N CYS D 347 22.89 26.74 49.42
CA CYS D 347 21.70 27.53 49.12
C CYS D 347 20.90 27.78 50.40
N TYR D 348 21.26 28.84 51.13
CA TYR D 348 20.58 29.14 52.39
C TYR D 348 19.12 29.54 52.19
N ASP D 349 18.79 30.14 51.05
CA ASP D 349 17.43 30.58 50.78
C ASP D 349 16.53 29.47 50.26
N ILE D 350 16.95 28.21 50.37
CA ILE D 350 16.17 27.07 49.91
C ILE D 350 15.91 26.16 51.10
N ILE D 351 14.63 25.87 51.36
CA ILE D 351 14.24 25.00 52.47
C ILE D 351 14.61 23.56 52.13
N PRO D 352 15.04 22.76 53.10
CA PRO D 352 15.37 21.36 52.80
C PRO D 352 14.17 20.56 52.32
N GLU D 353 12.96 20.92 52.75
CA GLU D 353 11.76 20.17 52.34
C GLU D 353 11.44 20.35 50.87
N THR D 354 11.76 21.52 50.30
CA THR D 354 11.46 21.78 48.89
C THR D 354 12.30 20.95 47.94
N LEU D 355 13.36 20.30 48.43
CA LEU D 355 14.21 19.49 47.56
C LEU D 355 13.50 18.23 47.08
N LEU D 356 12.39 17.85 47.71
CA LEU D 356 11.67 16.65 47.29
C LEU D 356 11.08 16.81 45.89
N GLU D 357 10.70 18.04 45.51
CA GLU D 357 10.14 18.27 44.19
C GLU D 357 11.17 18.05 43.08
N LEU D 358 12.46 18.07 43.40
CA LEU D 358 13.48 17.86 42.39
C LEU D 358 13.43 16.44 41.83
N GLY D 359 12.84 15.50 42.57
CA GLY D 359 12.75 14.13 42.10
C GLY D 359 11.80 13.96 40.92
N GLU D 360 10.95 14.95 40.65
CA GLU D 360 10.04 14.87 39.51
C GLU D 360 10.76 14.85 38.18
N ILE D 361 12.02 15.29 38.14
CA ILE D 361 12.77 15.29 36.89
C ILE D 361 13.06 13.84 36.48
N PRO D 362 12.73 13.44 35.25
CA PRO D 362 12.94 12.03 34.86
C PRO D 362 14.41 11.69 34.68
N THR D 363 15.19 12.62 34.14
CA THR D 363 16.59 12.40 33.82
C THR D 363 17.54 12.78 34.96
N LEU D 364 17.02 12.93 36.18
CA LEU D 364 17.85 13.27 37.32
C LEU D 364 18.66 12.05 37.77
N LYS D 365 19.95 12.28 38.00
CA LYS D 365 20.85 11.20 38.39
C LYS D 365 21.59 11.51 39.69
N THR D 366 21.96 12.77 39.88
CA THR D 366 22.71 13.18 41.07
C THR D 366 22.25 14.57 41.51
N LEU D 367 22.45 14.85 42.79
CA LEU D 367 22.07 16.15 43.35
C LEU D 367 22.91 16.37 44.60
N GLN D 368 23.74 17.41 44.59
CA GLN D 368 24.59 17.76 45.72
C GLN D 368 23.96 18.94 46.45
N VAL D 369 23.51 18.69 47.69
CA VAL D 369 22.85 19.72 48.49
C VAL D 369 23.60 19.90 49.80
N PHE D 370 24.91 19.66 49.78
CA PHE D 370 25.72 19.81 50.98
C PHE D 370 25.72 21.26 51.46
N GLY D 371 25.54 21.44 52.76
CA GLY D 371 25.51 22.77 53.34
C GLY D 371 24.13 23.20 53.79
N ILE D 372 23.11 22.85 53.01
CA ILE D 372 21.73 23.22 53.33
C ILE D 372 21.05 22.14 54.16
N VAL D 373 21.19 20.88 53.76
CA VAL D 373 20.57 19.77 54.46
C VAL D 373 21.33 19.49 55.75
N PRO D 374 20.69 19.53 56.91
CA PRO D 374 21.41 19.24 58.16
C PRO D 374 21.57 17.75 58.38
N ASP D 375 22.28 17.42 59.46
CA ASP D 375 22.51 16.03 59.81
C ASP D 375 21.19 15.36 60.18
N GLY D 376 21.08 14.08 59.82
CA GLY D 376 19.85 13.33 60.07
C GLY D 376 18.79 13.45 59.00
N THR D 377 18.58 14.66 58.48
CA THR D 377 17.61 14.86 57.41
C THR D 377 18.07 14.25 56.10
N LEU D 378 19.35 13.91 55.97
CA LEU D 378 19.85 13.30 54.75
C LEU D 378 19.19 11.94 54.52
N GLN D 379 19.03 11.15 55.58
CA GLN D 379 18.36 9.86 55.45
C GLN D 379 16.92 10.03 55.00
N LEU D 380 16.21 11.01 55.56
CA LEU D 380 14.83 11.28 55.16
C LEU D 380 14.76 11.70 53.69
N LEU D 381 15.70 12.55 53.27
CA LEU D 381 15.72 12.98 51.87
C LEU D 381 16.00 11.82 50.94
N LYS D 382 16.92 10.93 51.33
CA LYS D 382 17.21 9.75 50.52
C LYS D 382 16.01 8.83 50.43
N GLU D 383 15.30 8.65 51.55
CA GLU D 383 14.10 7.82 51.55
C GLU D 383 13.00 8.41 50.68
N ALA D 384 12.85 9.74 50.71
CA ALA D 384 11.82 10.37 49.89
C ALA D 384 12.10 10.18 48.40
N LEU D 385 13.36 10.29 47.99
CA LEU D 385 13.75 10.15 46.59
C LEU D 385 14.88 9.12 46.51
N PRO D 386 14.54 7.83 46.54
CA PRO D 386 15.58 6.80 46.48
C PRO D 386 15.98 6.43 45.05
N HIS D 387 15.59 7.28 44.10
CA HIS D 387 15.88 7.05 42.68
C HIS D 387 17.01 7.94 42.17
N LEU D 388 17.84 8.47 43.07
CA LEU D 388 18.94 9.32 42.69
C LEU D 388 20.05 9.16 43.74
N GLN D 389 21.08 10.00 43.62
CA GLN D 389 22.22 9.96 44.54
C GLN D 389 22.41 11.36 45.12
N ILE D 390 22.50 11.44 46.44
CA ILE D 390 22.65 12.71 47.15
C ILE D 390 24.01 12.71 47.83
N ASN D 391 24.78 13.78 47.60
CA ASN D 391 26.10 13.97 48.21
C ASN D 391 27.03 12.79 47.91
N CYS D 392 27.31 12.61 46.62
CA CYS D 392 28.19 11.55 46.16
C CYS D 392 29.39 12.03 45.36
N SER D 393 29.38 13.28 44.88
CA SER D 393 30.48 13.83 44.11
C SER D 393 30.96 15.11 44.80
N HIS D 394 32.04 14.99 45.57
CA HIS D 394 32.56 16.15 46.30
C HIS D 394 33.30 17.11 45.36
N PHE D 395 33.87 16.59 44.27
CA PHE D 395 34.63 17.39 43.33
C PHE D 395 33.89 17.50 42.00
N THR D 396 33.95 18.70 41.42
CA THR D 396 33.29 18.93 40.14
C THR D 396 34.11 18.34 39.00
N THR D 397 33.47 18.19 37.84
CA THR D 397 34.13 17.64 36.67
C THR D 397 33.90 18.44 35.40
N ILE D 398 33.35 19.65 35.49
CA ILE D 398 33.09 20.48 34.33
C ILE D 398 34.39 21.08 33.83
N ALA D 399 34.80 20.72 32.61
CA ALA D 399 36.03 21.21 31.99
C ALA D 399 37.24 20.94 32.89
N ARG D 400 37.35 19.71 33.37
CA ARG D 400 38.45 19.31 34.23
C ARG D 400 39.48 18.56 33.40
N PRO D 401 40.70 19.11 33.23
CA PRO D 401 41.70 18.38 32.44
C PRO D 401 42.07 17.02 33.00
N THR D 402 42.05 16.87 34.33
CA THR D 402 42.40 15.60 34.95
C THR D 402 41.54 15.35 36.18
N ILE D 411 45.66 14.30 29.50
CA ILE D 411 44.92 15.53 29.28
C ILE D 411 43.71 15.26 28.41
N TRP D 412 42.53 15.19 29.05
CA TRP D 412 41.25 14.95 28.37
C TRP D 412 41.30 13.66 27.54
N GLY D 413 41.93 12.63 28.12
CA GLY D 413 41.99 11.34 27.48
C GLY D 413 43.24 11.13 26.65
N ILE D 414 43.90 12.22 26.26
CA ILE D 414 45.13 12.12 25.49
C ILE D 414 46.29 11.81 26.43
N LYS D 415 47.14 10.87 26.01
CA LYS D 415 48.30 10.45 26.79
C LYS D 415 49.57 11.05 26.21
N CYS D 416 50.37 11.67 27.06
CA CYS D 416 51.62 12.30 26.63
C CYS D 416 52.67 11.24 26.35
N ARG D 417 53.50 11.49 25.34
CA ARG D 417 54.55 10.56 24.94
C ARG D 417 55.93 11.02 25.40
N LEU D 418 56.33 12.24 25.07
CA LEU D 418 57.63 12.76 25.46
C LEU D 418 57.49 13.82 26.55
N PRO E 2 49.90 -25.63 0.70
CA PRO E 2 50.00 -24.18 0.66
C PRO E 2 51.39 -23.67 1.03
N SER E 3 52.30 -23.68 0.07
CA SER E 3 53.66 -23.21 0.27
C SER E 3 54.05 -22.24 -0.83
N ILE E 4 54.91 -21.29 -0.47
CA ILE E 4 55.37 -20.25 -1.39
C ILE E 4 56.87 -20.36 -1.54
N LYS E 5 57.34 -20.39 -2.78
CA LYS E 5 58.76 -20.55 -3.08
C LYS E 5 59.43 -19.19 -3.07
N LEU E 6 60.29 -18.95 -2.09
CA LEU E 6 61.04 -17.71 -1.96
C LEU E 6 62.48 -17.95 -2.37
N GLN E 7 62.98 -17.10 -3.26
CA GLN E 7 64.35 -17.22 -3.77
C GLN E 7 65.16 -16.01 -3.33
N SER E 8 66.34 -16.26 -2.78
CA SER E 8 67.24 -15.20 -2.34
C SER E 8 68.05 -14.69 -3.53
N SER E 9 68.84 -13.63 -3.29
CA SER E 9 69.61 -13.01 -4.35
C SER E 9 70.81 -13.84 -4.78
N ASP E 10 71.25 -14.78 -3.96
CA ASP E 10 72.41 -15.61 -4.27
C ASP E 10 72.04 -17.00 -4.77
N GLY E 11 70.78 -17.23 -5.11
CA GLY E 11 70.34 -18.46 -5.71
C GLY E 11 69.64 -19.42 -4.75
N GLU E 12 69.79 -19.22 -3.44
CA GLU E 12 69.17 -20.12 -2.48
C GLU E 12 67.65 -19.98 -2.53
N ILE E 13 66.96 -21.11 -2.37
CA ILE E 13 65.51 -21.18 -2.49
C ILE E 13 64.96 -21.78 -1.20
N PHE E 14 63.94 -21.13 -0.64
CA PHE E 14 63.30 -21.56 0.60
C PHE E 14 61.84 -21.88 0.33
N GLU E 15 61.18 -22.39 1.37
CA GLU E 15 59.76 -22.70 1.32
C GLU E 15 59.14 -22.40 2.67
N VAL E 16 58.06 -21.62 2.68
CA VAL E 16 57.38 -21.22 3.90
C VAL E 16 55.88 -21.37 3.72
N ASP E 17 55.18 -21.43 4.85
CA ASP E 17 53.73 -21.50 4.83
C ASP E 17 53.13 -20.14 4.45
N VAL E 18 51.90 -20.19 3.95
CA VAL E 18 51.22 -18.95 3.55
C VAL E 18 50.97 -18.07 4.76
N GLU E 19 50.64 -18.67 5.91
CA GLU E 19 50.40 -17.88 7.11
C GLU E 19 51.68 -17.24 7.64
N ILE E 20 52.83 -17.87 7.38
CA ILE E 20 54.10 -17.29 7.81
C ILE E 20 54.44 -16.08 6.97
N ALA E 21 54.26 -16.17 5.66
CA ALA E 21 54.57 -15.08 4.74
C ALA E 21 53.45 -14.04 4.65
N LYS E 22 52.31 -14.29 5.31
CA LYS E 22 51.23 -13.31 5.33
C LYS E 22 51.65 -12.03 6.02
N GLN E 23 52.61 -12.11 6.95
CA GLN E 23 53.04 -10.92 7.68
C GLN E 23 53.70 -9.90 6.76
N SER E 24 54.53 -10.37 5.83
CA SER E 24 55.18 -9.48 4.89
C SER E 24 54.19 -9.04 3.81
N VAL E 25 53.99 -7.72 3.70
CA VAL E 25 53.00 -7.20 2.76
C VAL E 25 53.46 -7.43 1.32
N THR E 26 54.76 -7.27 1.05
CA THR E 26 55.26 -7.49 -0.30
C THR E 26 55.01 -8.93 -0.75
N ILE E 27 55.27 -9.90 0.12
CA ILE E 27 54.98 -11.29 -0.22
C ILE E 27 53.48 -11.55 -0.20
N LYS E 28 52.76 -10.89 0.71
CA LYS E 28 51.31 -11.07 0.79
C LYS E 28 50.63 -10.67 -0.51
N THR E 29 51.16 -9.66 -1.21
CA THR E 29 50.60 -9.26 -2.49
C THR E 29 50.67 -10.38 -3.52
N MET E 30 51.60 -11.31 -3.38
CA MET E 30 51.87 -12.33 -4.38
C MET E 30 51.42 -13.71 -3.94
N LEU E 31 50.28 -13.79 -3.23
CA LEU E 31 49.74 -15.06 -2.78
C LEU E 31 48.37 -15.38 -3.36
N GLU E 32 47.64 -14.40 -3.89
CA GLU E 32 46.31 -14.66 -4.42
C GLU E 32 46.36 -15.62 -5.60
N ASP E 33 47.34 -15.45 -6.48
CA ASP E 33 47.53 -16.32 -7.65
C ASP E 33 48.85 -17.07 -7.47
N LEU E 34 48.76 -18.22 -6.80
CA LEU E 34 49.94 -19.03 -6.55
C LEU E 34 50.46 -19.62 -7.87
N GLY E 35 51.79 -19.68 -7.98
CA GLY E 35 52.40 -20.20 -9.18
C GLY E 35 53.56 -21.13 -8.84
N MET E 36 54.00 -21.86 -9.85
CA MET E 36 55.10 -22.80 -9.67
C MET E 36 56.45 -22.09 -9.60
N ASP E 37 56.62 -21.01 -10.36
CA ASP E 37 57.87 -20.28 -10.37
C ASP E 37 58.10 -19.59 -9.02
N PRO E 38 59.36 -19.47 -8.59
CA PRO E 38 59.64 -18.83 -7.30
C PRO E 38 59.79 -17.32 -7.45
N VAL E 39 59.30 -16.60 -6.44
CA VAL E 39 59.37 -15.15 -6.42
C VAL E 39 60.76 -14.71 -5.97
N PRO E 40 61.49 -13.95 -6.77
CA PRO E 40 62.84 -13.54 -6.39
C PRO E 40 62.86 -12.25 -5.59
N LEU E 41 63.81 -12.19 -4.65
CA LEU E 41 64.05 -11.01 -3.82
C LEU E 41 65.50 -10.57 -4.06
N PRO E 42 65.72 -9.63 -4.97
CA PRO E 42 67.11 -9.26 -5.32
C PRO E 42 67.91 -8.62 -4.19
N ASN E 43 67.26 -8.11 -3.15
CA ASN E 43 67.94 -7.34 -2.12
C ASN E 43 68.14 -8.11 -0.81
N VAL E 44 67.88 -9.41 -0.80
CA VAL E 44 68.04 -10.22 0.41
C VAL E 44 68.89 -11.44 0.05
N ASN E 45 69.89 -11.72 0.90
CA ASN E 45 70.77 -12.86 0.70
C ASN E 45 70.29 -14.05 1.54
N ALA E 46 71.08 -15.13 1.52
CA ALA E 46 70.64 -16.38 2.13
C ALA E 46 70.54 -16.27 3.65
N ALA E 47 71.59 -15.76 4.29
CA ALA E 47 71.62 -15.75 5.76
C ALA E 47 70.51 -14.85 6.33
N ILE E 48 70.38 -13.64 5.77
CA ILE E 48 69.37 -12.71 6.27
C ILE E 48 67.96 -13.25 6.02
N LEU E 49 67.76 -13.91 4.87
CA LEU E 49 66.45 -14.48 4.58
C LEU E 49 66.11 -15.60 5.56
N LYS E 50 67.09 -16.44 5.90
CA LYS E 50 66.86 -17.48 6.90
C LYS E 50 66.56 -16.87 8.26
N LYS E 51 67.26 -15.80 8.62
CA LYS E 51 67.02 -15.10 9.88
C LYS E 51 65.59 -14.57 9.94
N VAL E 52 65.15 -13.93 8.85
CA VAL E 52 63.80 -13.36 8.80
C VAL E 52 62.76 -14.47 8.83
N ILE E 53 63.02 -15.58 8.13
CA ILE E 53 62.08 -16.70 8.14
C ILE E 53 61.95 -17.28 9.54
N GLN E 54 63.08 -17.40 10.24
CA GLN E 54 63.04 -17.87 11.62
C GLN E 54 62.20 -16.94 12.49
N TRP E 55 62.41 -15.63 12.35
CA TRP E 55 61.64 -14.67 13.14
C TRP E 55 60.14 -14.79 12.85
N CYS E 56 59.79 -14.89 11.56
CA CYS E 56 58.38 -14.97 11.19
C CYS E 56 57.74 -16.26 11.69
N THR E 57 58.46 -17.38 11.59
CA THR E 57 57.94 -18.64 12.09
C THR E 57 57.72 -18.59 13.60
N HIS E 58 58.69 -18.03 14.33
CA HIS E 58 58.57 -18.01 15.79
C HIS E 58 57.47 -17.07 16.25
N HIS E 59 57.32 -15.92 15.60
CA HIS E 59 56.34 -14.91 16.00
C HIS E 59 55.08 -14.96 15.14
N LYS E 60 54.68 -16.15 14.70
CA LYS E 60 53.49 -16.30 13.88
C LYS E 60 52.23 -16.14 14.72
N PRO E 72 60.73 -10.36 24.76
CA PRO E 72 61.27 -10.64 26.10
C PRO E 72 62.66 -11.29 26.05
N VAL E 73 62.82 -12.39 26.78
CA VAL E 73 64.11 -13.10 26.79
C VAL E 73 64.43 -13.63 25.40
N TRP E 74 63.43 -14.21 24.73
CA TRP E 74 63.66 -14.71 23.37
C TRP E 74 64.03 -13.58 22.43
N ASP E 75 63.33 -12.45 22.52
CA ASP E 75 63.66 -11.31 21.67
C ASP E 75 65.08 -10.81 21.93
N GLN E 76 65.46 -10.73 23.20
CA GLN E 76 66.80 -10.25 23.53
C GLN E 76 67.87 -11.18 22.98
N GLU E 77 67.71 -12.49 23.19
CA GLU E 77 68.72 -13.43 22.72
C GLU E 77 68.72 -13.56 21.20
N PHE E 78 67.57 -13.31 20.57
CA PHE E 78 67.46 -13.45 19.13
C PHE E 78 68.00 -12.23 18.40
N LEU E 79 67.88 -11.05 19.00
CA LEU E 79 68.43 -9.82 18.44
C LEU E 79 69.82 -9.50 18.96
N LYS E 80 70.36 -10.31 19.89
CA LYS E 80 71.71 -10.11 20.39
C LYS E 80 72.70 -10.60 19.33
N VAL E 81 72.95 -9.73 18.34
CA VAL E 81 73.89 -10.00 17.26
C VAL E 81 74.75 -8.76 17.07
N ASP E 82 75.76 -8.91 16.20
CA ASP E 82 76.69 -7.82 15.97
C ASP E 82 76.01 -6.70 15.18
N GLN E 83 76.75 -5.59 15.00
CA GLN E 83 76.17 -4.40 14.38
C GLN E 83 75.78 -4.66 12.93
N GLY E 84 76.61 -5.37 12.18
CA GLY E 84 76.32 -5.59 10.77
C GLY E 84 75.05 -6.37 10.55
N THR E 85 74.88 -7.47 11.31
CA THR E 85 73.68 -8.27 11.17
C THR E 85 72.44 -7.44 11.48
N LEU E 86 72.50 -6.62 12.52
CA LEU E 86 71.39 -5.71 12.80
C LEU E 86 71.15 -4.76 11.64
N PHE E 87 72.24 -4.32 10.98
CA PHE E 87 72.10 -3.42 9.84
C PHE E 87 71.29 -4.06 8.72
N GLU E 88 71.68 -5.27 8.30
CA GLU E 88 70.91 -5.89 7.22
C GLU E 88 69.53 -6.38 7.68
N LEU E 89 69.34 -6.70 8.96
CA LEU E 89 67.99 -7.00 9.42
C LEU E 89 67.08 -5.78 9.30
N ILE E 90 67.57 -4.60 9.69
CA ILE E 90 66.78 -3.38 9.53
C ILE E 90 66.49 -3.13 8.05
N LEU E 91 67.52 -3.30 7.20
CA LEU E 91 67.33 -3.07 5.77
C LEU E 91 66.28 -4.03 5.19
N ALA E 92 66.35 -5.31 5.56
CA ALA E 92 65.42 -6.29 5.01
C ALA E 92 64.01 -6.09 5.55
N ALA E 93 63.88 -5.67 6.81
CA ALA E 93 62.57 -5.36 7.36
C ALA E 93 61.94 -4.18 6.62
N ASN E 94 62.76 -3.17 6.29
CA ASN E 94 62.25 -2.07 5.47
C ASN E 94 61.85 -2.55 4.08
N TYR E 95 62.65 -3.43 3.49
CA TYR E 95 62.40 -3.88 2.12
C TYR E 95 61.11 -4.70 2.04
N LEU E 96 60.93 -5.64 2.96
CA LEU E 96 59.79 -6.56 2.90
C LEU E 96 58.57 -6.07 3.66
N ASP E 97 58.66 -4.91 4.30
CA ASP E 97 57.53 -4.28 5.00
C ASP E 97 56.97 -5.20 6.09
N ILE E 98 57.83 -5.51 7.07
CA ILE E 98 57.44 -6.24 8.26
C ILE E 98 57.47 -5.25 9.42
N LYS E 99 56.29 -4.96 9.98
CA LYS E 99 56.20 -3.93 11.01
C LYS E 99 56.88 -4.39 12.31
N GLY E 100 56.65 -5.64 12.71
CA GLY E 100 57.15 -6.08 14.00
C GLY E 100 58.67 -6.10 14.08
N LEU E 101 59.31 -6.65 13.05
CA LEU E 101 60.77 -6.74 13.06
C LEU E 101 61.40 -5.35 13.04
N LEU E 102 60.86 -4.46 12.21
CA LEU E 102 61.37 -3.09 12.17
C LEU E 102 61.20 -2.41 13.52
N ASP E 103 60.04 -2.59 14.15
CA ASP E 103 59.79 -1.95 15.44
C ASP E 103 60.76 -2.47 16.50
N VAL E 104 60.96 -3.79 16.56
CA VAL E 104 61.82 -4.34 17.61
C VAL E 104 63.28 -3.95 17.36
N THR E 105 63.71 -3.92 16.10
CA THR E 105 65.08 -3.47 15.83
C THR E 105 65.27 -2.00 16.16
N CYS E 106 64.25 -1.17 15.89
CA CYS E 106 64.34 0.23 16.25
C CYS E 106 64.43 0.40 17.77
N LYS E 107 63.63 -0.37 18.51
CA LYS E 107 63.71 -0.31 19.97
C LYS E 107 65.07 -0.78 20.47
N THR E 108 65.62 -1.82 19.84
CA THR E 108 66.94 -2.31 20.23
C THR E 108 68.00 -1.23 20.02
N VAL E 109 67.96 -0.56 18.86
CA VAL E 109 68.94 0.49 18.60
C VAL E 109 68.76 1.65 19.57
N ALA E 110 67.50 2.03 19.85
CA ALA E 110 67.25 3.11 20.78
C ALA E 110 67.79 2.79 22.17
N ASN E 111 67.61 1.54 22.62
CA ASN E 111 68.21 1.13 23.88
C ASN E 111 69.73 1.18 23.81
N MET E 112 70.30 0.79 22.67
CA MET E 112 71.75 0.82 22.51
C MET E 112 72.30 2.24 22.52
N ILE E 113 71.47 3.24 22.23
CA ILE E 113 71.93 4.63 22.23
C ILE E 113 71.31 5.35 23.43
N LYS E 114 71.09 4.62 24.51
CA LYS E 114 70.58 5.17 25.76
C LYS E 114 71.72 5.28 26.78
N GLY E 115 71.87 6.46 27.36
CA GLY E 115 72.89 6.68 28.37
C GLY E 115 74.30 6.55 27.86
N LYS E 116 74.59 7.18 26.72
CA LYS E 116 75.91 7.12 26.10
C LYS E 116 76.38 8.52 25.75
N THR E 117 77.69 8.74 25.87
CA THR E 117 78.24 10.05 25.54
C THR E 117 78.29 10.24 24.03
N PRO E 118 78.10 11.46 23.53
CA PRO E 118 78.13 11.68 22.07
C PRO E 118 79.43 11.26 21.42
N GLU E 119 80.57 11.49 22.08
CA GLU E 119 81.85 11.11 21.50
C GLU E 119 81.95 9.60 21.35
N GLU E 120 81.53 8.85 22.37
CA GLU E 120 81.54 7.40 22.28
C GLU E 120 80.57 6.91 21.20
N ILE E 121 79.41 7.57 21.07
CA ILE E 121 78.46 7.20 20.03
C ILE E 121 79.08 7.39 18.65
N ARG E 122 79.76 8.52 18.44
CA ARG E 122 80.41 8.77 17.16
C ARG E 122 81.52 7.75 16.90
N LYS E 123 82.29 7.41 17.94
CA LYS E 123 83.38 6.45 17.78
C LYS E 123 82.84 5.07 17.42
N THR E 124 81.76 4.64 18.07
CA THR E 124 81.23 3.30 17.83
C THR E 124 80.52 3.22 16.48
N PHE E 125 79.73 4.24 16.14
CA PHE E 125 78.94 4.21 14.92
C PHE E 125 79.74 4.65 13.69
N ASN E 126 81.02 5.01 13.87
CA ASN E 126 81.89 5.41 12.77
C ASN E 126 81.32 6.61 12.00
N ILE E 127 80.70 7.54 12.72
CA ILE E 127 80.13 8.74 12.12
C ILE E 127 81.10 9.89 12.29
N LYS E 128 81.46 10.53 11.19
CA LYS E 128 82.35 11.68 11.25
C LYS E 128 81.65 12.86 11.90
N ASN E 129 82.41 13.64 12.66
CA ASN E 129 81.89 14.78 13.42
C ASN E 129 82.37 16.06 12.77
N ASP E 130 81.43 16.88 12.28
CA ASP E 130 81.74 18.17 11.67
C ASP E 130 80.73 19.19 12.21
N PHE E 131 81.10 19.81 13.34
CA PHE E 131 80.22 20.75 14.02
C PHE E 131 81.06 21.90 14.59
N THR E 132 80.40 23.03 14.83
CA THR E 132 81.07 24.22 15.33
C THR E 132 81.08 24.21 16.85
N GLU E 133 82.25 24.51 17.43
CA GLU E 133 82.39 24.50 18.89
C GLU E 133 81.47 25.53 19.53
N GLU E 134 81.41 26.74 18.96
CA GLU E 134 80.46 27.74 19.44
C GLU E 134 79.03 27.25 19.28
N GLU E 135 78.73 26.66 18.12
CA GLU E 135 77.40 26.08 17.91
C GLU E 135 77.18 24.88 18.81
N GLU E 136 78.25 24.13 19.13
CA GLU E 136 78.11 23.02 20.06
C GLU E 136 77.72 23.52 21.46
N ALA E 137 78.37 24.58 21.92
CA ALA E 137 78.00 25.18 23.20
C ALA E 137 76.59 25.72 23.16
N GLN E 138 76.21 26.34 22.02
CA GLN E 138 74.85 26.84 21.88
C GLN E 138 73.84 25.72 21.98
N VAL E 139 74.08 24.60 21.29
CA VAL E 139 73.20 23.44 21.38
C VAL E 139 73.13 22.95 22.82
N ARG E 140 74.27 22.95 23.52
CA ARG E 140 74.28 22.59 24.92
C ARG E 140 73.44 23.54 25.77
N LYS E 141 73.29 24.79 25.31
CA LYS E 141 72.51 25.77 26.07
C LYS E 141 71.03 25.38 26.13
N GLU E 142 70.43 25.10 24.97
CA GLU E 142 69.05 24.63 24.99
C GLU E 142 68.93 23.16 25.38
N ASN E 143 70.05 22.44 25.50
CA ASN E 143 70.05 21.10 26.05
C ASN E 143 70.34 21.10 27.56
N GLN E 144 70.59 22.26 28.14
CA GLN E 144 70.89 22.32 29.57
C GLN E 144 69.65 22.03 30.41
N TRP E 145 68.50 22.57 30.02
CA TRP E 145 67.26 22.36 30.78
C TRP E 145 66.72 20.96 30.57
ZN ZN F . -49.62 0.46 46.14
ZN ZN G . -41.23 -10.85 46.45
ZN ZN H . -48.68 6.00 41.43
#